data_5WST
# 
_entry.id   5WST 
# 
_audit_conform.dict_name       mmcif_pdbx.dic 
_audit_conform.dict_version    5.387 
_audit_conform.dict_location   http://mmcif.pdb.org/dictionaries/ascii/mmcif_pdbx.dic 
# 
loop_
_database_2.database_id 
_database_2.database_code 
_database_2.pdbx_database_accession 
_database_2.pdbx_DOI 
PDB   5WST         pdb_00005wst 10.2210/pdb5wst/pdb 
WWPDB D_1300001439 ?            ?                   
# 
loop_
_pdbx_audit_revision_history.ordinal 
_pdbx_audit_revision_history.data_content_type 
_pdbx_audit_revision_history.major_revision 
_pdbx_audit_revision_history.minor_revision 
_pdbx_audit_revision_history.revision_date 
1 'Structure model' 1 0 2017-06-07 
2 'Structure model' 1 1 2024-03-20 
# 
_pdbx_audit_revision_details.ordinal             1 
_pdbx_audit_revision_details.revision_ordinal    1 
_pdbx_audit_revision_details.data_content_type   'Structure model' 
_pdbx_audit_revision_details.provider            repository 
_pdbx_audit_revision_details.type                'Initial release' 
_pdbx_audit_revision_details.description         ? 
_pdbx_audit_revision_details.details             ? 
# 
loop_
_pdbx_audit_revision_group.ordinal 
_pdbx_audit_revision_group.revision_ordinal 
_pdbx_audit_revision_group.data_content_type 
_pdbx_audit_revision_group.group 
1 2 'Structure model' 'Data collection'     
2 2 'Structure model' 'Database references' 
# 
loop_
_pdbx_audit_revision_category.ordinal 
_pdbx_audit_revision_category.revision_ordinal 
_pdbx_audit_revision_category.data_content_type 
_pdbx_audit_revision_category.category 
1 2 'Structure model' chem_comp_atom 
2 2 'Structure model' chem_comp_bond 
3 2 'Structure model' database_2     
# 
loop_
_pdbx_audit_revision_item.ordinal 
_pdbx_audit_revision_item.revision_ordinal 
_pdbx_audit_revision_item.data_content_type 
_pdbx_audit_revision_item.item 
1 2 'Structure model' '_database_2.pdbx_DOI'                
2 2 'Structure model' '_database_2.pdbx_database_accession' 
# 
_pdbx_database_status.status_code                     REL 
_pdbx_database_status.status_code_sf                  REL 
_pdbx_database_status.status_code_mr                  ? 
_pdbx_database_status.entry_id                        5WST 
_pdbx_database_status.recvd_initial_deposition_date   2016-12-08 
_pdbx_database_status.SG_entry                        N 
_pdbx_database_status.deposit_site                    PDBJ 
_pdbx_database_status.process_site                    PDBJ 
_pdbx_database_status.status_code_cs                  ? 
_pdbx_database_status.methods_development_category    ? 
_pdbx_database_status.pdb_format_compatible           Y 
_pdbx_database_status.status_code_nmr_data            ? 
# 
loop_
_pdbx_database_related.content_type 
_pdbx_database_related.db_id 
_pdbx_database_related.db_name 
_pdbx_database_related.details 
unspecified 5WSU PDB . 
unspecified 5WSV PDB . 
# 
loop_
_audit_author.name 
_audit_author.pdbx_ordinal 
'Li, J.'    1 
'Chen, Y.'  2 
'Deng, Y.'  3 
'Lu, Q.'    4 
'Zhang, M.' 5 
# 
_citation.abstract                  ? 
_citation.abstract_id_CAS           ? 
_citation.book_id_ISBN              ? 
_citation.book_publisher            ? 
_citation.book_publisher_city       ? 
_citation.book_title                ? 
_citation.coordinate_linkage        ? 
_citation.country                   UK 
_citation.database_id_Medline       ? 
_citation.details                   ? 
_citation.id                        primary 
_citation.journal_abbrev            Structure 
_citation.journal_id_ASTM           STRUE6 
_citation.journal_id_CSD            2005 
_citation.journal_id_ISSN           1878-4186 
_citation.journal_full              ? 
_citation.journal_issue             ? 
_citation.journal_volume            25 
_citation.language                  ? 
_citation.page_first                579 
_citation.page_last                 591.e4 
_citation.title                     
'Ca(2+)-Induced Rigidity Change of the Myosin VIIa IQ Motif-Single alpha Helix Lever Arm Extension' 
_citation.year                      2017 
_citation.database_id_CSD           ? 
_citation.pdbx_database_id_DOI      10.1016/j.str.2017.02.002 
_citation.pdbx_database_id_PubMed   28262393 
_citation.unpublished_flag          ? 
# 
loop_
_citation_author.citation_id 
_citation_author.name 
_citation_author.ordinal 
_citation_author.identifier_ORCID 
primary 'Li, J.'       1 ? 
primary 'Chen, Y.'     2 ? 
primary 'Deng, Y.'     3 ? 
primary 'Unarta, I.C.' 4 ? 
primary 'Lu, Q.'       5 ? 
primary 'Huang, X.'    6 ? 
primary 'Zhang, M.'    7 ? 
# 
loop_
_entity.id 
_entity.type 
_entity.src_method 
_entity.pdbx_description 
_entity.formula_weight 
_entity.pdbx_number_of_molecules 
_entity.pdbx_ec 
_entity.pdbx_mutation 
_entity.pdbx_fragment 
_entity.details 
1 polymer man 'Unconventional myosin-VIIa' 8618.834 2 ? ? 'UNP residues 866-932' ? 
2 water   nat water                        18.015   7 ? ? ?                      ? 
# 
_entity_poly.entity_id                      1 
_entity_poly.type                           'polypeptide(L)' 
_entity_poly.nstd_linkage                   no 
_entity_poly.nstd_monomer                   no 
_entity_poly.pdbx_seq_one_letter_code       GSEFRLEAERMRLAEEEKLRKEMSAKKAKEEAERKHQERLAQLAREDAERELKEKEEARRKKELLEQMEKA 
_entity_poly.pdbx_seq_one_letter_code_can   GSEFRLEAERMRLAEEEKLRKEMSAKKAKEEAERKHQERLAQLAREDAERELKEKEEARRKKELLEQMEKA 
_entity_poly.pdbx_strand_id                 A,B 
_entity_poly.pdbx_target_identifier         ? 
# 
_pdbx_entity_nonpoly.entity_id   2 
_pdbx_entity_nonpoly.name        water 
_pdbx_entity_nonpoly.comp_id     HOH 
# 
loop_
_entity_poly_seq.entity_id 
_entity_poly_seq.num 
_entity_poly_seq.mon_id 
_entity_poly_seq.hetero 
1 1  GLY n 
1 2  SER n 
1 3  GLU n 
1 4  PHE n 
1 5  ARG n 
1 6  LEU n 
1 7  GLU n 
1 8  ALA n 
1 9  GLU n 
1 10 ARG n 
1 11 MET n 
1 12 ARG n 
1 13 LEU n 
1 14 ALA n 
1 15 GLU n 
1 16 GLU n 
1 17 GLU n 
1 18 LYS n 
1 19 LEU n 
1 20 ARG n 
1 21 LYS n 
1 22 GLU n 
1 23 MET n 
1 24 SER n 
1 25 ALA n 
1 26 LYS n 
1 27 LYS n 
1 28 ALA n 
1 29 LYS n 
1 30 GLU n 
1 31 GLU n 
1 32 ALA n 
1 33 GLU n 
1 34 ARG n 
1 35 LYS n 
1 36 HIS n 
1 37 GLN n 
1 38 GLU n 
1 39 ARG n 
1 40 LEU n 
1 41 ALA n 
1 42 GLN n 
1 43 LEU n 
1 44 ALA n 
1 45 ARG n 
1 46 GLU n 
1 47 ASP n 
1 48 ALA n 
1 49 GLU n 
1 50 ARG n 
1 51 GLU n 
1 52 LEU n 
1 53 LYS n 
1 54 GLU n 
1 55 LYS n 
1 56 GLU n 
1 57 GLU n 
1 58 ALA n 
1 59 ARG n 
1 60 ARG n 
1 61 LYS n 
1 62 LYS n 
1 63 GLU n 
1 64 LEU n 
1 65 LEU n 
1 66 GLU n 
1 67 GLN n 
1 68 MET n 
1 69 GLU n 
1 70 LYS n 
1 71 ALA n 
# 
_entity_src_gen.entity_id                          1 
_entity_src_gen.pdbx_src_id                        1 
_entity_src_gen.pdbx_alt_source_flag               sample 
_entity_src_gen.pdbx_seq_type                      'Biological sequence' 
_entity_src_gen.pdbx_beg_seq_num                   1 
_entity_src_gen.pdbx_end_seq_num                   71 
_entity_src_gen.gene_src_common_name               Mouse 
_entity_src_gen.gene_src_genus                     ? 
_entity_src_gen.pdbx_gene_src_gene                 'Myo7a, Myo7' 
_entity_src_gen.gene_src_species                   ? 
_entity_src_gen.gene_src_strain                    ? 
_entity_src_gen.gene_src_tissue                    ? 
_entity_src_gen.gene_src_tissue_fraction           ? 
_entity_src_gen.gene_src_details                   ? 
_entity_src_gen.pdbx_gene_src_fragment             ? 
_entity_src_gen.pdbx_gene_src_scientific_name      'Mus musculus' 
_entity_src_gen.pdbx_gene_src_ncbi_taxonomy_id     10090 
_entity_src_gen.pdbx_gene_src_variant              ? 
_entity_src_gen.pdbx_gene_src_cell_line            ? 
_entity_src_gen.pdbx_gene_src_atcc                 ? 
_entity_src_gen.pdbx_gene_src_organ                ? 
_entity_src_gen.pdbx_gene_src_organelle            ? 
_entity_src_gen.pdbx_gene_src_cell                 ? 
_entity_src_gen.pdbx_gene_src_cellular_location    ? 
_entity_src_gen.host_org_common_name               ? 
_entity_src_gen.pdbx_host_org_scientific_name      'Escherichia coli' 
_entity_src_gen.pdbx_host_org_ncbi_taxonomy_id     562 
_entity_src_gen.host_org_genus                     ? 
_entity_src_gen.pdbx_host_org_gene                 ? 
_entity_src_gen.pdbx_host_org_organ                ? 
_entity_src_gen.host_org_species                   ? 
_entity_src_gen.pdbx_host_org_tissue               ? 
_entity_src_gen.pdbx_host_org_tissue_fraction      ? 
_entity_src_gen.pdbx_host_org_strain               ? 
_entity_src_gen.pdbx_host_org_variant              ? 
_entity_src_gen.pdbx_host_org_cell_line            ? 
_entity_src_gen.pdbx_host_org_atcc                 ? 
_entity_src_gen.pdbx_host_org_culture_collection   ? 
_entity_src_gen.pdbx_host_org_cell                 ? 
_entity_src_gen.pdbx_host_org_organelle            ? 
_entity_src_gen.pdbx_host_org_cellular_location    ? 
_entity_src_gen.pdbx_host_org_vector_type          ? 
_entity_src_gen.pdbx_host_org_vector               ? 
_entity_src_gen.host_org_details                   ? 
_entity_src_gen.expression_system_id               ? 
_entity_src_gen.plasmid_name                       ? 
_entity_src_gen.plasmid_details                    ? 
_entity_src_gen.pdbx_description                   ? 
# 
loop_
_chem_comp.id 
_chem_comp.type 
_chem_comp.mon_nstd_flag 
_chem_comp.name 
_chem_comp.pdbx_synonyms 
_chem_comp.formula 
_chem_comp.formula_weight 
ALA 'L-peptide linking' y ALANINE         ? 'C3 H7 N O2'     89.093  
ARG 'L-peptide linking' y ARGININE        ? 'C6 H15 N4 O2 1' 175.209 
ASP 'L-peptide linking' y 'ASPARTIC ACID' ? 'C4 H7 N O4'     133.103 
GLN 'L-peptide linking' y GLUTAMINE       ? 'C5 H10 N2 O3'   146.144 
GLU 'L-peptide linking' y 'GLUTAMIC ACID' ? 'C5 H9 N O4'     147.129 
GLY 'peptide linking'   y GLYCINE         ? 'C2 H5 N O2'     75.067  
HIS 'L-peptide linking' y HISTIDINE       ? 'C6 H10 N3 O2 1' 156.162 
HOH non-polymer         . WATER           ? 'H2 O'           18.015  
LEU 'L-peptide linking' y LEUCINE         ? 'C6 H13 N O2'    131.173 
LYS 'L-peptide linking' y LYSINE          ? 'C6 H15 N2 O2 1' 147.195 
MET 'L-peptide linking' y METHIONINE      ? 'C5 H11 N O2 S'  149.211 
PHE 'L-peptide linking' y PHENYLALANINE   ? 'C9 H11 N O2'    165.189 
SER 'L-peptide linking' y SERINE          ? 'C3 H7 N O3'     105.093 
# 
loop_
_pdbx_poly_seq_scheme.asym_id 
_pdbx_poly_seq_scheme.entity_id 
_pdbx_poly_seq_scheme.seq_id 
_pdbx_poly_seq_scheme.mon_id 
_pdbx_poly_seq_scheme.ndb_seq_num 
_pdbx_poly_seq_scheme.pdb_seq_num 
_pdbx_poly_seq_scheme.auth_seq_num 
_pdbx_poly_seq_scheme.pdb_mon_id 
_pdbx_poly_seq_scheme.auth_mon_id 
_pdbx_poly_seq_scheme.pdb_strand_id 
_pdbx_poly_seq_scheme.pdb_ins_code 
_pdbx_poly_seq_scheme.hetero 
A 1 1  GLY 1  862 862 GLY GLY A . n 
A 1 2  SER 2  863 863 SER SER A . n 
A 1 3  GLU 3  864 864 GLU GLU A . n 
A 1 4  PHE 4  865 865 PHE PHE A . n 
A 1 5  ARG 5  866 866 ARG ARG A . n 
A 1 6  LEU 6  867 867 LEU LEU A . n 
A 1 7  GLU 7  868 868 GLU GLU A . n 
A 1 8  ALA 8  869 869 ALA ALA A . n 
A 1 9  GLU 9  870 870 GLU GLU A . n 
A 1 10 ARG 10 871 871 ARG ARG A . n 
A 1 11 MET 11 872 872 MET MET A . n 
A 1 12 ARG 12 873 873 ARG ARG A . n 
A 1 13 LEU 13 874 874 LEU LEU A . n 
A 1 14 ALA 14 875 875 ALA ALA A . n 
A 1 15 GLU 15 876 876 GLU GLU A . n 
A 1 16 GLU 16 877 877 GLU GLU A . n 
A 1 17 GLU 17 878 878 GLU GLU A . n 
A 1 18 LYS 18 879 879 LYS LYS A . n 
A 1 19 LEU 19 880 880 LEU LEU A . n 
A 1 20 ARG 20 881 881 ARG ARG A . n 
A 1 21 LYS 21 882 882 LYS LYS A . n 
A 1 22 GLU 22 883 883 GLU GLU A . n 
A 1 23 MET 23 884 884 MET MET A . n 
A 1 24 SER 24 885 885 SER SER A . n 
A 1 25 ALA 25 886 886 ALA ALA A . n 
A 1 26 LYS 26 887 887 LYS LYS A . n 
A 1 27 LYS 27 888 888 LYS LYS A . n 
A 1 28 ALA 28 889 889 ALA ALA A . n 
A 1 29 LYS 29 890 890 LYS LYS A . n 
A 1 30 GLU 30 891 891 GLU GLU A . n 
A 1 31 GLU 31 892 892 GLU GLU A . n 
A 1 32 ALA 32 893 893 ALA ALA A . n 
A 1 33 GLU 33 894 894 GLU GLU A . n 
A 1 34 ARG 34 895 895 ARG ARG A . n 
A 1 35 LYS 35 896 896 LYS LYS A . n 
A 1 36 HIS 36 897 897 HIS HIS A . n 
A 1 37 GLN 37 898 898 GLN GLN A . n 
A 1 38 GLU 38 899 899 GLU GLU A . n 
A 1 39 ARG 39 900 900 ARG ARG A . n 
A 1 40 LEU 40 901 901 LEU LEU A . n 
A 1 41 ALA 41 902 902 ALA ALA A . n 
A 1 42 GLN 42 903 903 GLN GLN A . n 
A 1 43 LEU 43 904 904 LEU LEU A . n 
A 1 44 ALA 44 905 905 ALA ALA A . n 
A 1 45 ARG 45 906 906 ARG ARG A . n 
A 1 46 GLU 46 907 907 GLU GLU A . n 
A 1 47 ASP 47 908 908 ASP ASP A . n 
A 1 48 ALA 48 909 909 ALA ALA A . n 
A 1 49 GLU 49 910 910 GLU GLU A . n 
A 1 50 ARG 50 911 911 ARG ARG A . n 
A 1 51 GLU 51 912 912 GLU GLU A . n 
A 1 52 LEU 52 913 913 LEU LEU A . n 
A 1 53 LYS 53 914 914 LYS LYS A . n 
A 1 54 GLU 54 915 915 GLU GLU A . n 
A 1 55 LYS 55 916 916 LYS LYS A . n 
A 1 56 GLU 56 917 917 GLU GLU A . n 
A 1 57 GLU 57 918 918 GLU GLU A . n 
A 1 58 ALA 58 919 919 ALA ALA A . n 
A 1 59 ARG 59 920 920 ARG ARG A . n 
A 1 60 ARG 60 921 921 ARG ARG A . n 
A 1 61 LYS 61 922 922 LYS LYS A . n 
A 1 62 LYS 62 923 923 LYS LYS A . n 
A 1 63 GLU 63 924 924 GLU GLU A . n 
A 1 64 LEU 64 925 925 LEU LEU A . n 
A 1 65 LEU 65 926 926 LEU LEU A . n 
A 1 66 GLU 66 927 927 GLU GLU A . n 
A 1 67 GLN 67 928 928 GLN GLN A . n 
A 1 68 MET 68 929 929 MET MET A . n 
A 1 69 GLU 69 930 930 GLU GLU A . n 
A 1 70 LYS 70 931 931 LYS LYS A . n 
A 1 71 ALA 71 932 932 ALA ALA A . n 
B 1 1  GLY 1  862 ?   ?   ?   B . n 
B 1 2  SER 2  863 863 SER SER B . n 
B 1 3  GLU 3  864 864 GLU GLU B . n 
B 1 4  PHE 4  865 865 PHE PHE B . n 
B 1 5  ARG 5  866 866 ARG ARG B . n 
B 1 6  LEU 6  867 867 LEU LEU B . n 
B 1 7  GLU 7  868 868 GLU GLU B . n 
B 1 8  ALA 8  869 869 ALA ALA B . n 
B 1 9  GLU 9  870 870 GLU GLU B . n 
B 1 10 ARG 10 871 871 ARG ARG B . n 
B 1 11 MET 11 872 872 MET MET B . n 
B 1 12 ARG 12 873 873 ARG ARG B . n 
B 1 13 LEU 13 874 874 LEU LEU B . n 
B 1 14 ALA 14 875 875 ALA ALA B . n 
B 1 15 GLU 15 876 876 GLU GLU B . n 
B 1 16 GLU 16 877 877 GLU GLU B . n 
B 1 17 GLU 17 878 878 GLU GLU B . n 
B 1 18 LYS 18 879 879 LYS LYS B . n 
B 1 19 LEU 19 880 880 LEU LEU B . n 
B 1 20 ARG 20 881 881 ARG ARG B . n 
B 1 21 LYS 21 882 882 LYS LYS B . n 
B 1 22 GLU 22 883 883 GLU GLU B . n 
B 1 23 MET 23 884 884 MET MET B . n 
B 1 24 SER 24 885 885 SER SER B . n 
B 1 25 ALA 25 886 886 ALA ALA B . n 
B 1 26 LYS 26 887 887 LYS LYS B . n 
B 1 27 LYS 27 888 888 LYS LYS B . n 
B 1 28 ALA 28 889 889 ALA ALA B . n 
B 1 29 LYS 29 890 890 LYS LYS B . n 
B 1 30 GLU 30 891 891 GLU GLU B . n 
B 1 31 GLU 31 892 892 GLU GLU B . n 
B 1 32 ALA 32 893 893 ALA ALA B . n 
B 1 33 GLU 33 894 894 GLU GLU B . n 
B 1 34 ARG 34 895 895 ARG ARG B . n 
B 1 35 LYS 35 896 896 LYS LYS B . n 
B 1 36 HIS 36 897 897 HIS HIS B . n 
B 1 37 GLN 37 898 898 GLN GLN B . n 
B 1 38 GLU 38 899 899 GLU GLU B . n 
B 1 39 ARG 39 900 900 ARG ARG B . n 
B 1 40 LEU 40 901 901 LEU LEU B . n 
B 1 41 ALA 41 902 902 ALA ALA B . n 
B 1 42 GLN 42 903 903 GLN GLN B . n 
B 1 43 LEU 43 904 904 LEU LEU B . n 
B 1 44 ALA 44 905 905 ALA ALA B . n 
B 1 45 ARG 45 906 906 ARG ARG B . n 
B 1 46 GLU 46 907 907 GLU GLU B . n 
B 1 47 ASP 47 908 908 ASP ASP B . n 
B 1 48 ALA 48 909 909 ALA ALA B . n 
B 1 49 GLU 49 910 910 GLU GLU B . n 
B 1 50 ARG 50 911 911 ARG ARG B . n 
B 1 51 GLU 51 912 912 GLU GLU B . n 
B 1 52 LEU 52 913 913 LEU LEU B . n 
B 1 53 LYS 53 914 914 LYS LYS B . n 
B 1 54 GLU 54 915 915 GLU GLU B . n 
B 1 55 LYS 55 916 916 LYS LYS B . n 
B 1 56 GLU 56 917 917 GLU GLU B . n 
B 1 57 GLU 57 918 918 GLU GLU B . n 
B 1 58 ALA 58 919 919 ALA ALA B . n 
B 1 59 ARG 59 920 920 ARG ARG B . n 
B 1 60 ARG 60 921 921 ARG ARG B . n 
B 1 61 LYS 61 922 922 LYS LYS B . n 
B 1 62 LYS 62 923 923 LYS LYS B . n 
B 1 63 GLU 63 924 924 GLU GLU B . n 
B 1 64 LEU 64 925 925 LEU LEU B . n 
B 1 65 LEU 65 926 926 LEU LEU B . n 
B 1 66 GLU 66 927 927 GLU GLU B . n 
B 1 67 GLN 67 928 928 GLN GLN B . n 
B 1 68 MET 68 929 929 MET MET B . n 
B 1 69 GLU 69 930 930 GLU GLU B . n 
B 1 70 LYS 70 931 931 LYS LYS B . n 
B 1 71 ALA 71 932 932 ALA ALA B . n 
# 
loop_
_pdbx_nonpoly_scheme.asym_id 
_pdbx_nonpoly_scheme.entity_id 
_pdbx_nonpoly_scheme.mon_id 
_pdbx_nonpoly_scheme.ndb_seq_num 
_pdbx_nonpoly_scheme.pdb_seq_num 
_pdbx_nonpoly_scheme.auth_seq_num 
_pdbx_nonpoly_scheme.pdb_mon_id 
_pdbx_nonpoly_scheme.auth_mon_id 
_pdbx_nonpoly_scheme.pdb_strand_id 
_pdbx_nonpoly_scheme.pdb_ins_code 
C 2 HOH 1 1001 1 HOH HOH A . 
C 2 HOH 2 1002 6 HOH HOH A . 
D 2 HOH 1 1001 7 HOH HOH B . 
D 2 HOH 2 1002 2 HOH HOH B . 
D 2 HOH 3 1003 3 HOH HOH B . 
D 2 HOH 4 1004 4 HOH HOH B . 
D 2 HOH 5 1005 5 HOH HOH B . 
# 
loop_
_pdbx_unobs_or_zero_occ_atoms.id 
_pdbx_unobs_or_zero_occ_atoms.PDB_model_num 
_pdbx_unobs_or_zero_occ_atoms.polymer_flag 
_pdbx_unobs_or_zero_occ_atoms.occupancy_flag 
_pdbx_unobs_or_zero_occ_atoms.auth_asym_id 
_pdbx_unobs_or_zero_occ_atoms.auth_comp_id 
_pdbx_unobs_or_zero_occ_atoms.auth_seq_id 
_pdbx_unobs_or_zero_occ_atoms.PDB_ins_code 
_pdbx_unobs_or_zero_occ_atoms.auth_atom_id 
_pdbx_unobs_or_zero_occ_atoms.label_alt_id 
_pdbx_unobs_or_zero_occ_atoms.label_asym_id 
_pdbx_unobs_or_zero_occ_atoms.label_comp_id 
_pdbx_unobs_or_zero_occ_atoms.label_seq_id 
_pdbx_unobs_or_zero_occ_atoms.label_atom_id 
1  1 Y 1 A GLU 864 ? CG  ? A GLU 3  CG  
2  1 Y 1 A GLU 864 ? CD  ? A GLU 3  CD  
3  1 Y 1 A GLU 864 ? OE1 ? A GLU 3  OE1 
4  1 Y 1 A GLU 864 ? OE2 ? A GLU 3  OE2 
5  1 Y 1 B GLU 864 ? CG  ? B GLU 3  CG  
6  1 Y 1 B GLU 864 ? CD  ? B GLU 3  CD  
7  1 Y 1 B GLU 864 ? OE1 ? B GLU 3  OE1 
8  1 Y 1 B GLU 864 ? OE2 ? B GLU 3  OE2 
9  1 Y 1 B GLU 883 ? CG  ? B GLU 22 CG  
10 1 Y 1 B GLU 883 ? CD  ? B GLU 22 CD  
11 1 Y 1 B GLU 883 ? OE1 ? B GLU 22 OE1 
12 1 Y 1 B GLU 883 ? OE2 ? B GLU 22 OE2 
# 
loop_
_software.citation_id 
_software.classification 
_software.compiler_name 
_software.compiler_version 
_software.contact_author 
_software.contact_author_email 
_software.date 
_software.description 
_software.dependencies 
_software.hardware 
_software.language 
_software.location 
_software.mods 
_software.name 
_software.os 
_software.os_version 
_software.type 
_software.version 
_software.pdbx_ordinal 
? refinement        ? ? ? ? ? ? ? ? ? ? ? PHENIX      ? ? ? 1.10.1_2155 1 
? 'data extraction' ? ? ? ? ? ? ? ? ? ? ? PDB_EXTRACT ? ? ? 3.20        2 
? 'data reduction'  ? ? ? ? ? ? ? ? ? ? ? iMOSFLM     ? ? ? .           3 
? 'data scaling'    ? ? ? ? ? ? ? ? ? ? ? SCALA       ? ? ? .           4 
? phasing           ? ? ? ? ? ? ? ? ? ? ? PHASER      ? ? ? .           5 
# 
_cell.angle_alpha                  90.000 
_cell.angle_alpha_esd              ? 
_cell.angle_beta                   90.070 
_cell.angle_beta_esd               ? 
_cell.angle_gamma                  90.000 
_cell.angle_gamma_esd              ? 
_cell.entry_id                     5WST 
_cell.details                      ? 
_cell.formula_units_Z              ? 
_cell.length_a                     38.810 
_cell.length_a_esd                 ? 
_cell.length_b                     42.610 
_cell.length_b_esd                 ? 
_cell.length_c                     59.680 
_cell.length_c_esd                 ? 
_cell.volume                       ? 
_cell.volume_esd                   ? 
_cell.Z_PDB                        4 
_cell.reciprocal_angle_alpha       ? 
_cell.reciprocal_angle_beta        ? 
_cell.reciprocal_angle_gamma       ? 
_cell.reciprocal_angle_alpha_esd   ? 
_cell.reciprocal_angle_beta_esd    ? 
_cell.reciprocal_angle_gamma_esd   ? 
_cell.reciprocal_length_a          ? 
_cell.reciprocal_length_b          ? 
_cell.reciprocal_length_c          ? 
_cell.reciprocal_length_a_esd      ? 
_cell.reciprocal_length_b_esd      ? 
_cell.reciprocal_length_c_esd      ? 
_cell.pdbx_unique_axis             ? 
# 
_symmetry.entry_id                         5WST 
_symmetry.cell_setting                     ? 
_symmetry.Int_Tables_number                4 
_symmetry.space_group_name_Hall            ? 
_symmetry.space_group_name_H-M             'P 1 21 1' 
_symmetry.pdbx_full_space_group_name_H-M   ? 
# 
_exptl.absorpt_coefficient_mu     ? 
_exptl.absorpt_correction_T_max   ? 
_exptl.absorpt_correction_T_min   ? 
_exptl.absorpt_correction_type    ? 
_exptl.absorpt_process_details    ? 
_exptl.entry_id                   5WST 
_exptl.crystals_number            1 
_exptl.details                    ? 
_exptl.method                     'X-RAY DIFFRACTION' 
_exptl.method_details             ? 
# 
_exptl_crystal.colour                      ? 
_exptl_crystal.density_diffrn              ? 
_exptl_crystal.density_Matthews            2.86 
_exptl_crystal.density_method              ? 
_exptl_crystal.density_percent_sol         57.03 
_exptl_crystal.description                 ? 
_exptl_crystal.F_000                       ? 
_exptl_crystal.id                          1 
_exptl_crystal.preparation                 ? 
_exptl_crystal.size_max                    ? 
_exptl_crystal.size_mid                    ? 
_exptl_crystal.size_min                    ? 
_exptl_crystal.size_rad                    ? 
_exptl_crystal.colour_lustre               ? 
_exptl_crystal.colour_modifier             ? 
_exptl_crystal.colour_primary              ? 
_exptl_crystal.density_meas                ? 
_exptl_crystal.density_meas_esd            ? 
_exptl_crystal.density_meas_gt             ? 
_exptl_crystal.density_meas_lt             ? 
_exptl_crystal.density_meas_temp           ? 
_exptl_crystal.density_meas_temp_esd       ? 
_exptl_crystal.density_meas_temp_gt        ? 
_exptl_crystal.density_meas_temp_lt        ? 
_exptl_crystal.pdbx_crystal_image_url      ? 
_exptl_crystal.pdbx_crystal_image_format   ? 
_exptl_crystal.pdbx_mosaicity              ? 
_exptl_crystal.pdbx_mosaicity_esd          ? 
# 
_exptl_crystal_grow.apparatus       ? 
_exptl_crystal_grow.atmosphere      ? 
_exptl_crystal_grow.crystal_id      1 
_exptl_crystal_grow.details         ? 
_exptl_crystal_grow.method          'VAPOR DIFFUSION' 
_exptl_crystal_grow.method_ref      ? 
_exptl_crystal_grow.pH              4.6 
_exptl_crystal_grow.pressure        ? 
_exptl_crystal_grow.pressure_esd    ? 
_exptl_crystal_grow.seeding         ? 
_exptl_crystal_grow.seeding_ref     ? 
_exptl_crystal_grow.temp            289 
_exptl_crystal_grow.temp_details    ? 
_exptl_crystal_grow.temp_esd        ? 
_exptl_crystal_grow.time            ? 
_exptl_crystal_grow.pdbx_details    '0.2M ammonium acetate, 0.1M sodium acetate (pH 4.6), 30%(w/v) PEG 4,000' 
_exptl_crystal_grow.pdbx_pH_range   ? 
# 
_diffrn.ambient_environment    ? 
_diffrn.ambient_temp           100 
_diffrn.ambient_temp_details   ? 
_diffrn.ambient_temp_esd       ? 
_diffrn.crystal_id             1 
_diffrn.crystal_support        ? 
_diffrn.crystal_treatment      ? 
_diffrn.details                ? 
_diffrn.id                     1 
_diffrn.ambient_pressure       ? 
_diffrn.ambient_pressure_esd   ? 
_diffrn.ambient_pressure_gt    ? 
_diffrn.ambient_pressure_lt    ? 
_diffrn.ambient_temp_gt        ? 
_diffrn.ambient_temp_lt        ? 
# 
_diffrn_detector.details                      ? 
_diffrn_detector.detector                     CCD 
_diffrn_detector.diffrn_id                    1 
_diffrn_detector.type                         'ADSC QUANTUM 315r' 
_diffrn_detector.area_resol_mean              ? 
_diffrn_detector.dtime                        ? 
_diffrn_detector.pdbx_frames_total            ? 
_diffrn_detector.pdbx_collection_time_total   ? 
_diffrn_detector.pdbx_collection_date         2013-06-14 
# 
_diffrn_radiation.collimation                      ? 
_diffrn_radiation.diffrn_id                        1 
_diffrn_radiation.filter_edge                      ? 
_diffrn_radiation.inhomogeneity                    ? 
_diffrn_radiation.monochromator                    ? 
_diffrn_radiation.polarisn_norm                    ? 
_diffrn_radiation.polarisn_ratio                   ? 
_diffrn_radiation.probe                            ? 
_diffrn_radiation.type                             ? 
_diffrn_radiation.xray_symbol                      ? 
_diffrn_radiation.wavelength_id                    1 
_diffrn_radiation.pdbx_monochromatic_or_laue_m_l   M 
_diffrn_radiation.pdbx_wavelength_list             ? 
_diffrn_radiation.pdbx_wavelength                  ? 
_diffrn_radiation.pdbx_diffrn_protocol             'SINGLE WAVELENGTH' 
_diffrn_radiation.pdbx_analyzer                    ? 
_diffrn_radiation.pdbx_scattering_type             x-ray 
# 
_diffrn_radiation_wavelength.id           1 
_diffrn_radiation_wavelength.wavelength   0.97928 
_diffrn_radiation_wavelength.wt           1.0 
# 
_diffrn_source.current                     ? 
_diffrn_source.details                     ? 
_diffrn_source.diffrn_id                   1 
_diffrn_source.power                       ? 
_diffrn_source.size                        ? 
_diffrn_source.source                      SYNCHROTRON 
_diffrn_source.target                      ? 
_diffrn_source.type                        'SSRF BEAMLINE BL17U' 
_diffrn_source.voltage                     ? 
_diffrn_source.take-off_angle              ? 
_diffrn_source.pdbx_wavelength_list        0.97928 
_diffrn_source.pdbx_wavelength             ? 
_diffrn_source.pdbx_synchrotron_beamline   BL17U 
_diffrn_source.pdbx_synchrotron_site       SSRF 
# 
_reflns.B_iso_Wilson_estimate            ? 
_reflns.entry_id                         5WST 
_reflns.data_reduction_details           ? 
_reflns.data_reduction_method            ? 
_reflns.d_resolution_high                2.1 
_reflns.d_resolution_low                 50 
_reflns.details                          ? 
_reflns.limit_h_max                      ? 
_reflns.limit_h_min                      ? 
_reflns.limit_k_max                      ? 
_reflns.limit_k_min                      ? 
_reflns.limit_l_max                      ? 
_reflns.limit_l_min                      ? 
_reflns.number_all                       ? 
_reflns.number_obs                       11455 
_reflns.observed_criterion               ? 
_reflns.observed_criterion_F_max         ? 
_reflns.observed_criterion_F_min         ? 
_reflns.observed_criterion_I_max         ? 
_reflns.observed_criterion_I_min         ? 
_reflns.observed_criterion_sigma_F       ? 
_reflns.observed_criterion_sigma_I       ? 
_reflns.percent_possible_obs             99.0 
_reflns.R_free_details                   ? 
_reflns.Rmerge_F_all                     ? 
_reflns.Rmerge_F_obs                     ? 
_reflns.Friedel_coverage                 ? 
_reflns.number_gt                        ? 
_reflns.threshold_expression             ? 
_reflns.pdbx_redundancy                  3.4 
_reflns.pdbx_Rmerge_I_obs                0.088 
_reflns.pdbx_Rmerge_I_all                ? 
_reflns.pdbx_Rsym_value                  ? 
_reflns.pdbx_netI_over_av_sigmaI         ? 
_reflns.pdbx_netI_over_sigmaI            8.3 
_reflns.pdbx_res_netI_over_av_sigmaI_2   ? 
_reflns.pdbx_res_netI_over_sigmaI_2      ? 
_reflns.pdbx_chi_squared                 ? 
_reflns.pdbx_scaling_rejects             ? 
_reflns.pdbx_d_res_high_opt              ? 
_reflns.pdbx_d_res_low_opt               ? 
_reflns.pdbx_d_res_opt_method            ? 
_reflns.phase_calculation_details        ? 
_reflns.pdbx_Rrim_I_all                  ? 
_reflns.pdbx_Rpim_I_all                  ? 
_reflns.pdbx_d_opt                       ? 
_reflns.pdbx_number_measured_all         ? 
_reflns.pdbx_diffrn_id                   1 
_reflns.pdbx_ordinal                     1 
_reflns.pdbx_CC_half                     ? 
_reflns.pdbx_R_split                     ? 
# 
_reflns_shell.d_res_high                  2.10 
_reflns_shell.d_res_low                   2.21 
_reflns_shell.meanI_over_sigI_all         ? 
_reflns_shell.meanI_over_sigI_obs         2.0 
_reflns_shell.number_measured_all         ? 
_reflns_shell.number_measured_obs         ? 
_reflns_shell.number_possible             ? 
_reflns_shell.number_unique_all           ? 
_reflns_shell.number_unique_obs           ? 
_reflns_shell.percent_possible_all        99.5 
_reflns_shell.percent_possible_obs        ? 
_reflns_shell.Rmerge_F_all                ? 
_reflns_shell.Rmerge_F_obs                ? 
_reflns_shell.Rmerge_I_all                ? 
_reflns_shell.Rmerge_I_obs                0.618 
_reflns_shell.meanI_over_sigI_gt          ? 
_reflns_shell.meanI_over_uI_all           ? 
_reflns_shell.meanI_over_uI_gt            ? 
_reflns_shell.number_measured_gt          ? 
_reflns_shell.number_unique_gt            ? 
_reflns_shell.percent_possible_gt         ? 
_reflns_shell.Rmerge_F_gt                 ? 
_reflns_shell.Rmerge_I_gt                 ? 
_reflns_shell.pdbx_redundancy             3.5 
_reflns_shell.pdbx_Rsym_value             0.618 
_reflns_shell.pdbx_chi_squared            ? 
_reflns_shell.pdbx_netI_over_sigmaI_all   ? 
_reflns_shell.pdbx_netI_over_sigmaI_obs   ? 
_reflns_shell.pdbx_Rrim_I_all             ? 
_reflns_shell.pdbx_Rpim_I_all             ? 
_reflns_shell.pdbx_rejects                ? 
_reflns_shell.pdbx_ordinal                1 
_reflns_shell.pdbx_diffrn_id              1 
_reflns_shell.pdbx_CC_half                ? 
_reflns_shell.pdbx_R_split                ? 
# 
_refine.aniso_B[1][1]                            ? 
_refine.aniso_B[1][2]                            ? 
_refine.aniso_B[1][3]                            ? 
_refine.aniso_B[2][2]                            ? 
_refine.aniso_B[2][3]                            ? 
_refine.aniso_B[3][3]                            ? 
_refine.B_iso_max                                103.470 
_refine.B_iso_mean                               40.3804 
_refine.B_iso_min                                18.160 
_refine.correlation_coeff_Fo_to_Fc               ? 
_refine.correlation_coeff_Fo_to_Fc_free          ? 
_refine.details                                  ? 
_refine.diff_density_max                         ? 
_refine.diff_density_max_esd                     ? 
_refine.diff_density_min                         ? 
_refine.diff_density_min_esd                     ? 
_refine.diff_density_rms                         ? 
_refine.diff_density_rms_esd                     ? 
_refine.entry_id                                 5WST 
_refine.pdbx_refine_id                           'X-RAY DIFFRACTION' 
_refine.ls_abs_structure_details                 ? 
_refine.ls_abs_structure_Flack                   ? 
_refine.ls_abs_structure_Flack_esd               ? 
_refine.ls_abs_structure_Rogers                  ? 
_refine.ls_abs_structure_Rogers_esd              ? 
_refine.ls_d_res_high                            2.1000 
_refine.ls_d_res_low                             32.5540 
_refine.ls_extinction_coef                       ? 
_refine.ls_extinction_coef_esd                   ? 
_refine.ls_extinction_expression                 ? 
_refine.ls_extinction_method                     ? 
_refine.ls_goodness_of_fit_all                   ? 
_refine.ls_goodness_of_fit_all_esd               ? 
_refine.ls_goodness_of_fit_obs                   ? 
_refine.ls_goodness_of_fit_obs_esd               ? 
_refine.ls_hydrogen_treatment                    ? 
_refine.ls_matrix_type                           ? 
_refine.ls_number_constraints                    ? 
_refine.ls_number_parameters                     ? 
_refine.ls_number_reflns_all                     ? 
_refine.ls_number_reflns_obs                     11446 
_refine.ls_number_reflns_R_free                  551 
_refine.ls_number_reflns_R_work                  ? 
_refine.ls_number_restraints                     ? 
_refine.ls_percent_reflns_obs                    98.8200 
_refine.ls_percent_reflns_R_free                 4.8100 
_refine.ls_R_factor_all                          ? 
_refine.ls_R_factor_obs                          0.2010 
_refine.ls_R_factor_R_free                       0.2388 
_refine.ls_R_factor_R_free_error                 ? 
_refine.ls_R_factor_R_free_error_details         ? 
_refine.ls_R_factor_R_work                       0.1945 
_refine.ls_R_Fsqd_factor_obs                     ? 
_refine.ls_R_I_factor_obs                        ? 
_refine.ls_redundancy_reflns_all                 ? 
_refine.ls_redundancy_reflns_obs                 ? 
_refine.ls_restrained_S_all                      ? 
_refine.ls_restrained_S_obs                      ? 
_refine.ls_shift_over_esd_max                    ? 
_refine.ls_shift_over_esd_mean                   ? 
_refine.ls_structure_factor_coef                 ? 
_refine.ls_weighting_details                     ? 
_refine.ls_weighting_scheme                      ? 
_refine.ls_wR_factor_all                         ? 
_refine.ls_wR_factor_obs                         ? 
_refine.ls_wR_factor_R_free                      ? 
_refine.ls_wR_factor_R_work                      ? 
_refine.occupancy_max                            ? 
_refine.occupancy_min                            ? 
_refine.solvent_model_details                    ? 
_refine.solvent_model_param_bsol                 ? 
_refine.solvent_model_param_ksol                 ? 
_refine.ls_R_factor_gt                           ? 
_refine.ls_goodness_of_fit_gt                    ? 
_refine.ls_goodness_of_fit_ref                   ? 
_refine.ls_shift_over_su_max                     ? 
_refine.ls_shift_over_su_max_lt                  ? 
_refine.ls_shift_over_su_mean                    ? 
_refine.ls_shift_over_su_mean_lt                 ? 
_refine.pdbx_ls_sigma_I                          ? 
_refine.pdbx_ls_sigma_F                          1.360 
_refine.pdbx_ls_sigma_Fsqd                       ? 
_refine.pdbx_data_cutoff_high_absF               ? 
_refine.pdbx_data_cutoff_high_rms_absF           ? 
_refine.pdbx_data_cutoff_low_absF                ? 
_refine.pdbx_isotropic_thermal_model             ? 
_refine.pdbx_ls_cross_valid_method               'FREE R-VALUE' 
_refine.pdbx_method_to_determine_struct          SAD 
_refine.pdbx_starting_model                      ? 
_refine.pdbx_stereochemistry_target_values       ? 
_refine.pdbx_R_Free_selection_details            ? 
_refine.pdbx_stereochem_target_val_spec_case     ? 
_refine.pdbx_overall_ESU_R                       ? 
_refine.pdbx_overall_ESU_R_Free                  ? 
_refine.pdbx_solvent_vdw_probe_radii             1.1100 
_refine.pdbx_solvent_ion_probe_radii             ? 
_refine.pdbx_solvent_shrinkage_radii             0.9000 
_refine.pdbx_real_space_R                        ? 
_refine.pdbx_density_correlation                 ? 
_refine.pdbx_pd_number_of_powder_patterns        ? 
_refine.pdbx_pd_number_of_points                 ? 
_refine.pdbx_pd_meas_number_of_points            ? 
_refine.pdbx_pd_proc_ls_prof_R_factor            ? 
_refine.pdbx_pd_proc_ls_prof_wR_factor           ? 
_refine.pdbx_pd_Marquardt_correlation_coeff      ? 
_refine.pdbx_pd_Fsqrd_R_factor                   ? 
_refine.pdbx_pd_ls_matrix_band_width             ? 
_refine.pdbx_overall_phase_error                 25.6700 
_refine.pdbx_overall_SU_R_free_Cruickshank_DPI   ? 
_refine.pdbx_overall_SU_R_free_Blow_DPI          ? 
_refine.pdbx_overall_SU_R_Blow_DPI               ? 
_refine.pdbx_TLS_residual_ADP_flag               ? 
_refine.pdbx_diffrn_id                           1 
_refine.overall_SU_B                             ? 
_refine.overall_SU_ML                            ? 
_refine.overall_SU_R_Cruickshank_DPI             ? 
_refine.overall_SU_R_free                        ? 
_refine.overall_FOM_free_R_set                   ? 
_refine.overall_FOM_work_R_set                   ? 
_refine.pdbx_average_fsc_overall                 ? 
_refine.pdbx_average_fsc_work                    ? 
_refine.pdbx_average_fsc_free                    ? 
# 
_refine_hist.cycle_id                         final 
_refine_hist.pdbx_refine_id                   'X-RAY DIFFRACTION' 
_refine_hist.d_res_high                       2.1000 
_refine_hist.d_res_low                        32.5540 
_refine_hist.pdbx_number_atoms_ligand         0 
_refine_hist.number_atoms_solvent             7 
_refine_hist.number_atoms_total               1189 
_refine_hist.pdbx_number_residues_total       141 
_refine_hist.pdbx_B_iso_mean_solvent          36.81 
_refine_hist.pdbx_number_atoms_protein        1182 
_refine_hist.pdbx_number_atoms_nucleic_acid   0 
# 
loop_
_refine_ls_restr.pdbx_refine_id 
_refine_ls_restr.criterion 
_refine_ls_restr.dev_ideal 
_refine_ls_restr.dev_ideal_target 
_refine_ls_restr.number 
_refine_ls_restr.rejects 
_refine_ls_restr.type 
_refine_ls_restr.weight 
_refine_ls_restr.pdbx_restraint_function 
'X-RAY DIFFRACTION' ? 0.010  ? 1195 ? f_bond_d           ? ? 
'X-RAY DIFFRACTION' ? 1.067  ? 1568 ? f_angle_d          ? ? 
'X-RAY DIFFRACTION' ? 0.037  ? 158  ? f_chiral_restr     ? ? 
'X-RAY DIFFRACTION' ? 0.004  ? 211  ? f_plane_restr      ? ? 
'X-RAY DIFFRACTION' ? 19.141 ? 814  ? f_dihedral_angle_d ? ? 
# 
loop_
_refine_ls_shell.pdbx_refine_id 
_refine_ls_shell.d_res_high 
_refine_ls_shell.d_res_low 
_refine_ls_shell.number_reflns_all 
_refine_ls_shell.number_reflns_obs 
_refine_ls_shell.number_reflns_R_free 
_refine_ls_shell.number_reflns_R_work 
_refine_ls_shell.percent_reflns_obs 
_refine_ls_shell.percent_reflns_R_free 
_refine_ls_shell.R_factor_all 
_refine_ls_shell.R_factor_obs 
_refine_ls_shell.R_factor_R_free 
_refine_ls_shell.R_factor_R_free_error 
_refine_ls_shell.R_factor_R_work 
_refine_ls_shell.redundancy_reflns_all 
_refine_ls_shell.redundancy_reflns_obs 
_refine_ls_shell.wR_factor_all 
_refine_ls_shell.wR_factor_obs 
_refine_ls_shell.wR_factor_R_free 
_refine_ls_shell.wR_factor_R_work 
_refine_ls_shell.pdbx_total_number_of_bins_used 
_refine_ls_shell.pdbx_phase_error 
_refine_ls_shell.pdbx_fsc_work 
_refine_ls_shell.pdbx_fsc_free 
'X-RAY DIFFRACTION' 2.1009 2.3119  2855 . 131 2724 95.0000 . . . 0.2996 . 0.2787 . . . . . . 4 . . . 
'X-RAY DIFFRACTION' 2.3119 2.6455  2834 . 129 2705 95.0000 . . . 0.2806 . 0.2523 . . . . . . 4 . . . 
'X-RAY DIFFRACTION' 2.6455 3.3294  2849 . 141 2708 94.0000 . . . 0.2303 . 0.2095 . . . . . . 4 . . . 
'X-RAY DIFFRACTION' 3.3294 17.6950 2878 . 147 2731 93.0000 . . . 0.2267 . 0.1599 . . . . . . 4 . . . 
# 
_struct.entry_id                     5WST 
_struct.title                        'Crystal structure of Myo7a SAH' 
_struct.pdbx_model_details           ? 
_struct.pdbx_formula_weight          ? 
_struct.pdbx_formula_weight_method   ? 
_struct.pdbx_model_type_details      ? 
_struct.pdbx_CASP_flag               N 
# 
_struct_keywords.entry_id        5WST 
_struct_keywords.text            'Molecular motor, MOTOR PROTEIN' 
_struct_keywords.pdbx_keywords   'MOTOR PROTEIN' 
# 
loop_
_struct_asym.id 
_struct_asym.pdbx_blank_PDB_chainid_flag 
_struct_asym.pdbx_modified 
_struct_asym.entity_id 
_struct_asym.details 
A N N 1 ? 
B N N 1 ? 
C N N 2 ? 
D N N 2 ? 
# 
_struct_ref.id                         1 
_struct_ref.db_name                    UNP 
_struct_ref.db_code                    MYO7A_MOUSE 
_struct_ref.pdbx_db_accession          P97479 
_struct_ref.pdbx_db_isoform            ? 
_struct_ref.entity_id                  1 
_struct_ref.pdbx_seq_one_letter_code   RLEAERMRLAEEEKLRKEMSAKKAKEEAERKHQERLAQLAREDAERELKEKEEARRKKELLEQMEKA 
_struct_ref.pdbx_align_begin           866 
# 
loop_
_struct_ref_seq.align_id 
_struct_ref_seq.ref_id 
_struct_ref_seq.pdbx_PDB_id_code 
_struct_ref_seq.pdbx_strand_id 
_struct_ref_seq.seq_align_beg 
_struct_ref_seq.pdbx_seq_align_beg_ins_code 
_struct_ref_seq.seq_align_end 
_struct_ref_seq.pdbx_seq_align_end_ins_code 
_struct_ref_seq.pdbx_db_accession 
_struct_ref_seq.db_align_beg 
_struct_ref_seq.pdbx_db_align_beg_ins_code 
_struct_ref_seq.db_align_end 
_struct_ref_seq.pdbx_db_align_end_ins_code 
_struct_ref_seq.pdbx_auth_seq_align_beg 
_struct_ref_seq.pdbx_auth_seq_align_end 
1 1 5WST A 5 ? 71 ? P97479 866 ? 932 ? 866 932 
2 1 5WST B 5 ? 71 ? P97479 866 ? 932 ? 866 932 
# 
loop_
_struct_ref_seq_dif.align_id 
_struct_ref_seq_dif.pdbx_pdb_id_code 
_struct_ref_seq_dif.mon_id 
_struct_ref_seq_dif.pdbx_pdb_strand_id 
_struct_ref_seq_dif.seq_num 
_struct_ref_seq_dif.pdbx_pdb_ins_code 
_struct_ref_seq_dif.pdbx_seq_db_name 
_struct_ref_seq_dif.pdbx_seq_db_accession_code 
_struct_ref_seq_dif.db_mon_id 
_struct_ref_seq_dif.pdbx_seq_db_seq_num 
_struct_ref_seq_dif.details 
_struct_ref_seq_dif.pdbx_auth_seq_num 
_struct_ref_seq_dif.pdbx_ordinal 
1 5WST GLY A 1 ? UNP P97479 ? ? 'expression tag' 862 1 
1 5WST SER A 2 ? UNP P97479 ? ? 'expression tag' 863 2 
1 5WST GLU A 3 ? UNP P97479 ? ? 'expression tag' 864 3 
1 5WST PHE A 4 ? UNP P97479 ? ? 'expression tag' 865 4 
2 5WST GLY B 1 ? UNP P97479 ? ? 'expression tag' 862 5 
2 5WST SER B 2 ? UNP P97479 ? ? 'expression tag' 863 6 
2 5WST GLU B 3 ? UNP P97479 ? ? 'expression tag' 864 7 
2 5WST PHE B 4 ? UNP P97479 ? ? 'expression tag' 865 8 
# 
loop_
_pdbx_struct_assembly.id 
_pdbx_struct_assembly.details 
_pdbx_struct_assembly.method_details 
_pdbx_struct_assembly.oligomeric_details 
_pdbx_struct_assembly.oligomeric_count 
1 author_defined_assembly ? monomeric 1 
2 author_defined_assembly ? monomeric 1 
# 
loop_
_pdbx_struct_assembly_gen.assembly_id 
_pdbx_struct_assembly_gen.oper_expression 
_pdbx_struct_assembly_gen.asym_id_list 
1 1 A,C 
2 1 B,D 
# 
_pdbx_struct_oper_list.id                   1 
_pdbx_struct_oper_list.type                 'identity operation' 
_pdbx_struct_oper_list.name                 1_555 
_pdbx_struct_oper_list.symmetry_operation   x,y,z 
_pdbx_struct_oper_list.matrix[1][1]         1.0000000000 
_pdbx_struct_oper_list.matrix[1][2]         0.0000000000 
_pdbx_struct_oper_list.matrix[1][3]         0.0000000000 
_pdbx_struct_oper_list.vector[1]            0.0000000000 
_pdbx_struct_oper_list.matrix[2][1]         0.0000000000 
_pdbx_struct_oper_list.matrix[2][2]         1.0000000000 
_pdbx_struct_oper_list.matrix[2][3]         0.0000000000 
_pdbx_struct_oper_list.vector[2]            0.0000000000 
_pdbx_struct_oper_list.matrix[3][1]         0.0000000000 
_pdbx_struct_oper_list.matrix[3][2]         0.0000000000 
_pdbx_struct_oper_list.matrix[3][3]         1.0000000000 
_pdbx_struct_oper_list.vector[3]            0.0000000000 
# 
loop_
_struct_conf.conf_type_id 
_struct_conf.id 
_struct_conf.pdbx_PDB_helix_id 
_struct_conf.beg_label_comp_id 
_struct_conf.beg_label_asym_id 
_struct_conf.beg_label_seq_id 
_struct_conf.pdbx_beg_PDB_ins_code 
_struct_conf.end_label_comp_id 
_struct_conf.end_label_asym_id 
_struct_conf.end_label_seq_id 
_struct_conf.pdbx_end_PDB_ins_code 
_struct_conf.beg_auth_comp_id 
_struct_conf.beg_auth_asym_id 
_struct_conf.beg_auth_seq_id 
_struct_conf.end_auth_comp_id 
_struct_conf.end_auth_asym_id 
_struct_conf.end_auth_seq_id 
_struct_conf.pdbx_PDB_helix_class 
_struct_conf.details 
_struct_conf.pdbx_PDB_helix_length 
HELX_P HELX_P1 AA1 GLY A 1 ? GLU A 69 ? GLY A 862 GLU A 930 1 ? 69 
HELX_P HELX_P2 AA2 GLU B 3 ? GLU B 69 ? GLU B 864 GLU B 930 1 ? 67 
# 
_struct_conf_type.id          HELX_P 
_struct_conf_type.criteria    ? 
_struct_conf_type.reference   ? 
# 
loop_
_pdbx_validate_symm_contact.id 
_pdbx_validate_symm_contact.PDB_model_num 
_pdbx_validate_symm_contact.auth_atom_id_1 
_pdbx_validate_symm_contact.auth_asym_id_1 
_pdbx_validate_symm_contact.auth_comp_id_1 
_pdbx_validate_symm_contact.auth_seq_id_1 
_pdbx_validate_symm_contact.PDB_ins_code_1 
_pdbx_validate_symm_contact.label_alt_id_1 
_pdbx_validate_symm_contact.site_symmetry_1 
_pdbx_validate_symm_contact.auth_atom_id_2 
_pdbx_validate_symm_contact.auth_asym_id_2 
_pdbx_validate_symm_contact.auth_comp_id_2 
_pdbx_validate_symm_contact.auth_seq_id_2 
_pdbx_validate_symm_contact.PDB_ins_code_2 
_pdbx_validate_symm_contact.label_alt_id_2 
_pdbx_validate_symm_contact.site_symmetry_2 
_pdbx_validate_symm_contact.dist 
1 1 NZ  A LYS 922 ? ? 1_555 OE2 B GLU 878 ? B 2_445 2.17 
2 1 NE2 B HIS 897 ? ? 1_555 OE1 B GLU 924 ? ? 1_655 2.18 
# 
_pdbx_unobs_or_zero_occ_residues.id               1 
_pdbx_unobs_or_zero_occ_residues.PDB_model_num    1 
_pdbx_unobs_or_zero_occ_residues.polymer_flag     Y 
_pdbx_unobs_or_zero_occ_residues.occupancy_flag   1 
_pdbx_unobs_or_zero_occ_residues.auth_asym_id     B 
_pdbx_unobs_or_zero_occ_residues.auth_comp_id     GLY 
_pdbx_unobs_or_zero_occ_residues.auth_seq_id      862 
_pdbx_unobs_or_zero_occ_residues.PDB_ins_code     ? 
_pdbx_unobs_or_zero_occ_residues.label_asym_id    B 
_pdbx_unobs_or_zero_occ_residues.label_comp_id    GLY 
_pdbx_unobs_or_zero_occ_residues.label_seq_id     1 
# 
loop_
_chem_comp_atom.comp_id 
_chem_comp_atom.atom_id 
_chem_comp_atom.type_symbol 
_chem_comp_atom.pdbx_aromatic_flag 
_chem_comp_atom.pdbx_stereo_config 
_chem_comp_atom.pdbx_ordinal 
ALA N    N N N 1   
ALA CA   C N S 2   
ALA C    C N N 3   
ALA O    O N N 4   
ALA CB   C N N 5   
ALA OXT  O N N 6   
ALA H    H N N 7   
ALA H2   H N N 8   
ALA HA   H N N 9   
ALA HB1  H N N 10  
ALA HB2  H N N 11  
ALA HB3  H N N 12  
ALA HXT  H N N 13  
ARG N    N N N 14  
ARG CA   C N S 15  
ARG C    C N N 16  
ARG O    O N N 17  
ARG CB   C N N 18  
ARG CG   C N N 19  
ARG CD   C N N 20  
ARG NE   N N N 21  
ARG CZ   C N N 22  
ARG NH1  N N N 23  
ARG NH2  N N N 24  
ARG OXT  O N N 25  
ARG H    H N N 26  
ARG H2   H N N 27  
ARG HA   H N N 28  
ARG HB2  H N N 29  
ARG HB3  H N N 30  
ARG HG2  H N N 31  
ARG HG3  H N N 32  
ARG HD2  H N N 33  
ARG HD3  H N N 34  
ARG HE   H N N 35  
ARG HH11 H N N 36  
ARG HH12 H N N 37  
ARG HH21 H N N 38  
ARG HH22 H N N 39  
ARG HXT  H N N 40  
ASP N    N N N 41  
ASP CA   C N S 42  
ASP C    C N N 43  
ASP O    O N N 44  
ASP CB   C N N 45  
ASP CG   C N N 46  
ASP OD1  O N N 47  
ASP OD2  O N N 48  
ASP OXT  O N N 49  
ASP H    H N N 50  
ASP H2   H N N 51  
ASP HA   H N N 52  
ASP HB2  H N N 53  
ASP HB3  H N N 54  
ASP HD2  H N N 55  
ASP HXT  H N N 56  
GLN N    N N N 57  
GLN CA   C N S 58  
GLN C    C N N 59  
GLN O    O N N 60  
GLN CB   C N N 61  
GLN CG   C N N 62  
GLN CD   C N N 63  
GLN OE1  O N N 64  
GLN NE2  N N N 65  
GLN OXT  O N N 66  
GLN H    H N N 67  
GLN H2   H N N 68  
GLN HA   H N N 69  
GLN HB2  H N N 70  
GLN HB3  H N N 71  
GLN HG2  H N N 72  
GLN HG3  H N N 73  
GLN HE21 H N N 74  
GLN HE22 H N N 75  
GLN HXT  H N N 76  
GLU N    N N N 77  
GLU CA   C N S 78  
GLU C    C N N 79  
GLU O    O N N 80  
GLU CB   C N N 81  
GLU CG   C N N 82  
GLU CD   C N N 83  
GLU OE1  O N N 84  
GLU OE2  O N N 85  
GLU OXT  O N N 86  
GLU H    H N N 87  
GLU H2   H N N 88  
GLU HA   H N N 89  
GLU HB2  H N N 90  
GLU HB3  H N N 91  
GLU HG2  H N N 92  
GLU HG3  H N N 93  
GLU HE2  H N N 94  
GLU HXT  H N N 95  
GLY N    N N N 96  
GLY CA   C N N 97  
GLY C    C N N 98  
GLY O    O N N 99  
GLY OXT  O N N 100 
GLY H    H N N 101 
GLY H2   H N N 102 
GLY HA2  H N N 103 
GLY HA3  H N N 104 
GLY HXT  H N N 105 
HIS N    N N N 106 
HIS CA   C N S 107 
HIS C    C N N 108 
HIS O    O N N 109 
HIS CB   C N N 110 
HIS CG   C Y N 111 
HIS ND1  N Y N 112 
HIS CD2  C Y N 113 
HIS CE1  C Y N 114 
HIS NE2  N Y N 115 
HIS OXT  O N N 116 
HIS H    H N N 117 
HIS H2   H N N 118 
HIS HA   H N N 119 
HIS HB2  H N N 120 
HIS HB3  H N N 121 
HIS HD1  H N N 122 
HIS HD2  H N N 123 
HIS HE1  H N N 124 
HIS HE2  H N N 125 
HIS HXT  H N N 126 
HOH O    O N N 127 
HOH H1   H N N 128 
HOH H2   H N N 129 
LEU N    N N N 130 
LEU CA   C N S 131 
LEU C    C N N 132 
LEU O    O N N 133 
LEU CB   C N N 134 
LEU CG   C N N 135 
LEU CD1  C N N 136 
LEU CD2  C N N 137 
LEU OXT  O N N 138 
LEU H    H N N 139 
LEU H2   H N N 140 
LEU HA   H N N 141 
LEU HB2  H N N 142 
LEU HB3  H N N 143 
LEU HG   H N N 144 
LEU HD11 H N N 145 
LEU HD12 H N N 146 
LEU HD13 H N N 147 
LEU HD21 H N N 148 
LEU HD22 H N N 149 
LEU HD23 H N N 150 
LEU HXT  H N N 151 
LYS N    N N N 152 
LYS CA   C N S 153 
LYS C    C N N 154 
LYS O    O N N 155 
LYS CB   C N N 156 
LYS CG   C N N 157 
LYS CD   C N N 158 
LYS CE   C N N 159 
LYS NZ   N N N 160 
LYS OXT  O N N 161 
LYS H    H N N 162 
LYS H2   H N N 163 
LYS HA   H N N 164 
LYS HB2  H N N 165 
LYS HB3  H N N 166 
LYS HG2  H N N 167 
LYS HG3  H N N 168 
LYS HD2  H N N 169 
LYS HD3  H N N 170 
LYS HE2  H N N 171 
LYS HE3  H N N 172 
LYS HZ1  H N N 173 
LYS HZ2  H N N 174 
LYS HZ3  H N N 175 
LYS HXT  H N N 176 
MET N    N N N 177 
MET CA   C N S 178 
MET C    C N N 179 
MET O    O N N 180 
MET CB   C N N 181 
MET CG   C N N 182 
MET SD   S N N 183 
MET CE   C N N 184 
MET OXT  O N N 185 
MET H    H N N 186 
MET H2   H N N 187 
MET HA   H N N 188 
MET HB2  H N N 189 
MET HB3  H N N 190 
MET HG2  H N N 191 
MET HG3  H N N 192 
MET HE1  H N N 193 
MET HE2  H N N 194 
MET HE3  H N N 195 
MET HXT  H N N 196 
PHE N    N N N 197 
PHE CA   C N S 198 
PHE C    C N N 199 
PHE O    O N N 200 
PHE CB   C N N 201 
PHE CG   C Y N 202 
PHE CD1  C Y N 203 
PHE CD2  C Y N 204 
PHE CE1  C Y N 205 
PHE CE2  C Y N 206 
PHE CZ   C Y N 207 
PHE OXT  O N N 208 
PHE H    H N N 209 
PHE H2   H N N 210 
PHE HA   H N N 211 
PHE HB2  H N N 212 
PHE HB3  H N N 213 
PHE HD1  H N N 214 
PHE HD2  H N N 215 
PHE HE1  H N N 216 
PHE HE2  H N N 217 
PHE HZ   H N N 218 
PHE HXT  H N N 219 
SER N    N N N 220 
SER CA   C N S 221 
SER C    C N N 222 
SER O    O N N 223 
SER CB   C N N 224 
SER OG   O N N 225 
SER OXT  O N N 226 
SER H    H N N 227 
SER H2   H N N 228 
SER HA   H N N 229 
SER HB2  H N N 230 
SER HB3  H N N 231 
SER HG   H N N 232 
SER HXT  H N N 233 
# 
loop_
_chem_comp_bond.comp_id 
_chem_comp_bond.atom_id_1 
_chem_comp_bond.atom_id_2 
_chem_comp_bond.value_order 
_chem_comp_bond.pdbx_aromatic_flag 
_chem_comp_bond.pdbx_stereo_config 
_chem_comp_bond.pdbx_ordinal 
ALA N   CA   sing N N 1   
ALA N   H    sing N N 2   
ALA N   H2   sing N N 3   
ALA CA  C    sing N N 4   
ALA CA  CB   sing N N 5   
ALA CA  HA   sing N N 6   
ALA C   O    doub N N 7   
ALA C   OXT  sing N N 8   
ALA CB  HB1  sing N N 9   
ALA CB  HB2  sing N N 10  
ALA CB  HB3  sing N N 11  
ALA OXT HXT  sing N N 12  
ARG N   CA   sing N N 13  
ARG N   H    sing N N 14  
ARG N   H2   sing N N 15  
ARG CA  C    sing N N 16  
ARG CA  CB   sing N N 17  
ARG CA  HA   sing N N 18  
ARG C   O    doub N N 19  
ARG C   OXT  sing N N 20  
ARG CB  CG   sing N N 21  
ARG CB  HB2  sing N N 22  
ARG CB  HB3  sing N N 23  
ARG CG  CD   sing N N 24  
ARG CG  HG2  sing N N 25  
ARG CG  HG3  sing N N 26  
ARG CD  NE   sing N N 27  
ARG CD  HD2  sing N N 28  
ARG CD  HD3  sing N N 29  
ARG NE  CZ   sing N N 30  
ARG NE  HE   sing N N 31  
ARG CZ  NH1  sing N N 32  
ARG CZ  NH2  doub N N 33  
ARG NH1 HH11 sing N N 34  
ARG NH1 HH12 sing N N 35  
ARG NH2 HH21 sing N N 36  
ARG NH2 HH22 sing N N 37  
ARG OXT HXT  sing N N 38  
ASP N   CA   sing N N 39  
ASP N   H    sing N N 40  
ASP N   H2   sing N N 41  
ASP CA  C    sing N N 42  
ASP CA  CB   sing N N 43  
ASP CA  HA   sing N N 44  
ASP C   O    doub N N 45  
ASP C   OXT  sing N N 46  
ASP CB  CG   sing N N 47  
ASP CB  HB2  sing N N 48  
ASP CB  HB3  sing N N 49  
ASP CG  OD1  doub N N 50  
ASP CG  OD2  sing N N 51  
ASP OD2 HD2  sing N N 52  
ASP OXT HXT  sing N N 53  
GLN N   CA   sing N N 54  
GLN N   H    sing N N 55  
GLN N   H2   sing N N 56  
GLN CA  C    sing N N 57  
GLN CA  CB   sing N N 58  
GLN CA  HA   sing N N 59  
GLN C   O    doub N N 60  
GLN C   OXT  sing N N 61  
GLN CB  CG   sing N N 62  
GLN CB  HB2  sing N N 63  
GLN CB  HB3  sing N N 64  
GLN CG  CD   sing N N 65  
GLN CG  HG2  sing N N 66  
GLN CG  HG3  sing N N 67  
GLN CD  OE1  doub N N 68  
GLN CD  NE2  sing N N 69  
GLN NE2 HE21 sing N N 70  
GLN NE2 HE22 sing N N 71  
GLN OXT HXT  sing N N 72  
GLU N   CA   sing N N 73  
GLU N   H    sing N N 74  
GLU N   H2   sing N N 75  
GLU CA  C    sing N N 76  
GLU CA  CB   sing N N 77  
GLU CA  HA   sing N N 78  
GLU C   O    doub N N 79  
GLU C   OXT  sing N N 80  
GLU CB  CG   sing N N 81  
GLU CB  HB2  sing N N 82  
GLU CB  HB3  sing N N 83  
GLU CG  CD   sing N N 84  
GLU CG  HG2  sing N N 85  
GLU CG  HG3  sing N N 86  
GLU CD  OE1  doub N N 87  
GLU CD  OE2  sing N N 88  
GLU OE2 HE2  sing N N 89  
GLU OXT HXT  sing N N 90  
GLY N   CA   sing N N 91  
GLY N   H    sing N N 92  
GLY N   H2   sing N N 93  
GLY CA  C    sing N N 94  
GLY CA  HA2  sing N N 95  
GLY CA  HA3  sing N N 96  
GLY C   O    doub N N 97  
GLY C   OXT  sing N N 98  
GLY OXT HXT  sing N N 99  
HIS N   CA   sing N N 100 
HIS N   H    sing N N 101 
HIS N   H2   sing N N 102 
HIS CA  C    sing N N 103 
HIS CA  CB   sing N N 104 
HIS CA  HA   sing N N 105 
HIS C   O    doub N N 106 
HIS C   OXT  sing N N 107 
HIS CB  CG   sing N N 108 
HIS CB  HB2  sing N N 109 
HIS CB  HB3  sing N N 110 
HIS CG  ND1  sing Y N 111 
HIS CG  CD2  doub Y N 112 
HIS ND1 CE1  doub Y N 113 
HIS ND1 HD1  sing N N 114 
HIS CD2 NE2  sing Y N 115 
HIS CD2 HD2  sing N N 116 
HIS CE1 NE2  sing Y N 117 
HIS CE1 HE1  sing N N 118 
HIS NE2 HE2  sing N N 119 
HIS OXT HXT  sing N N 120 
HOH O   H1   sing N N 121 
HOH O   H2   sing N N 122 
LEU N   CA   sing N N 123 
LEU N   H    sing N N 124 
LEU N   H2   sing N N 125 
LEU CA  C    sing N N 126 
LEU CA  CB   sing N N 127 
LEU CA  HA   sing N N 128 
LEU C   O    doub N N 129 
LEU C   OXT  sing N N 130 
LEU CB  CG   sing N N 131 
LEU CB  HB2  sing N N 132 
LEU CB  HB3  sing N N 133 
LEU CG  CD1  sing N N 134 
LEU CG  CD2  sing N N 135 
LEU CG  HG   sing N N 136 
LEU CD1 HD11 sing N N 137 
LEU CD1 HD12 sing N N 138 
LEU CD1 HD13 sing N N 139 
LEU CD2 HD21 sing N N 140 
LEU CD2 HD22 sing N N 141 
LEU CD2 HD23 sing N N 142 
LEU OXT HXT  sing N N 143 
LYS N   CA   sing N N 144 
LYS N   H    sing N N 145 
LYS N   H2   sing N N 146 
LYS CA  C    sing N N 147 
LYS CA  CB   sing N N 148 
LYS CA  HA   sing N N 149 
LYS C   O    doub N N 150 
LYS C   OXT  sing N N 151 
LYS CB  CG   sing N N 152 
LYS CB  HB2  sing N N 153 
LYS CB  HB3  sing N N 154 
LYS CG  CD   sing N N 155 
LYS CG  HG2  sing N N 156 
LYS CG  HG3  sing N N 157 
LYS CD  CE   sing N N 158 
LYS CD  HD2  sing N N 159 
LYS CD  HD3  sing N N 160 
LYS CE  NZ   sing N N 161 
LYS CE  HE2  sing N N 162 
LYS CE  HE3  sing N N 163 
LYS NZ  HZ1  sing N N 164 
LYS NZ  HZ2  sing N N 165 
LYS NZ  HZ3  sing N N 166 
LYS OXT HXT  sing N N 167 
MET N   CA   sing N N 168 
MET N   H    sing N N 169 
MET N   H2   sing N N 170 
MET CA  C    sing N N 171 
MET CA  CB   sing N N 172 
MET CA  HA   sing N N 173 
MET C   O    doub N N 174 
MET C   OXT  sing N N 175 
MET CB  CG   sing N N 176 
MET CB  HB2  sing N N 177 
MET CB  HB3  sing N N 178 
MET CG  SD   sing N N 179 
MET CG  HG2  sing N N 180 
MET CG  HG3  sing N N 181 
MET SD  CE   sing N N 182 
MET CE  HE1  sing N N 183 
MET CE  HE2  sing N N 184 
MET CE  HE3  sing N N 185 
MET OXT HXT  sing N N 186 
PHE N   CA   sing N N 187 
PHE N   H    sing N N 188 
PHE N   H2   sing N N 189 
PHE CA  C    sing N N 190 
PHE CA  CB   sing N N 191 
PHE CA  HA   sing N N 192 
PHE C   O    doub N N 193 
PHE C   OXT  sing N N 194 
PHE CB  CG   sing N N 195 
PHE CB  HB2  sing N N 196 
PHE CB  HB3  sing N N 197 
PHE CG  CD1  doub Y N 198 
PHE CG  CD2  sing Y N 199 
PHE CD1 CE1  sing Y N 200 
PHE CD1 HD1  sing N N 201 
PHE CD2 CE2  doub Y N 202 
PHE CD2 HD2  sing N N 203 
PHE CE1 CZ   doub Y N 204 
PHE CE1 HE1  sing N N 205 
PHE CE2 CZ   sing Y N 206 
PHE CE2 HE2  sing N N 207 
PHE CZ  HZ   sing N N 208 
PHE OXT HXT  sing N N 209 
SER N   CA   sing N N 210 
SER N   H    sing N N 211 
SER N   H2   sing N N 212 
SER CA  C    sing N N 213 
SER CA  CB   sing N N 214 
SER CA  HA   sing N N 215 
SER C   O    doub N N 216 
SER C   OXT  sing N N 217 
SER CB  OG   sing N N 218 
SER CB  HB2  sing N N 219 
SER CB  HB3  sing N N 220 
SER OG  HG   sing N N 221 
SER OXT HXT  sing N N 222 
# 
_pdbx_reflns_twin.domain_id                    1 
_pdbx_reflns_twin.crystal_id                   1 
_pdbx_reflns_twin.diffrn_id                    1 
_pdbx_reflns_twin.fraction                     0.460 
_pdbx_reflns_twin.operator                     h,-k,-l 
_pdbx_reflns_twin.type                         ? 
_pdbx_reflns_twin.mean_F_square_over_mean_F2   ? 
_pdbx_reflns_twin.mean_I2_over_mean_I_square   ? 
# 
_atom_sites.entry_id                    5WST 
_atom_sites.fract_transf_matrix[1][1]   -0.01765154 
_atom_sites.fract_transf_matrix[1][2]   -0.01776081 
_atom_sites.fract_transf_matrix[1][3]   0.00607587 
_atom_sites.fract_transf_matrix[2][1]   0.00309020 
_atom_sites.fract_transf_matrix[2][2]   -0.01022072 
_atom_sites.fract_transf_matrix[2][3]   -0.02089932 
_atom_sites.fract_transf_matrix[3][1]   0.01199192 
_atom_sites.fract_transf_matrix[3][2]   -0.00971542 
_atom_sites.fract_transf_matrix[3][3]   0.00652443 
_atom_sites.fract_transf_vector[1]      -0.412464 
_atom_sites.fract_transf_vector[2]      -0.223475 
_atom_sites.fract_transf_vector[3]      -0.252841 
# 
loop_
_atom_type.symbol 
C 
N 
O 
S 
# 
loop_
_atom_site.group_PDB 
_atom_site.id 
_atom_site.type_symbol 
_atom_site.label_atom_id 
_atom_site.label_alt_id 
_atom_site.label_comp_id 
_atom_site.label_asym_id 
_atom_site.label_entity_id 
_atom_site.label_seq_id 
_atom_site.pdbx_PDB_ins_code 
_atom_site.Cartn_x 
_atom_site.Cartn_y 
_atom_site.Cartn_z 
_atom_site.occupancy 
_atom_site.B_iso_or_equiv 
_atom_site.pdbx_formal_charge 
_atom_site.auth_seq_id 
_atom_site.auth_comp_id 
_atom_site.auth_asym_id 
_atom_site.auth_atom_id 
_atom_site.pdbx_PDB_model_num 
ATOM   1    N N   . GLY A 1 1  ? -42.516 -23.953 6.852   1.00 50.30  ? 862  GLY A N   1 
ATOM   2    C CA  . GLY A 1 1  ? -41.314 -23.360 6.274   1.00 44.27  ? 862  GLY A CA  1 
ATOM   3    C C   . GLY A 1 1  ? -40.588 -22.266 7.055   1.00 43.74  ? 862  GLY A C   1 
ATOM   4    O O   . GLY A 1 1  ? -39.396 -22.057 6.853   1.00 45.84  ? 862  GLY A O   1 
ATOM   5    N N   . SER A 1 2  ? -41.309 -21.568 7.940   1.00 56.95  ? 863  SER A N   1 
ATOM   6    C CA  . SER A 1 2  ? -40.729 -20.448 8.687   1.00 55.29  ? 863  SER A CA  1 
ATOM   7    C C   . SER A 1 2  ? -39.490 -20.868 9.472   1.00 34.90  ? 863  SER A C   1 
ATOM   8    O O   . SER A 1 2  ? -38.487 -20.151 9.494   1.00 34.25  ? 863  SER A O   1 
ATOM   9    C CB  . SER A 1 2  ? -41.775 -19.868 9.644   1.00 47.65  ? 863  SER A CB  1 
ATOM   10   O OG  . SER A 1 2  ? -42.856 -19.273 8.955   1.00 59.52  ? 863  SER A OG  1 
ATOM   11   N N   . GLU A 1 3  ? -39.558 -22.021 10.142  1.00 43.73  ? 864  GLU A N   1 
ATOM   12   C CA  . GLU A 1 3  ? -38.437 -22.515 10.929  1.00 40.73  ? 864  GLU A CA  1 
ATOM   13   C C   . GLU A 1 3  ? -37.265 -22.938 10.046  1.00 40.25  ? 864  GLU A C   1 
ATOM   14   O O   . GLU A 1 3  ? -36.111 -22.887 10.484  1.00 32.10  ? 864  GLU A O   1 
ATOM   15   C CB  . GLU A 1 3  ? -38.907 -23.676 11.809  1.00 38.54  ? 864  GLU A CB  1 
ATOM   16   N N   . PHE A 1 4  ? -37.538 -23.347 8.805   1.00 44.87  ? 865  PHE A N   1 
ATOM   17   C CA  . PHE A 1 4  ? -36.483 -23.693 7.856   1.00 37.42  ? 865  PHE A CA  1 
ATOM   18   C C   . PHE A 1 4  ? -35.859 -22.453 7.217   1.00 32.78  ? 865  PHE A C   1 
ATOM   19   O O   . PHE A 1 4  ? -34.690 -22.481 6.828   1.00 29.01  ? 865  PHE A O   1 
ATOM   20   C CB  . PHE A 1 4  ? -37.052 -24.623 6.782   1.00 30.42  ? 865  PHE A CB  1 
ATOM   21   C CG  . PHE A 1 4  ? -37.578 -25.919 7.325   1.00 43.16  ? 865  PHE A CG  1 
ATOM   22   C CD1 . PHE A 1 4  ? -36.762 -27.033 7.413   1.00 47.56  ? 865  PHE A CD1 1 
ATOM   23   C CD2 . PHE A 1 4  ? -38.887 -26.024 7.773   1.00 59.42  ? 865  PHE A CD2 1 
ATOM   24   C CE1 . PHE A 1 4  ? -37.226 -28.229 7.924   1.00 37.59  ? 865  PHE A CE1 1 
ATOM   25   C CE2 . PHE A 1 4  ? -39.368 -27.228 8.293   1.00 44.22  ? 865  PHE A CE2 1 
ATOM   26   C CZ  . PHE A 1 4  ? -38.536 -28.327 8.363   1.00 50.30  ? 865  PHE A CZ  1 
ATOM   27   N N   . ARG A 1 5  ? -36.636 -21.381 7.066   1.00 31.44  ? 866  ARG A N   1 
ATOM   28   C CA  . ARG A 1 5  ? -36.125 -20.105 6.595   1.00 30.38  ? 866  ARG A CA  1 
ATOM   29   C C   . ARG A 1 5  ? -35.408 -19.370 7.711   1.00 29.63  ? 866  ARG A C   1 
ATOM   30   O O   . ARG A 1 5  ? -34.440 -18.653 7.466   1.00 38.32  ? 866  ARG A O   1 
ATOM   31   C CB  . ARG A 1 5  ? -37.281 -19.263 6.061   1.00 44.83  ? 866  ARG A CB  1 
ATOM   32   C CG  . ARG A 1 5  ? -36.902 -18.081 5.196   1.00 40.84  ? 866  ARG A CG  1 
ATOM   33   C CD  . ARG A 1 5  ? -38.139 -17.265 4.869   1.00 47.08  ? 866  ARG A CD  1 
ATOM   34   N NE  . ARG A 1 5  ? -38.774 -17.685 3.621   1.00 80.86  ? 866  ARG A NE  1 
ATOM   35   C CZ  . ARG A 1 5  ? -40.081 -17.601 3.374   1.00 76.21  ? 866  ARG A CZ  1 
ATOM   36   N NH1 . ARG A 1 5  ? -40.908 -17.131 4.299   1.00 73.77  ? 866  ARG A NH1 1 
ATOM   37   N NH2 . ARG A 1 5  ? -40.571 -17.998 2.207   1.00 54.43  ? 866  ARG A NH2 1 
ATOM   38   N N   . LEU A 1 6  ? -35.883 -19.537 8.937   1.00 30.88  ? 867  LEU A N   1 
ATOM   39   C CA  . LEU A 1 6  ? -35.158 -19.025 10.082  1.00 25.07  ? 867  LEU A CA  1 
ATOM   40   C C   . LEU A 1 6  ? -33.759 -19.626 10.157  1.00 29.17  ? 867  LEU A C   1 
ATOM   41   O O   . LEU A 1 6  ? -32.793 -18.939 10.496  1.00 38.78  ? 867  LEU A O   1 
ATOM   42   C CB  . LEU A 1 6  ? -35.948 -19.321 11.350  1.00 20.71  ? 867  LEU A CB  1 
ATOM   43   C CG  . LEU A 1 6  ? -35.499 -18.474 12.529  1.00 31.80  ? 867  LEU A CG  1 
ATOM   44   C CD1 . LEU A 1 6  ? -35.842 -17.039 12.212  1.00 37.54  ? 867  LEU A CD1 1 
ATOM   45   C CD2 . LEU A 1 6  ? -36.164 -18.915 13.813  1.00 29.00  ? 867  LEU A CD2 1 
ATOM   46   N N   . GLU A 1 7  ? -33.631 -20.905 9.829   1.00 32.15  ? 868  GLU A N   1 
ATOM   47   C CA  . GLU A 1 7  ? -32.371 -21.610 10.005  1.00 25.98  ? 868  GLU A CA  1 
ATOM   48   C C   . GLU A 1 7  ? -31.363 -21.264 8.915   1.00 27.99  ? 868  GLU A C   1 
ATOM   49   O O   . GLU A 1 7  ? -30.158 -21.282 9.164   1.00 41.98  ? 868  GLU A O   1 
ATOM   50   C CB  . GLU A 1 7  ? -32.648 -23.119 10.051  1.00 33.69  ? 868  GLU A CB  1 
ATOM   51   C CG  . GLU A 1 7  ? -31.431 -24.045 10.188  1.00 53.46  ? 868  GLU A CG  1 
ATOM   52   C CD  . GLU A 1 7  ? -31.825 -25.509 10.436  1.00 75.23  ? 868  GLU A CD  1 
ATOM   53   O OE1 . GLU A 1 7  ? -30.979 -26.284 10.948  1.00 64.69  ? 868  GLU A OE1 1 
ATOM   54   O OE2 . GLU A 1 7  ? -32.983 -25.881 10.121  1.00 54.45  ? 868  GLU A OE2 1 
ATOM   55   N N   . ALA A 1 8  ? -31.836 -20.950 7.714   1.00 36.81  ? 869  ALA A N   1 
ATOM   56   C CA  . ALA A 1 8  ? -30.972 -20.558 6.614   1.00 27.59  ? 869  ALA A CA  1 
ATOM   57   C C   . ALA A 1 8  ? -30.634 -19.083 6.654   1.00 32.15  ? 869  ALA A C   1 
ATOM   58   O O   . ALA A 1 8  ? -29.620 -18.676 6.080   1.00 36.96  ? 869  ALA A O   1 
ATOM   59   C CB  . ALA A 1 8  ? -31.642 -20.886 5.282   1.00 32.17  ? 869  ALA A CB  1 
ATOM   60   N N   . GLU A 1 9  ? -31.485 -18.276 7.280   1.00 39.25  ? 870  GLU A N   1 
ATOM   61   C CA  . GLU A 1 9  ? -31.153 -16.876 7.497   1.00 29.19  ? 870  GLU A CA  1 
ATOM   62   C C   . GLU A 1 9  ? -30.165 -16.738 8.635   1.00 20.65  ? 870  GLU A C   1 
ATOM   63   O O   . GLU A 1 9  ? -29.238 -15.930 8.567   1.00 24.04  ? 870  GLU A O   1 
ATOM   64   C CB  . GLU A 1 9  ? -32.425 -16.080 7.798   1.00 45.99  ? 870  GLU A CB  1 
ATOM   65   C CG  . GLU A 1 9  ? -33.403 -15.988 6.639   1.00 42.24  ? 870  GLU A CG  1 
ATOM   66   C CD  . GLU A 1 9  ? -34.777 -15.526 7.072   1.00 50.65  ? 870  GLU A CD  1 
ATOM   67   O OE1 . GLU A 1 9  ? -35.044 -15.507 8.294   1.00 48.64  ? 870  GLU A OE1 1 
ATOM   68   O OE2 . GLU A 1 9  ? -35.589 -15.182 6.182   1.00 42.63  ? 870  GLU A OE2 1 
ATOM   69   N N   . ARG A 1 10 ? -30.365 -17.522 9.689   1.00 27.16  ? 871  ARG A N   1 
ATOM   70   C CA  . ARG A 1 10 ? -29.426 -17.553 10.802  1.00 28.33  ? 871  ARG A CA  1 
ATOM   71   C C   . ARG A 1 10 ? -28.054 -18.032 10.356  1.00 34.32  ? 871  ARG A C   1 
ATOM   72   O O   . ARG A 1 10 ? -27.026 -17.564 10.849  1.00 37.91  ? 871  ARG A O   1 
ATOM   73   C CB  . ARG A 1 10 ? -29.979 -18.471 11.887  1.00 25.65  ? 871  ARG A CB  1 
ATOM   74   C CG  . ARG A 1 10 ? -29.120 -18.582 13.121  1.00 26.04  ? 871  ARG A CG  1 
ATOM   75   C CD  . ARG A 1 10 ? -29.722 -19.595 14.085  1.00 40.07  ? 871  ARG A CD  1 
ATOM   76   N NE  . ARG A 1 10 ? -29.629 -20.957 13.567  1.00 52.03  ? 871  ARG A NE  1 
ATOM   77   C CZ  . ARG A 1 10 ? -30.604 -21.859 13.636  1.00 32.83  ? 871  ARG A CZ  1 
ATOM   78   N NH1 . ARG A 1 10 ? -31.765 -21.554 14.200  1.00 33.74  ? 871  ARG A NH1 1 
ATOM   79   N NH2 . ARG A 1 10 ? -30.409 -23.067 13.136  1.00 37.83  ? 871  ARG A NH2 1 
ATOM   80   N N   . MET A 1 11 ? -28.023 -19.003 9.453   1.00 48.92  ? 872  MET A N   1 
ATOM   81   C CA  . MET A 1 11 ? -26.759 -19.539 8.982   1.00 27.46  ? 872  MET A CA  1 
ATOM   82   C C   . MET A 1 11 ? -26.013 -18.515 8.148   1.00 26.12  ? 872  MET A C   1 
ATOM   83   O O   . MET A 1 11 ? -24.803 -18.348 8.297   1.00 34.35  ? 872  MET A O   1 
ATOM   84   C CB  . MET A 1 11 ? -27.023 -20.804 8.179   1.00 30.75  ? 872  MET A CB  1 
ATOM   85   C CG  . MET A 1 11 ? -25.853 -21.292 7.411   1.00 43.37  ? 872  MET A CG  1 
ATOM   86   S SD  . MET A 1 11 ? -26.352 -22.649 6.379   1.00 47.41  ? 872  MET A SD  1 
ATOM   87   C CE  . MET A 1 11 ? -26.715 -21.785 4.866   1.00 31.16  ? 872  MET A CE  1 
ATOM   88   N N   . ARG A 1 12 ? -26.721 -17.818 7.269   1.00 36.53  ? 873  ARG A N   1 
ATOM   89   C CA  . ARG A 1 12 ? -26.091 -16.763 6.492   1.00 40.01  ? 873  ARG A CA  1 
ATOM   90   C C   . ARG A 1 12 ? -25.585 -15.634 7.373   1.00 36.83  ? 873  ARG A C   1 
ATOM   91   O O   . ARG A 1 12 ? -24.565 -15.012 7.066   1.00 38.09  ? 873  ARG A O   1 
ATOM   92   C CB  . ARG A 1 12 ? -27.066 -16.212 5.465   1.00 26.44  ? 873  ARG A CB  1 
ATOM   93   C CG  . ARG A 1 12 ? -26.468 -15.097 4.641   1.00 52.43  ? 873  ARG A CG  1 
ATOM   94   C CD  . ARG A 1 12 ? -27.497 -14.463 3.754   1.00 40.13  ? 873  ARG A CD  1 
ATOM   95   N NE  . ARG A 1 12 ? -28.834 -14.549 4.336   1.00 50.92  ? 873  ARG A NE  1 
ATOM   96   C CZ  . ARG A 1 12 ? -29.387 -13.605 5.087   1.00 42.95  ? 873  ARG A CZ  1 
ATOM   97   N NH1 . ARG A 1 12 ? -28.712 -12.495 5.355   1.00 39.39  ? 873  ARG A NH1 1 
ATOM   98   N NH2 . ARG A 1 12 ? -30.616 -13.779 5.565   1.00 45.03  ? 873  ARG A NH2 1 
ATOM   99   N N   . LEU A 1 13 ? -26.271 -15.345 8.464   1.00 35.19  ? 874  LEU A N   1 
ATOM   100  C CA  . LEU A 1 13 ? -25.780 -14.299 9.340   1.00 28.98  ? 874  LEU A CA  1 
ATOM   101  C C   . LEU A 1 13 ? -24.517 -14.735 10.062  1.00 34.79  ? 874  LEU A C   1 
ATOM   102  O O   . LEU A 1 13 ? -23.552 -13.971 10.138  1.00 61.50  ? 874  LEU A O   1 
ATOM   103  C CB  . LEU A 1 13 ? -26.853 -13.891 10.332  1.00 33.15  ? 874  LEU A CB  1 
ATOM   104  C CG  . LEU A 1 13 ? -27.549 -12.569 10.014  1.00 41.63  ? 874  LEU A CG  1 
ATOM   105  C CD1 . LEU A 1 13 ? -28.034 -12.525 8.579   1.00 46.47  ? 874  LEU A CD1 1 
ATOM   106  C CD2 . LEU A 1 13 ? -28.714 -12.366 10.963  1.00 38.72  ? 874  LEU A CD2 1 
ATOM   107  N N   . ALA A 1 14 ? -24.488 -15.951 10.600  1.00 41.32  ? 875  ALA A N   1 
ATOM   108  C CA  . ALA A 1 14 ? -23.253 -16.425 11.220  1.00 37.51  ? 875  ALA A CA  1 
ATOM   109  C C   . ALA A 1 14 ? -22.091 -16.393 10.234  1.00 41.56  ? 875  ALA A C   1 
ATOM   110  O O   . ALA A 1 14 ? -20.950 -16.113 10.616  1.00 45.33  ? 875  ALA A O   1 
ATOM   111  C CB  . ALA A 1 14 ? -23.445 -17.832 11.768  1.00 24.72  ? 875  ALA A CB  1 
ATOM   112  N N   . GLU A 1 15 ? -22.370 -16.666 8.958   1.00 40.45  ? 876  GLU A N   1 
ATOM   113  C CA  . GLU A 1 15 ? -21.331 -16.671 7.937   1.00 29.70  ? 876  GLU A CA  1 
ATOM   114  C C   . GLU A 1 15 ? -20.777 -15.276 7.713   1.00 46.50  ? 876  GLU A C   1 
ATOM   115  O O   . GLU A 1 15 ? -19.558 -15.074 7.706   1.00 43.24  ? 876  GLU A O   1 
ATOM   116  C CB  . GLU A 1 15 ? -21.891 -17.222 6.629   1.00 37.34  ? 876  GLU A CB  1 
ATOM   117  C CG  . GLU A 1 15 ? -22.309 -18.672 6.689   1.00 43.89  ? 876  GLU A CG  1 
ATOM   118  C CD  . GLU A 1 15 ? -23.138 -19.071 5.498   1.00 61.07  ? 876  GLU A CD  1 
ATOM   119  O OE1 . GLU A 1 15 ? -23.320 -18.225 4.596   1.00 66.12  ? 876  GLU A OE1 1 
ATOM   120  O OE2 . GLU A 1 15 ? -23.611 -20.224 5.458   1.00 60.32  ? 876  GLU A OE2 1 
ATOM   121  N N   . GLU A 1 16 ? -21.667 -14.308 7.485   1.00 43.13  ? 877  GLU A N   1 
ATOM   122  C CA  . GLU A 1 16 ? -21.259 -12.912 7.390   1.00 28.56  ? 877  GLU A CA  1 
ATOM   123  C C   . GLU A 1 16 ? -20.520 -12.472 8.649   1.00 30.84  ? 877  GLU A C   1 
ATOM   124  O O   . GLU A 1 16 ? -19.562 -11.696 8.583   1.00 44.30  ? 877  GLU A O   1 
ATOM   125  C CB  . GLU A 1 16 ? -22.493 -12.034 7.147   1.00 43.09  ? 877  GLU A CB  1 
ATOM   126  C CG  . GLU A 1 16 ? -23.350 -12.477 5.941   1.00 62.40  ? 877  GLU A CG  1 
ATOM   127  C CD  . GLU A 1 16 ? -24.581 -11.603 5.676   1.00 59.73  ? 877  GLU A CD  1 
ATOM   128  O OE1 . GLU A 1 16 ? -25.024 -10.877 6.590   1.00 51.50  ? 877  GLU A OE1 1 
ATOM   129  O OE2 . GLU A 1 16 ? -25.106 -11.652 4.539   1.00 54.19  ? 877  GLU A OE2 1 
ATOM   130  N N   . GLU A 1 17 ? -20.954 -12.965 9.800   1.00 35.77  ? 878  GLU A N   1 
ATOM   131  C CA  . GLU A 1 17 ? -20.272 -12.683 11.053  1.00 34.41  ? 878  GLU A CA  1 
ATOM   132  C C   . GLU A 1 17 ? -18.819 -13.120 10.992  1.00 42.02  ? 878  GLU A C   1 
ATOM   133  O O   . GLU A 1 17 ? -17.901 -12.330 11.236  1.00 38.09  ? 878  GLU A O   1 
ATOM   134  C CB  . GLU A 1 17 ? -20.999 -13.408 12.184  1.00 43.28  ? 878  GLU A CB  1 
ATOM   135  C CG  . GLU A 1 17 ? -20.310 -13.330 13.501  1.00 43.75  ? 878  GLU A CG  1 
ATOM   136  C CD  . GLU A 1 17 ? -20.635 -12.063 14.220  1.00 51.22  ? 878  GLU A CD  1 
ATOM   137  O OE1 . GLU A 1 17 ? -21.250 -12.156 15.298  1.00 43.93  ? 878  GLU A OE1 1 
ATOM   138  O OE2 . GLU A 1 17 ? -20.272 -10.975 13.714  1.00 47.51  ? 878  GLU A OE2 1 
ATOM   139  N N   . LYS A 1 18 ? -18.592 -14.384 10.650  1.00 44.82  ? 879  LYS A N   1 
ATOM   140  C CA  . LYS A 1 18 ? -17.252 -14.934 10.741  1.00 36.62  ? 879  LYS A CA  1 
ATOM   141  C C   . LYS A 1 18 ? -16.352 -14.454 9.611   1.00 32.48  ? 879  LYS A C   1 
ATOM   142  O O   . LYS A 1 18 ? -15.131 -14.437 9.776   1.00 40.08  ? 879  LYS A O   1 
ATOM   143  C CB  . LYS A 1 18 ? -17.304 -16.462 10.775  1.00 48.71  ? 879  LYS A CB  1 
ATOM   144  C CG  . LYS A 1 18 ? -18.171 -17.084 11.881  1.00 58.34  ? 879  LYS A CG  1 
ATOM   145  C CD  . LYS A 1 18 ? -18.452 -16.184 13.104  1.00 75.51  ? 879  LYS A CD  1 
ATOM   146  C CE  . LYS A 1 18 ? -17.321 -16.114 14.127  1.00 62.15  ? 879  LYS A CE  1 
ATOM   147  N NZ  . LYS A 1 18 ? -17.806 -15.506 15.404  1.00 71.12  ? 879  LYS A NZ  1 
ATOM   148  N N   . LEU A 1 19 ? -16.912 -14.093 8.456   1.00 33.24  ? 880  LEU A N   1 
ATOM   149  C CA  . LEU A 1 19 ? -16.140 -13.297 7.509   1.00 21.14  ? 880  LEU A CA  1 
ATOM   150  C C   . LEU A 1 19 ? -15.624 -12.051 8.194   1.00 34.57  ? 880  LEU A C   1 
ATOM   151  O O   . LEU A 1 19 ? -14.420 -11.786 8.201   1.00 40.38  ? 880  LEU A O   1 
ATOM   152  C CB  . LEU A 1 19 ? -16.991 -12.895 6.314   1.00 20.32  ? 880  LEU A CB  1 
ATOM   153  C CG  . LEU A 1 19 ? -16.826 -13.472 4.908   1.00 24.92  ? 880  LEU A CG  1 
ATOM   154  C CD1 . LEU A 1 19 ? -17.857 -12.830 4.033   1.00 23.82  ? 880  LEU A CD1 1 
ATOM   155  C CD2 . LEU A 1 19 ? -15.497 -13.247 4.306   1.00 26.44  ? 880  LEU A CD2 1 
ATOM   156  N N   . ARG A 1 20 ? -16.537 -11.286 8.799   1.00 34.53  ? 881  ARG A N   1 
ATOM   157  C CA  . ARG A 1 20 ? -16.176 -10.054 9.477   1.00 35.21  ? 881  ARG A CA  1 
ATOM   158  C C   . ARG A 1 20 ? -15.105 -10.308 10.514  1.00 32.01  ? 881  ARG A C   1 
ATOM   159  O O   . ARG A 1 20 ? -14.142 -9.545  10.634  1.00 47.95  ? 881  ARG A O   1 
ATOM   160  C CB  . ARG A 1 20 ? -17.409 -9.426  10.130  1.00 34.05  ? 881  ARG A CB  1 
ATOM   161  C CG  . ARG A 1 20 ? -17.295 -7.902  10.296  1.00 59.77  ? 881  ARG A CG  1 
ATOM   162  C CD  . ARG A 1 20 ? -18.139 -7.347  11.447  1.00 47.96  ? 881  ARG A CD  1 
ATOM   163  N NE  . ARG A 1 20 ? -17.928 -8.059  12.709  1.00 24.87  ? 881  ARG A NE  1 
ATOM   164  C CZ  . ARG A 1 20 ? -16.800 -8.048  13.403  1.00 37.12  ? 881  ARG A CZ  1 
ATOM   165  N NH1 . ARG A 1 20 ? -15.748 -7.367  12.968  1.00 42.88  ? 881  ARG A NH1 1 
ATOM   166  N NH2 . ARG A 1 20 ? -16.718 -8.729  14.533  1.00 42.95  ? 881  ARG A NH2 1 
ATOM   167  N N   . LYS A 1 21 ? -15.234 -11.400 11.252  1.00 45.07  ? 882  LYS A N   1 
ATOM   168  C CA  . LYS A 1 21 ? -14.205 -11.715 12.226  1.00 51.66  ? 882  LYS A CA  1 
ATOM   169  C C   . LYS A 1 21 ? -12.868 -12.067 11.591  1.00 55.47  ? 882  LYS A C   1 
ATOM   170  O O   . LYS A 1 21 ? -11.869 -12.168 12.306  1.00 52.73  ? 882  LYS A O   1 
ATOM   171  C CB  . LYS A 1 21 ? -14.666 -12.862 13.102  1.00 25.85  ? 882  LYS A CB  1 
ATOM   172  C CG  . LYS A 1 21 ? -15.342 -12.436 14.372  1.00 44.65  ? 882  LYS A CG  1 
ATOM   173  C CD  . LYS A 1 21 ? -16.788 -12.057 14.176  1.00 47.92  ? 882  LYS A CD  1 
ATOM   174  C CE  . LYS A 1 21 ? -17.538 -12.279 15.479  1.00 53.74  ? 882  LYS A CE  1 
ATOM   175  N NZ  . LYS A 1 21 ? -18.421 -11.151 15.853  1.00 55.63  ? 882  LYS A NZ  1 
ATOM   176  N N   . GLU A 1 22 ? -12.814 -12.244 10.283  1.00 44.67  ? 883  GLU A N   1 
ATOM   177  C CA  . GLU A 1 22 ? -11.620 -12.779 9.664   1.00 30.81  ? 883  GLU A CA  1 
ATOM   178  C C   . GLU A 1 22 ? -11.073 -11.946 8.518   1.00 24.75  ? 883  GLU A C   1 
ATOM   179  O O   . GLU A 1 22 ? -9.887  -12.049 8.218   1.00 29.04  ? 883  GLU A O   1 
ATOM   180  C CB  . GLU A 1 22 ? -11.900 -14.203 9.183   1.00 49.58  ? 883  GLU A CB  1 
ATOM   181  C CG  . GLU A 1 22 ? -10.773 -15.152 9.380   1.00 57.37  ? 883  GLU A CG  1 
ATOM   182  C CD  . GLU A 1 22 ? -10.823 -16.274 8.399   1.00 42.00  ? 883  GLU A CD  1 
ATOM   183  O OE1 . GLU A 1 22 ? -11.828 -16.342 7.668   1.00 44.23  ? 883  GLU A OE1 1 
ATOM   184  O OE2 . GLU A 1 22 ? -9.865  -17.075 8.359   1.00 48.06  ? 883  GLU A OE2 1 
ATOM   185  N N   . MET A 1 23 ? -11.879 -11.138 7.861   1.00 29.85  ? 884  MET A N   1 
ATOM   186  C CA  . MET A 1 23 ? -11.264 -10.039 7.154   1.00 33.79  ? 884  MET A CA  1 
ATOM   187  C C   . MET A 1 23 ? -10.625 -9.093  8.152   1.00 39.15  ? 884  MET A C   1 
ATOM   188  O O   . MET A 1 23 ? -9.586  -8.492  7.863   1.00 33.56  ? 884  MET A O   1 
ATOM   189  C CB  . MET A 1 23 ? -12.284 -9.314  6.277   1.00 45.14  ? 884  MET A CB  1 
ATOM   190  C CG  . MET A 1 23 ? -12.838 -10.135 5.108   1.00 47.27  ? 884  MET A CG  1 
ATOM   191  S SD  . MET A 1 23 ? -11.752 -10.407 3.682   1.00 44.14  ? 884  MET A SD  1 
ATOM   192  C CE  . MET A 1 23 ? -11.545 -8.764  3.039   1.00 47.78  ? 884  MET A CE  1 
ATOM   193  N N   . SER A 1 24 ? -11.210 -8.985  9.346   1.00 39.26  ? 885  SER A N   1 
ATOM   194  C CA  . SER A 1 24 ? -10.616 -8.159  10.390  1.00 46.56  ? 885  SER A CA  1 
ATOM   195  C C   . SER A 1 24 ? -9.242  -8.678  10.783  1.00 33.53  ? 885  SER A C   1 
ATOM   196  O O   . SER A 1 24 ? -8.307  -7.896  10.978  1.00 41.34  ? 885  SER A O   1 
ATOM   197  C CB  . SER A 1 24 ? -11.532 -8.099  11.613  1.00 53.12  ? 885  SER A CB  1 
ATOM   198  O OG  . SER A 1 24 ? -12.423 -6.997  11.540  1.00 55.29  ? 885  SER A OG  1 
ATOM   199  N N   . ALA A 1 25 ? -9.103  -9.988  10.920  1.00 28.70  ? 886  ALA A N   1 
ATOM   200  C CA  . ALA A 1 25 ? -7.795  -10.537 11.239  1.00 32.05  ? 886  ALA A CA  1 
ATOM   201  C C   . ALA A 1 25 ? -6.805  -10.315 10.101  1.00 34.91  ? 886  ALA A C   1 
ATOM   202  O O   . ALA A 1 25 ? -5.639  -9.995  10.345  1.00 36.43  ? 886  ALA A O   1 
ATOM   203  C CB  . ALA A 1 25 ? -7.904  -12.021 11.563  1.00 38.31  ? 886  ALA A CB  1 
ATOM   204  N N   . LYS A 1 26 ? -7.241  -10.476 8.854   1.00 34.98  ? 887  LYS A N   1 
ATOM   205  C CA  . LYS A 1 26 ? -6.310  -10.306 7.745   1.00 32.60  ? 887  LYS A CA  1 
ATOM   206  C C   . LYS A 1 26 ? -5.725  -8.907  7.736   1.00 32.70  ? 887  LYS A C   1 
ATOM   207  O O   . LYS A 1 26 ? -4.517  -8.737  7.550   1.00 42.22  ? 887  LYS A O   1 
ATOM   208  C CB  . LYS A 1 26 ? -6.997  -10.592 6.418   1.00 34.47  ? 887  LYS A CB  1 
ATOM   209  C CG  . LYS A 1 26 ? -6.059  -10.461 5.262   1.00 37.16  ? 887  LYS A CG  1 
ATOM   210  C CD  . LYS A 1 26 ? -6.737  -10.834 3.970   1.00 45.40  ? 887  LYS A CD  1 
ATOM   211  C CE  . LYS A 1 26 ? -7.572  -9.691  3.457   1.00 53.10  ? 887  LYS A CE  1 
ATOM   212  N NZ  . LYS A 1 26 ? -6.741  -8.716  2.692   1.00 46.97  ? 887  LYS A NZ  1 
ATOM   213  N N   . LYS A 1 27 ? -6.563  -7.895  7.957   1.00 25.58  ? 888  LYS A N   1 
ATOM   214  C CA  . LYS A 1 27 ? -6.084  -6.525  7.938   1.00 27.51  ? 888  LYS A CA  1 
ATOM   215  C C   . LYS A 1 27 ? -5.051  -6.301  9.026   1.00 24.07  ? 888  LYS A C   1 
ATOM   216  O O   . LYS A 1 27 ? -4.002  -5.715  8.779   1.00 32.70  ? 888  LYS A O   1 
ATOM   217  C CB  . LYS A 1 27 ? -7.256  -5.537  8.069   1.00 45.91  ? 888  LYS A CB  1 
ATOM   218  C CG  . LYS A 1 27 ? -7.749  -5.202  9.511   1.00 79.84  ? 888  LYS A CG  1 
ATOM   219  C CD  . LYS A 1 27 ? -8.892  -4.143  9.558   1.00 62.96  ? 888  LYS A CD  1 
ATOM   220  C CE  . LYS A 1 27 ? -9.665  -4.163  10.896  1.00 43.47  ? 888  LYS A CE  1 
ATOM   221  N NZ  . LYS A 1 27 ? -10.994 -3.482  10.823  1.00 36.12  ? 888  LYS A NZ  1 
ATOM   222  N N   . ALA A 1 28 ? -5.306  -6.795  10.227  1.00 29.53  ? 889  ALA A N   1 
ATOM   223  C CA  . ALA A 1 28 ? -4.382  -6.507  11.312  1.00 25.34  ? 889  ALA A CA  1 
ATOM   224  C C   . ALA A 1 28 ? -3.072  -7.252  11.147  1.00 27.75  ? 889  ALA A C   1 
ATOM   225  O O   . ALA A 1 28 ? -2.034  -6.777  11.604  1.00 31.52  ? 889  ALA A O   1 
ATOM   226  C CB  . ALA A 1 28 ? -5.017  -6.853  12.651  1.00 40.84  ? 889  ALA A CB  1 
ATOM   227  N N   . LYS A 1 29 ? -3.098  -8.426  10.530  1.00 28.66  ? 890  LYS A N   1 
ATOM   228  C CA  . LYS A 1 29 ? -1.844  -9.075  10.205  1.00 23.11  ? 890  LYS A CA  1 
ATOM   229  C C   . LYS A 1 29 ? -1.141  -8.395  9.046   1.00 26.85  ? 890  LYS A C   1 
ATOM   230  O O   . LYS A 1 29 ? 0.075   -8.514  8.913   1.00 44.87  ? 890  LYS A O   1 
ATOM   231  C CB  . LYS A 1 29 ? -2.081  -10.544 9.891   1.00 22.25  ? 890  LYS A CB  1 
ATOM   232  C CG  . LYS A 1 29 ? -2.091  -11.412 11.137  1.00 45.56  ? 890  LYS A CG  1 
ATOM   233  C CD  . LYS A 1 29 ? -1.632  -12.829 10.848  1.00 46.36  ? 890  LYS A CD  1 
ATOM   234  C CE  . LYS A 1 29 ? -2.803  -13.803 10.852  1.00 48.22  ? 890  LYS A CE  1 
ATOM   235  N NZ  . LYS A 1 29 ? -3.333  -14.054 12.224  1.00 69.83  ? 890  LYS A NZ  1 
ATOM   236  N N   . GLU A 1 30 ? -1.874  -7.705  8.196   1.00 22.07  ? 891  GLU A N   1 
ATOM   237  C CA  . GLU A 1 30 ? -1.231  -6.912  7.165   1.00 22.97  ? 891  GLU A CA  1 
ATOM   238  C C   . GLU A 1 30 ? -0.656  -5.606  7.708   1.00 27.52  ? 891  GLU A C   1 
ATOM   239  O O   . GLU A 1 30 ? 0.313   -5.080  7.158   1.00 31.68  ? 891  GLU A O   1 
ATOM   240  C CB  . GLU A 1 30 ? -2.235  -6.617  6.051   1.00 19.77  ? 891  GLU A CB  1 
ATOM   241  C CG  . GLU A 1 30 ? -2.605  -7.823  5.285   1.00 21.23  ? 891  GLU A CG  1 
ATOM   242  C CD  . GLU A 1 30 ? -3.460  -7.507  4.109   1.00 29.54  ? 891  GLU A CD  1 
ATOM   243  O OE1 . GLU A 1 30 ? -4.003  -6.393  4.068   1.00 28.37  ? 891  GLU A OE1 1 
ATOM   244  O OE2 . GLU A 1 30 ? -3.596  -8.373  3.226   1.00 33.70  ? 891  GLU A OE2 1 
ATOM   245  N N   . GLU A 1 31 ? -1.259  -5.040  8.740   1.00 25.68  ? 892  GLU A N   1 
ATOM   246  C CA  . GLU A 1 31 ? -0.760  -3.780  9.260   1.00 35.06  ? 892  GLU A CA  1 
ATOM   247  C C   . GLU A 1 31 ? 0.421   -4.010  10.184  1.00 35.56  ? 892  GLU A C   1 
ATOM   248  O O   . GLU A 1 31 ? 1.399   -3.259  10.151  1.00 41.17  ? 892  GLU A O   1 
ATOM   249  C CB  . GLU A 1 31 ? -1.874  -3.036  9.988   1.00 34.72  ? 892  GLU A CB  1 
ATOM   250  C CG  . GLU A 1 31 ? -1.368  -1.849  10.797  1.00 60.10  ? 892  GLU A CG  1 
ATOM   251  C CD  . GLU A 1 31 ? -0.862  -0.694  9.936   1.00 67.69  ? 892  GLU A CD  1 
ATOM   252  O OE1 . GLU A 1 31 ? -1.590  -0.283  9.011   1.00 71.95  ? 892  GLU A OE1 1 
ATOM   253  O OE2 . GLU A 1 31 ? 0.262   -0.196  10.176  1.00 59.25  ? 892  GLU A OE2 1 
ATOM   254  N N   . ALA A 1 32 ? 0.341   -5.039  11.015  1.00 28.25  ? 893  ALA A N   1 
ATOM   255  C CA  . ALA A 1 32 ? 1.497   -5.430  11.801  1.00 33.22  ? 893  ALA A CA  1 
ATOM   256  C C   . ALA A 1 32 ? 2.743   -5.482  10.933  1.00 34.54  ? 893  ALA A C   1 
ATOM   257  O O   . ALA A 1 32 ? 3.753   -4.833  11.228  1.00 36.98  ? 893  ALA A O   1 
ATOM   258  C CB  . ALA A 1 32 ? 1.243   -6.782  12.457  1.00 29.25  ? 893  ALA A CB  1 
ATOM   259  N N   . GLU A 1 33 ? 2.671   -6.209  9.824   1.00 26.30  ? 894  GLU A N   1 
ATOM   260  C CA  . GLU A 1 33 ? 3.844   -6.309  8.967   1.00 36.04  ? 894  GLU A CA  1 
ATOM   261  C C   . GLU A 1 33 ? 4.136   -5.011  8.215   1.00 29.13  ? 894  GLU A C   1 
ATOM   262  O O   . GLU A 1 33 ? 5.203   -4.874  7.624   1.00 28.69  ? 894  GLU A O   1 
ATOM   263  C CB  . GLU A 1 33 ? 3.669   -7.483  7.995   1.00 37.26  ? 894  GLU A CB  1 
ATOM   264  C CG  . GLU A 1 33 ? 4.933   -7.872  7.198   1.00 51.13  ? 894  GLU A CG  1 
ATOM   265  C CD  . GLU A 1 33 ? 5.894   -8.775  7.962   1.00 36.07  ? 894  GLU A CD  1 
ATOM   266  O OE1 . GLU A 1 33 ? 5.532   -9.214  9.071   1.00 49.84  ? 894  GLU A OE1 1 
ATOM   267  O OE2 . GLU A 1 33 ? 7.005   -9.056  7.460   1.00 41.61  ? 894  GLU A OE2 1 
ATOM   268  N N   . ARG A 1 34 ? 3.234   -4.048  8.224   1.00 28.02  ? 895  ARG A N   1 
ATOM   269  C CA  . ARG A 1 34 ? 3.560   -2.819  7.536   1.00 18.16  ? 895  ARG A CA  1 
ATOM   270  C C   . ARG A 1 34 ? 4.402   -1.931  8.423   1.00 22.02  ? 895  ARG A C   1 
ATOM   271  O O   . ARG A 1 34 ? 5.404   -1.369  7.980   1.00 26.48  ? 895  ARG A O   1 
ATOM   272  C CB  . ARG A 1 34 ? 2.290   -2.082  7.105   1.00 26.59  ? 895  ARG A CB  1 
ATOM   273  C CG  . ARG A 1 34 ? 2.586   -0.790  6.330   1.00 25.18  ? 895  ARG A CG  1 
ATOM   274  C CD  . ARG A 1 34 ? 1.452   0.223   6.365   1.00 30.36  ? 895  ARG A CD  1 
ATOM   275  N NE  . ARG A 1 34 ? 1.189   0.719   7.708   1.00 34.76  ? 895  ARG A NE  1 
ATOM   276  C CZ  . ARG A 1 34 ? 1.397   1.965   8.106   1.00 33.62  ? 895  ARG A CZ  1 
ATOM   277  N NH1 . ARG A 1 34 ? 1.867   2.871   7.257   1.00 52.45  ? 895  ARG A NH1 1 
ATOM   278  N NH2 . ARG A 1 34 ? 1.118   2.310   9.357   1.00 49.24  ? 895  ARG A NH2 1 
ATOM   279  N N   . LYS A 1 35 ? 3.988   -1.757  9.669   1.00 29.17  ? 896  LYS A N   1 
ATOM   280  C CA  . LYS A 1 35 ? 4.804   -0.972  10.570  1.00 31.45  ? 896  LYS A CA  1 
ATOM   281  C C   . LYS A 1 35 ? 6.128   -1.661  10.809  1.00 27.83  ? 896  LYS A C   1 
ATOM   282  O O   . LYS A 1 35 ? 7.141   -0.996  11.045  1.00 41.37  ? 896  LYS A O   1 
ATOM   283  C CB  . LYS A 1 35 ? 4.051   -0.725  11.870  1.00 31.50  ? 896  LYS A CB  1 
ATOM   284  C CG  . LYS A 1 35 ? 3.020   0.376   11.731  1.00 36.13  ? 896  LYS A CG  1 
ATOM   285  C CD  . LYS A 1 35 ? 2.088   0.444   12.923  1.00 48.86  ? 896  LYS A CD  1 
ATOM   286  C CE  . LYS A 1 35 ? 1.260   -0.816  13.042  1.00 53.72  ? 896  LYS A CE  1 
ATOM   287  N NZ  . LYS A 1 35 ? 0.095   -0.653  13.954  1.00 46.96  ? 896  LYS A NZ  1 
ATOM   288  N N   . HIS A 1 36 ? 6.152   -2.986  10.695  1.00 27.31  ? 897  HIS A N   1 
ATOM   289  C CA  . HIS A 1 36 ? 7.400   -3.718  10.840  1.00 23.58  ? 897  HIS A CA  1 
ATOM   290  C C   . HIS A 1 36 ? 8.387   -3.298  9.768   1.00 25.13  ? 897  HIS A C   1 
ATOM   291  O O   . HIS A 1 36 ? 9.492   -2.837  10.061  1.00 30.19  ? 897  HIS A O   1 
ATOM   292  C CB  . HIS A 1 36 ? 7.136   -5.222  10.781  1.00 21.05  ? 897  HIS A CB  1 
ATOM   293  C CG  . HIS A 1 36 ? 8.371   -6.070  10.843  1.00 24.21  ? 897  HIS A CG  1 
ATOM   294  N ND1 . HIS A 1 36 ? 9.164   -6.159  11.966  1.00 26.84  ? 897  HIS A ND1 1 
ATOM   295  C CD2 . HIS A 1 36 ? 8.945   -6.880  9.918   1.00 30.25  ? 897  HIS A CD2 1 
ATOM   296  C CE1 . HIS A 1 36 ? 10.176  -6.974  11.728  1.00 28.34  ? 897  HIS A CE1 1 
ATOM   297  N NE2 . HIS A 1 36 ? 10.066  -7.425  10.492  1.00 35.73  ? 897  HIS A NE2 1 
ATOM   298  N N   . GLN A 1 37 ? 7.988   -3.432  8.515   1.00 34.22  ? 898  GLN A N   1 
ATOM   299  C CA  . GLN A 1 37 ? 8.908   -3.162  7.424   1.00 24.48  ? 898  GLN A CA  1 
ATOM   300  C C   . GLN A 1 37 ? 9.249   -1.683  7.331   1.00 22.15  ? 898  GLN A C   1 
ATOM   301  O O   . GLN A 1 37 ? 10.369  -1.319  6.965   1.00 29.91  ? 898  GLN A O   1 
ATOM   302  C CB  . GLN A 1 37 ? 8.301   -3.669  6.126   1.00 25.10  ? 898  GLN A CB  1 
ATOM   303  C CG  . GLN A 1 37 ? 8.071   -5.134  6.153   1.00 27.17  ? 898  GLN A CG  1 
ATOM   304  C CD  . GLN A 1 37 ? 9.087   -5.862  5.348   1.00 38.69  ? 898  GLN A CD  1 
ATOM   305  O OE1 . GLN A 1 37 ? 9.774   -6.750  5.843   1.00 53.57  ? 898  GLN A OE1 1 
ATOM   306  N NE2 . GLN A 1 37 ? 9.204   -5.484  4.083   1.00 43.27  ? 898  GLN A NE2 1 
ATOM   307  N N   . GLU A 1 38 ? 8.295   -0.817  7.647   1.00 26.91  ? 899  GLU A N   1 
ATOM   308  C CA  . GLU A 1 38 ? 8.574   0.608   7.637   1.00 25.10  ? 899  GLU A CA  1 
ATOM   309  C C   . GLU A 1 38 ? 9.578   0.958   8.719   1.00 28.47  ? 899  GLU A C   1 
ATOM   310  O O   . GLU A 1 38 ? 10.453  1.805   8.522   1.00 36.07  ? 899  GLU A O   1 
ATOM   311  C CB  . GLU A 1 38 ? 7.264   1.388   7.800   1.00 50.12  ? 899  GLU A CB  1 
ATOM   312  C CG  . GLU A 1 38 ? 7.332   2.692   8.621   1.00 89.44  ? 899  GLU A CG  1 
ATOM   313  C CD  . GLU A 1 38 ? 5.982   3.435   8.712   1.00 90.88  ? 899  GLU A CD  1 
ATOM   314  O OE1 . GLU A 1 38 ? 5.176   3.092   9.613   1.00 75.14  ? 899  GLU A OE1 1 
ATOM   315  O OE2 . GLU A 1 38 ? 5.750   4.373   7.905   1.00 68.37  ? 899  GLU A OE2 1 
ATOM   316  N N   . ARG A 1 39 ? 9.466   0.301   9.864   1.00 32.44  ? 900  ARG A N   1 
ATOM   317  C CA  . ARG A 1 39 ? 10.404  0.522   10.948  1.00 26.36  ? 900  ARG A CA  1 
ATOM   318  C C   . ARG A 1 39 ? 11.785  0.010   10.582  1.00 23.24  ? 900  ARG A C   1 
ATOM   319  O O   . ARG A 1 39 ? 12.788  0.637   10.918  1.00 33.32  ? 900  ARG A O   1 
ATOM   320  C CB  . ARG A 1 39 ? 9.868   -0.167  12.203  1.00 26.56  ? 900  ARG A CB  1 
ATOM   321  C CG  . ARG A 1 39 ? 10.771  -0.195  13.377  1.00 22.68  ? 900  ARG A CG  1 
ATOM   322  C CD  . ARG A 1 39 ? 11.017  1.188   13.898  1.00 42.43  ? 900  ARG A CD  1 
ATOM   323  N NE  . ARG A 1 39 ? 11.288  1.116   15.320  1.00 35.68  ? 900  ARG A NE  1 
ATOM   324  C CZ  . ARG A 1 39 ? 12.281  1.746   15.918  1.00 30.09  ? 900  ARG A CZ  1 
ATOM   325  N NH1 . ARG A 1 39 ? 13.074  2.529   15.215  1.00 54.58  ? 900  ARG A NH1 1 
ATOM   326  N NH2 . ARG A 1 39 ? 12.455  1.620   17.220  1.00 41.48  ? 900  ARG A NH2 1 
ATOM   327  N N   . LEU A 1 40 ? 11.853  -1.112  9.872   1.00 27.07  ? 901  LEU A N   1 
ATOM   328  C CA  . LEU A 1 40 ? 13.127  -1.710  9.508   1.00 18.76  ? 901  LEU A CA  1 
ATOM   329  C C   . LEU A 1 40 ? 13.833  -0.962  8.390   1.00 28.57  ? 901  LEU A C   1 
ATOM   330  O O   . LEU A 1 40 ? 15.061  -1.012  8.302   1.00 32.65  ? 901  LEU A O   1 
ATOM   331  C CB  . LEU A 1 40 ? 12.942  -3.162  9.065   1.00 27.75  ? 901  LEU A CB  1 
ATOM   332  C CG  . LEU A 1 40 ? 12.706  -4.366  9.985   1.00 33.89  ? 901  LEU A CG  1 
ATOM   333  C CD1 . LEU A 1 40 ? 12.658  -5.641  9.161   1.00 24.05  ? 901  LEU A CD1 1 
ATOM   334  C CD2 . LEU A 1 40 ? 13.787  -4.495  11.025  1.00 47.77  ? 901  LEU A CD2 1 
ATOM   335  N N   . ALA A 1 41 ? 13.098  -0.314  7.495   1.00 35.84  ? 902  ALA A N   1 
ATOM   336  C CA  . ALA A 1 41 ? 13.786  0.472   6.482   1.00 24.54  ? 902  ALA A CA  1 
ATOM   337  C C   . ALA A 1 41 ? 14.189  1.834   7.032   1.00 27.41  ? 902  ALA A C   1 
ATOM   338  O O   . ALA A 1 41 ? 15.259  2.346   6.691   1.00 25.31  ? 902  ALA A O   1 
ATOM   339  C CB  . ALA A 1 41 ? 12.916  0.626   5.242   1.00 36.56  ? 902  ALA A CB  1 
ATOM   340  N N   . GLN A 1 42 ? 13.345  2.427   7.881   1.00 27.79  ? 903  GLN A N   1 
ATOM   341  C CA  . GLN A 1 42 ? 13.730  3.636   8.594   1.00 27.14  ? 903  GLN A CA  1 
ATOM   342  C C   . GLN A 1 42 ? 15.057  3.442   9.285   1.00 24.95  ? 903  GLN A C   1 
ATOM   343  O O   . GLN A 1 42 ? 15.995  4.219   9.098   1.00 42.19  ? 903  GLN A O   1 
ATOM   344  C CB  . GLN A 1 42 ? 12.684  4.010   9.636   1.00 30.86  ? 903  GLN A CB  1 
ATOM   345  C CG  . GLN A 1 42 ? 13.243  4.923   10.707  1.00 35.95  ? 903  GLN A CG  1 
ATOM   346  C CD  . GLN A 1 42 ? 12.347  5.034   11.924  1.00 50.18  ? 903  GLN A CD  1 
ATOM   347  O OE1 . GLN A 1 42 ? 11.170  4.685   11.870  1.00 59.44  ? 903  GLN A OE1 1 
ATOM   348  N NE2 . GLN A 1 42 ? 12.905  5.519   13.036  1.00 53.42  ? 903  GLN A NE2 1 
ATOM   349  N N   . LEU A 1 43 ? 15.156  2.399   10.089  1.00 31.27  ? 904  LEU A N   1 
ATOM   350  C CA  . LEU A 1 43 ? 16.401  2.149   10.789  1.00 34.06  ? 904  LEU A CA  1 
ATOM   351  C C   . LEU A 1 43 ? 17.548  1.884   9.824   1.00 41.87  ? 904  LEU A C   1 
ATOM   352  O O   . LEU A 1 43 ? 18.682  2.288   10.091  1.00 45.14  ? 904  LEU A O   1 
ATOM   353  C CB  . LEU A 1 43 ? 16.217  0.987   11.756  1.00 27.04  ? 904  LEU A CB  1 
ATOM   354  C CG  . LEU A 1 43 ? 15.327  1.265   12.967  1.00 35.09  ? 904  LEU A CG  1 
ATOM   355  C CD1 . LEU A 1 43 ? 15.204  -0.002  13.843  1.00 37.04  ? 904  LEU A CD1 1 
ATOM   356  C CD2 . LEU A 1 43 ? 15.824  2.459   13.782  1.00 22.06  ? 904  LEU A CD2 1 
ATOM   357  N N   . ALA A 1 44 ? 17.281  1.233   8.691   1.00 43.48  ? 905  ALA A N   1 
ATOM   358  C CA  . ALA A 1 44 ? 18.346  0.993   7.721   1.00 34.81  ? 905  ALA A CA  1 
ATOM   359  C C   . ALA A 1 44 ? 18.836  2.288   7.086   1.00 32.17  ? 905  ALA A C   1 
ATOM   360  O O   . ALA A 1 44 ? 19.999  2.385   6.689   1.00 27.57  ? 905  ALA A O   1 
ATOM   361  C CB  . ALA A 1 44 ? 17.867  0.034   6.636   1.00 33.40  ? 905  ALA A CB  1 
ATOM   362  N N   . ARG A 1 45 ? 17.969  3.281   6.985   1.00 34.62  ? 906  ARG A N   1 
ATOM   363  C CA  . ARG A 1 45 ? 18.305  4.506   6.287   1.00 34.42  ? 906  ARG A CA  1 
ATOM   364  C C   . ARG A 1 45 ? 19.038  5.478   7.203   1.00 42.88  ? 906  ARG A C   1 
ATOM   365  O O   . ARG A 1 45 ? 20.132  5.945   6.869   1.00 38.86  ? 906  ARG A O   1 
ATOM   366  C CB  . ARG A 1 45 ? 17.036  5.131   5.721   1.00 29.10  ? 906  ARG A CB  1 
ATOM   367  C CG  . ARG A 1 45 ? 17.218  6.522   5.165   1.00 39.39  ? 906  ARG A CG  1 
ATOM   368  C CD  . ARG A 1 45 ? 17.723  6.544   3.722   1.00 56.56  ? 906  ARG A CD  1 
ATOM   369  N NE  . ARG A 1 45 ? 17.630  7.906   3.190   1.00 49.76  ? 906  ARG A NE  1 
ATOM   370  C CZ  . ARG A 1 45 ? 17.863  8.248   1.933   1.00 39.07  ? 906  ARG A CZ  1 
ATOM   371  N NH1 . ARG A 1 45 ? 18.225  7.341   1.036   1.00 61.69  ? 906  ARG A NH1 1 
ATOM   372  N NH2 . ARG A 1 45 ? 17.736  9.508   1.577   1.00 48.17  ? 906  ARG A NH2 1 
ATOM   373  N N   . GLU A 1 46 ? 18.457  5.791   8.360   1.00 40.27  ? 907  GLU A N   1 
ATOM   374  C CA  . GLU A 1 46 ? 19.149  6.572   9.378   1.00 32.13  ? 907  GLU A CA  1 
ATOM   375  C C   . GLU A 1 46 ? 20.572  6.067   9.555   1.00 34.46  ? 907  GLU A C   1 
ATOM   376  O O   . GLU A 1 46 ? 21.523  6.844   9.649   1.00 47.68  ? 907  GLU A O   1 
ATOM   377  C CB  . GLU A 1 46 ? 18.409  6.498   10.711  1.00 39.23  ? 907  GLU A CB  1 
ATOM   378  C CG  . GLU A 1 46 ? 16.991  7.027   10.668  1.00 41.77  ? 907  GLU A CG  1 
ATOM   379  C CD  . GLU A 1 46 ? 16.177  6.652   11.899  1.00 44.14  ? 907  GLU A CD  1 
ATOM   380  O OE1 . GLU A 1 46 ? 16.435  5.577   12.491  1.00 46.18  ? 907  GLU A OE1 1 
ATOM   381  O OE2 . GLU A 1 46 ? 15.275  7.434   12.271  1.00 49.12  ? 907  GLU A OE2 1 
ATOM   382  N N   . ASP A 1 47 ? 20.725  4.754   9.575   1.00 35.25  ? 908  ASP A N   1 
ATOM   383  C CA  . ASP A 1 47 ? 22.040  4.175   9.774   1.00 38.57  ? 908  ASP A CA  1 
ATOM   384  C C   . ASP A 1 47 ? 22.956  4.435   8.593   1.00 36.78  ? 908  ASP A C   1 
ATOM   385  O O   . ASP A 1 47 ? 24.167  4.552   8.766   1.00 35.22  ? 908  ASP A O   1 
ATOM   386  C CB  . ASP A 1 47 ? 21.907  2.681   9.996   1.00 32.27  ? 908  ASP A CB  1 
ATOM   387  C CG  . ASP A 1 47 ? 23.179  2.057   10.451  1.00 37.89  ? 908  ASP A CG  1 
ATOM   388  O OD1 . ASP A 1 47 ? 23.691  2.487   11.508  1.00 56.49  ? 908  ASP A OD1 1 
ATOM   389  O OD2 . ASP A 1 47 ? 23.672  1.149   9.748   1.00 62.28  ? 908  ASP A OD2 1 
ATOM   390  N N   . ALA A 1 48 ? 22.412  4.481   7.389   1.00 33.19  ? 909  ALA A N   1 
ATOM   391  C CA  . ALA A 1 48 ? 23.261  4.739   6.246   1.00 33.90  ? 909  ALA A CA  1 
ATOM   392  C C   . ALA A 1 48 ? 23.611  6.211   6.153   1.00 34.21  ? 909  ALA A C   1 
ATOM   393  O O   . ALA A 1 48 ? 24.685  6.557   5.670   1.00 29.55  ? 909  ALA A O   1 
ATOM   394  C CB  . ALA A 1 48 ? 22.578  4.271   4.965   1.00 33.38  ? 909  ALA A CB  1 
ATOM   395  N N   . GLU A 1 49 ? 22.725  7.082   6.606   1.00 37.91  ? 910  GLU A N   1 
ATOM   396  C CA  . GLU A 1 49 ? 23.006  8.499   6.526   1.00 25.95  ? 910  GLU A CA  1 
ATOM   397  C C   . GLU A 1 49 ? 23.861  8.961   7.690   1.00 46.20  ? 910  GLU A C   1 
ATOM   398  O O   . GLU A 1 49 ? 24.597  9.947   7.559   1.00 44.54  ? 910  GLU A O   1 
ATOM   399  C CB  . GLU A 1 49 ? 21.701  9.294   6.458   1.00 46.43  ? 910  GLU A CB  1 
ATOM   400  C CG  . GLU A 1 49 ? 21.191  9.829   7.789   1.00 53.16  ? 910  GLU A CG  1 
ATOM   401  C CD  . GLU A 1 49 ? 19.728  10.246  7.726   1.00 59.65  ? 910  GLU A CD  1 
ATOM   402  O OE1 . GLU A 1 49 ? 19.087  10.012  6.678   1.00 58.01  ? 910  GLU A OE1 1 
ATOM   403  O OE2 . GLU A 1 49 ? 19.213  10.791  8.728   1.00 50.83  ? 910  GLU A OE2 1 
ATOM   404  N N   . ARG A 1 50 ? 23.781  8.275   8.829   1.00 37.08  ? 911  ARG A N   1 
ATOM   405  C CA  . ARG A 1 50 ? 24.715  8.561   9.907   1.00 40.52  ? 911  ARG A CA  1 
ATOM   406  C C   . ARG A 1 50 ? 26.106  8.080   9.533   1.00 37.68  ? 911  ARG A C   1 
ATOM   407  O O   . ARG A 1 50 ? 27.093  8.807   9.688   1.00 44.89  ? 911  ARG A O   1 
ATOM   408  C CB  . ARG A 1 50 ? 24.241  7.910   11.201  1.00 30.88  ? 911  ARG A CB  1 
ATOM   409  C CG  . ARG A 1 50 ? 24.839  8.539   12.427  1.00 40.71  ? 911  ARG A CG  1 
ATOM   410  C CD  . ARG A 1 50 ? 24.586  7.740   13.694  1.00 76.73  ? 911  ARG A CD  1 
ATOM   411  N NE  . ARG A 1 50 ? 23.190  7.746   14.113  1.00 70.18  ? 911  ARG A NE  1 
ATOM   412  C CZ  . ARG A 1 50 ? 22.328  6.788   13.795  1.00 48.56  ? 911  ARG A CZ  1 
ATOM   413  N NH1 . ARG A 1 50 ? 22.726  5.764   13.049  1.00 38.06  ? 911  ARG A NH1 1 
ATOM   414  N NH2 . ARG A 1 50 ? 21.072  6.852   14.209  1.00 37.25  ? 911  ARG A NH2 1 
ATOM   415  N N   . GLU A 1 51 ? 26.184  6.857   9.014   1.00 38.08  ? 912  GLU A N   1 
ATOM   416  C CA  . GLU A 1 51 ? 27.425  6.325   8.466   1.00 33.15  ? 912  GLU A CA  1 
ATOM   417  C C   . GLU A 1 51 ? 28.056  7.282   7.464   1.00 41.33  ? 912  GLU A C   1 
ATOM   418  O O   . GLU A 1 51 ? 29.276  7.473   7.459   1.00 42.40  ? 912  GLU A O   1 
ATOM   419  C CB  . GLU A 1 51 ? 27.139  4.980   7.790   1.00 46.52  ? 912  GLU A CB  1 
ATOM   420  C CG  . GLU A 1 51 ? 27.859  3.763   8.360   1.00 50.10  ? 912  GLU A CG  1 
ATOM   421  C CD  . GLU A 1 51 ? 28.003  2.650   7.329   1.00 47.24  ? 912  GLU A CD  1 
ATOM   422  O OE1 . GLU A 1 51 ? 27.312  2.712   6.291   1.00 45.09  ? 912  GLU A OE1 1 
ATOM   423  O OE2 . GLU A 1 51 ? 28.806  1.718   7.553   1.00 73.41  ? 912  GLU A OE2 1 
ATOM   424  N N   . LEU A 1 52 ? 27.239  7.892   6.605   1.00 41.70  ? 913  LEU A N   1 
ATOM   425  C CA  . LEU A 1 52 ? 27.772  8.673   5.496   1.00 45.99  ? 913  LEU A CA  1 
ATOM   426  C C   . LEU A 1 52 ? 28.238  10.052  5.944   1.00 38.27  ? 913  LEU A C   1 
ATOM   427  O O   . LEU A 1 52 ? 29.264  10.544  5.470   1.00 49.63  ? 913  LEU A O   1 
ATOM   428  C CB  . LEU A 1 52 ? 26.724  8.799   4.395   1.00 45.67  ? 913  LEU A CB  1 
ATOM   429  C CG  . LEU A 1 52 ? 27.169  9.662   3.217   1.00 59.26  ? 913  LEU A CG  1 
ATOM   430  C CD1 . LEU A 1 52 ? 26.886  8.973   1.892   1.00 48.44  ? 913  LEU A CD1 1 
ATOM   431  C CD2 . LEU A 1 52 ? 26.498  11.014  3.268   1.00 64.93  ? 913  LEU A CD2 1 
ATOM   432  N N   . LYS A 1 53 ? 27.491  10.689  6.841   1.00 39.25  ? 914  LYS A N   1 
ATOM   433  C CA  . LYS A 1 53 ? 27.921  11.959  7.412   1.00 33.57  ? 914  LYS A CA  1 
ATOM   434  C C   . LYS A 1 53 ? 29.244  11.807  8.151   1.00 40.92  ? 914  LYS A C   1 
ATOM   435  O O   . LYS A 1 53 ? 30.176  12.594  7.951   1.00 53.09  ? 914  LYS A O   1 
ATOM   436  C CB  . LYS A 1 53 ? 26.839  12.492  8.348   1.00 36.68  ? 914  LYS A CB  1 
ATOM   437  C CG  . LYS A 1 53 ? 27.132  13.845  8.959   1.00 43.60  ? 914  LYS A CG  1 
ATOM   438  C CD  . LYS A 1 53 ? 26.200  14.068  10.126  1.00 41.63  ? 914  LYS A CD  1 
ATOM   439  C CE  . LYS A 1 53 ? 26.691  15.147  11.056  1.00 41.40  ? 914  LYS A CE  1 
ATOM   440  N NZ  . LYS A 1 53 ? 26.558  16.479  10.445  1.00 30.79  ? 914  LYS A NZ  1 
ATOM   441  N N   . GLU A 1 54 ? 29.340  10.797  9.016   1.00 46.80  ? 915  GLU A N   1 
ATOM   442  C CA  . GLU A 1 54 ? 30.587  10.537  9.728   1.00 41.72  ? 915  GLU A CA  1 
ATOM   443  C C   . GLU A 1 54 ? 31.743  10.337  8.759   1.00 43.56  ? 915  GLU A C   1 
ATOM   444  O O   . GLU A 1 54 ? 32.848  10.834  8.990   1.00 33.55  ? 915  GLU A O   1 
ATOM   445  C CB  . GLU A 1 54 ? 30.435  9.305   10.621  1.00 44.48  ? 915  GLU A CB  1 
ATOM   446  C CG  . GLU A 1 54 ? 29.497  9.473   11.805  1.00 49.42  ? 915  GLU A CG  1 
ATOM   447  C CD  . GLU A 1 54 ? 29.805  8.486   12.926  1.00 70.86  ? 915  GLU A CD  1 
ATOM   448  O OE1 . GLU A 1 54 ? 30.804  7.736   12.801  1.00 57.52  ? 915  GLU A OE1 1 
ATOM   449  O OE2 . GLU A 1 54 ? 29.051  8.460   13.927  1.00 67.90  ? 915  GLU A OE2 1 
ATOM   450  N N   . LYS A 1 55 ? 31.506  9.603   7.675   1.00 37.93  ? 916  LYS A N   1 
ATOM   451  C CA  . LYS A 1 55 ? 32.550  9.352   6.692   1.00 35.41  ? 916  LYS A CA  1 
ATOM   452  C C   . LYS A 1 55 ? 32.999  10.638  6.003   1.00 40.38  ? 916  LYS A C   1 
ATOM   453  O O   . LYS A 1 55 ? 34.191  10.826  5.740   1.00 37.40  ? 916  LYS A O   1 
ATOM   454  C CB  . LYS A 1 55 ? 32.041  8.355   5.653   1.00 42.45  ? 916  LYS A CB  1 
ATOM   455  C CG  . LYS A 1 55 ? 32.716  6.993   5.653   1.00 47.98  ? 916  LYS A CG  1 
ATOM   456  C CD  . LYS A 1 55 ? 32.205  6.128   4.485   1.00 53.37  ? 916  LYS A CD  1 
ATOM   457  C CE  . LYS A 1 55 ? 33.036  4.851   4.272   1.00 51.36  ? 916  LYS A CE  1 
ATOM   458  N NZ  . LYS A 1 55 ? 32.769  3.771   5.266   1.00 51.82  ? 916  LYS A NZ  1 
ATOM   459  N N   . GLU A 1 56 ? 32.063  11.519  5.675   1.00 39.21  ? 917  GLU A N   1 
ATOM   460  C CA  . GLU A 1 56 ? 32.403  12.727  4.940   1.00 36.67  ? 917  GLU A CA  1 
ATOM   461  C C   . GLU A 1 56 ? 32.718  13.905  5.842   1.00 35.62  ? 917  GLU A C   1 
ATOM   462  O O   . GLU A 1 56 ? 33.524  14.759  5.459   1.00 39.14  ? 917  GLU A O   1 
ATOM   463  C CB  . GLU A 1 56 ? 31.272  13.100  3.982   1.00 55.48  ? 917  GLU A CB  1 
ATOM   464  C CG  . GLU A 1 56 ? 30.945  12.021  2.955   1.00 52.90  ? 917  GLU A CG  1 
ATOM   465  C CD  . GLU A 1 56 ? 32.125  11.649  2.057   1.00 58.24  ? 917  GLU A CD  1 
ATOM   466  O OE1 . GLU A 1 56 ? 32.126  12.062  0.873   1.00 61.66  ? 917  GLU A OE1 1 
ATOM   467  O OE2 . GLU A 1 56 ? 33.041  10.933  2.528   1.00 48.44  ? 917  GLU A OE2 1 
ATOM   468  N N   . GLU A 1 57 ? 32.110  13.992  7.027   1.00 43.15  ? 918  GLU A N   1 
ATOM   469  C CA  . GLU A 1 57 ? 32.589  14.977  7.989   1.00 39.82  ? 918  GLU A CA  1 
ATOM   470  C C   . GLU A 1 57 ? 34.057  14.744  8.293   1.00 36.92  ? 918  GLU A C   1 
ATOM   471  O O   . GLU A 1 57 ? 34.819  15.693  8.486   1.00 39.99  ? 918  GLU A O   1 
ATOM   472  C CB  . GLU A 1 57 ? 31.767  14.934  9.278   1.00 32.56  ? 918  GLU A CB  1 
ATOM   473  C CG  . GLU A 1 57 ? 30.381  15.536  9.159   1.00 41.89  ? 918  GLU A CG  1 
ATOM   474  C CD  . GLU A 1 57 ? 30.391  16.939  8.554   1.00 56.11  ? 918  GLU A CD  1 
ATOM   475  O OE1 . GLU A 1 57 ? 30.997  17.853  9.155   1.00 60.35  ? 918  GLU A OE1 1 
ATOM   476  O OE2 . GLU A 1 57 ? 29.795  17.130  7.472   1.00 42.40  ? 918  GLU A OE2 1 
ATOM   477  N N   . ALA A 1 58 ? 34.474  13.480  8.317   1.00 43.19  ? 919  ALA A N   1 
ATOM   478  C CA  . ALA A 1 58 ? 35.880  13.162  8.535   1.00 39.91  ? 919  ALA A CA  1 
ATOM   479  C C   . ALA A 1 58 ? 36.735  13.525  7.328   1.00 32.07  ? 919  ALA A C   1 
ATOM   480  O O   . ALA A 1 58 ? 37.758  14.202  7.470   1.00 43.04  ? 919  ALA A O   1 
ATOM   481  C CB  . ALA A 1 58 ? 36.031  11.682  8.860   1.00 43.03  ? 919  ALA A CB  1 
ATOM   482  N N   . ARG A 1 59 ? 36.357  13.059  6.133   1.00 32.44  ? 920  ARG A N   1 
ATOM   483  C CA  . ARG A 1 59 ? 37.142  13.364  4.936   1.00 40.25  ? 920  ARG A CA  1 
ATOM   484  C C   . ARG A 1 59 ? 37.388  14.863  4.801   1.00 23.37  ? 920  ARG A C   1 
ATOM   485  O O   . ARG A 1 59 ? 38.506  15.304  4.533   1.00 40.46  ? 920  ARG A O   1 
ATOM   486  C CB  . ARG A 1 59 ? 36.446  12.829  3.675   1.00 28.50  ? 920  ARG A CB  1 
ATOM   487  C CG  . ARG A 1 59 ? 37.162  13.274  2.394   1.00 36.46  ? 920  ARG A CG  1 
ATOM   488  C CD  . ARG A 1 59 ? 36.378  13.053  1.098   1.00 48.66  ? 920  ARG A CD  1 
ATOM   489  N NE  . ARG A 1 59 ? 35.000  13.547  1.134   1.00 56.41  ? 920  ARG A NE  1 
ATOM   490  C CZ  . ARG A 1 59 ? 34.626  14.822  1.002   1.00 44.68  ? 920  ARG A CZ  1 
ATOM   491  N NH1 . ARG A 1 59 ? 35.522  15.785  0.834   1.00 23.40  ? 920  ARG A NH1 1 
ATOM   492  N NH2 . ARG A 1 59 ? 33.332  15.126  1.050   1.00 41.48  ? 920  ARG A NH2 1 
ATOM   493  N N   . ARG A 1 60 ? 36.341  15.657  4.984   1.00 33.10  ? 921  ARG A N   1 
ATOM   494  C CA  . ARG A 1 60 ? 36.446  17.090  4.796   1.00 22.53  ? 921  ARG A CA  1 
ATOM   495  C C   . ARG A 1 60 ? 37.461  17.692  5.738   1.00 31.64  ? 921  ARG A C   1 
ATOM   496  O O   . ARG A 1 60 ? 38.320  18.471  5.322   1.00 39.02  ? 921  ARG A O   1 
ATOM   497  C CB  . ARG A 1 60 ? 35.089  17.733  5.010   1.00 25.88  ? 921  ARG A CB  1 
ATOM   498  C CG  . ARG A 1 60 ? 34.173  17.495  3.861   1.00 31.75  ? 921  ARG A CG  1 
ATOM   499  C CD  . ARG A 1 60 ? 32.757  17.617  4.329   1.00 43.18  ? 921  ARG A CD  1 
ATOM   500  N NE  . ARG A 1 60 ? 31.838  17.544  3.208   1.00 48.64  ? 921  ARG A NE  1 
ATOM   501  C CZ  . ARG A 1 60 ? 30.544  17.291  3.327   1.00 43.23  ? 921  ARG A CZ  1 
ATOM   502  N NH1 . ARG A 1 60 ? 30.010  17.072  4.527   1.00 42.22  ? 921  ARG A NH1 1 
ATOM   503  N NH2 . ARG A 1 60 ? 29.787  17.259  2.242   1.00 44.33  ? 921  ARG A NH2 1 
ATOM   504  N N   . LYS A 1 61 ? 37.372  17.350  7.019   1.00 42.48  ? 922  LYS A N   1 
ATOM   505  C CA  . LYS A 1 61 ? 38.347  17.869  7.967   1.00 34.56  ? 922  LYS A CA  1 
ATOM   506  C C   . LYS A 1 61 ? 39.729  17.269  7.746   1.00 30.09  ? 922  LYS A C   1 
ATOM   507  O O   . LYS A 1 61 ? 40.721  17.875  8.138   1.00 39.94  ? 922  LYS A O   1 
ATOM   508  C CB  . LYS A 1 61 ? 37.832  17.635  9.379   1.00 34.96  ? 922  LYS A CB  1 
ATOM   509  C CG  . LYS A 1 61 ? 36.430  18.187  9.534   1.00 37.70  ? 922  LYS A CG  1 
ATOM   510  C CD  . LYS A 1 61 ? 35.754  17.753  10.819  1.00 52.45  ? 922  LYS A CD  1 
ATOM   511  C CE  . LYS A 1 61 ? 36.095  18.664  11.974  1.00 49.72  ? 922  LYS A CE  1 
ATOM   512  N NZ  . LYS A 1 61 ? 37.053  18.034  12.922  1.00 51.12  ? 922  LYS A NZ  1 
ATOM   513  N N   . LYS A 1 62 ? 39.825  16.127  7.068   1.00 46.52  ? 923  LYS A N   1 
ATOM   514  C CA  . LYS A 1 62 ? 41.126  15.624  6.635   1.00 19.91  ? 923  LYS A CA  1 
ATOM   515  C C   . LYS A 1 62 ? 41.732  16.516  5.555   1.00 41.19  ? 923  LYS A C   1 
ATOM   516  O O   . LYS A 1 62 ? 42.849  17.021  5.702   1.00 43.22  ? 923  LYS A O   1 
ATOM   517  C CB  . LYS A 1 62 ? 40.987  14.202  6.119   1.00 31.66  ? 923  LYS A CB  1 
ATOM   518  C CG  . LYS A 1 62 ? 42.297  13.544  5.712   1.00 48.66  ? 923  LYS A CG  1 
ATOM   519  C CD  . LYS A 1 62 ? 42.013  12.326  4.852   1.00 64.35  ? 923  LYS A CD  1 
ATOM   520  C CE  . LYS A 1 62 ? 41.057  12.692  3.710   1.00 65.44  ? 923  LYS A CE  1 
ATOM   521  N NZ  . LYS A 1 62 ? 40.601  11.512  2.919   1.00 60.17  ? 923  LYS A NZ  1 
ATOM   522  N N   . GLU A 1 63 ? 41.014  16.705  4.447   1.00 39.72  ? 924  GLU A N   1 
ATOM   523  C CA  . GLU A 1 63 ? 41.528  17.541  3.374   1.00 22.22  ? 924  GLU A CA  1 
ATOM   524  C C   . GLU A 1 63 ? 41.756  18.973  3.848   1.00 34.27  ? 924  GLU A C   1 
ATOM   525  O O   . GLU A 1 63 ? 42.676  19.651  3.372   1.00 34.38  ? 924  GLU A O   1 
ATOM   526  C CB  . GLU A 1 63 ? 40.565  17.515  2.184   1.00 30.48  ? 924  GLU A CB  1 
ATOM   527  C CG  . GLU A 1 63 ? 40.080  16.126  1.748   1.00 26.68  ? 924  GLU A CG  1 
ATOM   528  C CD  . GLU A 1 63 ? 39.159  16.177  0.532   1.00 32.71  ? 924  GLU A CD  1 
ATOM   529  O OE1 . GLU A 1 63 ? 38.298  17.066  0.466   1.00 35.18  ? 924  GLU A OE1 1 
ATOM   530  O OE2 . GLU A 1 63 ? 39.302  15.334  -0.368  1.00 46.04  ? 924  GLU A OE2 1 
ATOM   531  N N   . LEU A 1 64 ? 40.934  19.447  4.781   1.00 37.22  ? 925  LEU A N   1 
ATOM   532  C CA  . LEU A 1 64 ? 41.149  20.762  5.375   1.00 30.86  ? 925  LEU A CA  1 
ATOM   533  C C   . LEU A 1 64 ? 42.514  20.838  6.033   1.00 33.70  ? 925  LEU A C   1 
ATOM   534  O O   . LEU A 1 64 ? 43.360  21.658  5.660   1.00 31.13  ? 925  LEU A O   1 
ATOM   535  C CB  . LEU A 1 64 ? 40.065  21.057  6.408   1.00 31.42  ? 925  LEU A CB  1 
ATOM   536  C CG  . LEU A 1 64 ? 39.049  22.154  6.133   1.00 44.45  ? 925  LEU A CG  1 
ATOM   537  C CD1 . LEU A 1 64 ? 38.128  22.296  7.336   1.00 55.49  ? 925  LEU A CD1 1 
ATOM   538  C CD2 . LEU A 1 64 ? 39.739  23.462  5.835   1.00 35.57  ? 925  LEU A CD2 1 
ATOM   539  N N   . LEU A 1 65 ? 42.740  19.986  7.030   1.00 27.60  ? 926  LEU A N   1 
ATOM   540  C CA  . LEU A 1 65 ? 43.988  20.048  7.775   1.00 34.12  ? 926  LEU A CA  1 
ATOM   541  C C   . LEU A 1 65 ? 45.201  19.843  6.883   1.00 28.12  ? 926  LEU A C   1 
ATOM   542  O O   . LEU A 1 65 ? 46.272  20.374  7.164   1.00 34.02  ? 926  LEU A O   1 
ATOM   543  C CB  . LEU A 1 65 ? 43.963  19.011  8.891   1.00 44.89  ? 926  LEU A CB  1 
ATOM   544  C CG  . LEU A 1 65 ? 43.092  19.358  10.099  1.00 32.45  ? 926  LEU A CG  1 
ATOM   545  C CD1 . LEU A 1 65 ? 42.770  18.110  10.906  1.00 41.66  ? 926  LEU A CD1 1 
ATOM   546  C CD2 . LEU A 1 65 ? 43.788  20.380  10.973  1.00 40.10  ? 926  LEU A CD2 1 
ATOM   547  N N   . GLU A 1 66 ? 45.066  19.088  5.809   1.00 38.62  ? 927  GLU A N   1 
ATOM   548  C CA  . GLU A 1 66 ? 46.239  18.824  5.001   1.00 36.09  ? 927  GLU A CA  1 
ATOM   549  C C   . GLU A 1 66 ? 46.575  20.004  4.103   1.00 40.15  ? 927  GLU A C   1 
ATOM   550  O O   . GLU A 1 66 ? 47.746  20.227  3.782   1.00 41.91  ? 927  GLU A O   1 
ATOM   551  C CB  . GLU A 1 66 ? 46.037  17.541  4.195   1.00 30.35  ? 927  GLU A CB  1 
ATOM   552  C CG  . GLU A 1 66 ? 45.400  17.690  2.833   1.00 49.31  ? 927  GLU A CG  1 
ATOM   553  C CD  . GLU A 1 66 ? 45.572  16.418  2.016   1.00 54.56  ? 927  GLU A CD  1 
ATOM   554  O OE1 . GLU A 1 66 ? 46.080  15.437  2.595   1.00 51.91  ? 927  GLU A OE1 1 
ATOM   555  O OE2 . GLU A 1 66 ? 45.221  16.393  0.815   1.00 53.80  ? 927  GLU A OE2 1 
ATOM   556  N N   . GLN A 1 67 ? 45.574  20.776  3.699   1.00 44.81  ? 928  GLN A N   1 
ATOM   557  C CA  . GLN A 1 67 ? 45.875  22.041  3.055   1.00 34.29  ? 928  GLN A CA  1 
ATOM   558  C C   . GLN A 1 67 ? 46.424  23.046  4.059   1.00 38.09  ? 928  GLN A C   1 
ATOM   559  O O   . GLN A 1 67 ? 47.282  23.856  3.709   1.00 42.71  ? 928  GLN A O   1 
ATOM   560  C CB  . GLN A 1 67 ? 44.625  22.575  2.362   1.00 48.30  ? 928  GLN A CB  1 
ATOM   561  C CG  . GLN A 1 67 ? 44.878  23.692  1.355   1.00 49.48  ? 928  GLN A CG  1 
ATOM   562  C CD  . GLN A 1 67 ? 45.668  23.238  0.133   1.00 55.86  ? 928  GLN A CD  1 
ATOM   563  O OE1 . GLN A 1 67 ? 45.902  22.039  -0.077  1.00 65.04  ? 928  GLN A OE1 1 
ATOM   564  N NE2 . GLN A 1 67 ? 46.085  24.202  -0.683  1.00 58.67  ? 928  GLN A NE2 1 
ATOM   565  N N   . MET A 1 68 ? 45.960  22.998  5.314   1.00 37.78  ? 929  MET A N   1 
ATOM   566  C CA  . MET A 1 68 ? 46.482  23.896  6.338   1.00 25.73  ? 929  MET A CA  1 
ATOM   567  C C   . MET A 1 68 ? 47.945  23.625  6.616   1.00 34.26  ? 929  MET A C   1 
ATOM   568  O O   . MET A 1 68 ? 48.713  24.553  6.880   1.00 59.02  ? 929  MET A O   1 
ATOM   569  C CB  . MET A 1 68 ? 45.696  23.756  7.627   1.00 20.37  ? 929  MET A CB  1 
ATOM   570  C CG  . MET A 1 68 ? 44.241  24.060  7.494   1.00 30.90  ? 929  MET A CG  1 
ATOM   571  S SD  . MET A 1 68 ? 43.540  24.285  9.119   1.00 42.30  ? 929  MET A SD  1 
ATOM   572  C CE  . MET A 1 68 ? 41.817  24.540  8.735   1.00 43.45  ? 929  MET A CE  1 
ATOM   573  N N   . GLU A 1 69 ? 48.351  22.364  6.574   1.00 40.45  ? 930  GLU A N   1 
ATOM   574  C CA  . GLU A 1 69 ? 49.754  22.025  6.769   1.00 39.27  ? 930  GLU A CA  1 
ATOM   575  C C   . GLU A 1 69 ? 50.633  22.488  5.631   1.00 31.44  ? 930  GLU A C   1 
ATOM   576  O O   . GLU A 1 69 ? 51.847  22.285  5.692   1.00 36.28  ? 930  GLU A O   1 
ATOM   577  C CB  . GLU A 1 69 ? 49.914  20.516  6.937   1.00 45.14  ? 930  GLU A CB  1 
ATOM   578  C CG  . GLU A 1 69 ? 49.172  19.937  8.118   1.00 57.52  ? 930  GLU A CG  1 
ATOM   579  C CD  . GLU A 1 69 ? 50.056  19.748  9.317   1.00 62.07  ? 930  GLU A CD  1 
ATOM   580  O OE1 . GLU A 1 69 ? 51.268  20.053  9.215   1.00 71.15  ? 930  GLU A OE1 1 
ATOM   581  O OE2 . GLU A 1 69 ? 49.535  19.285  10.355  1.00 61.57  ? 930  GLU A OE2 1 
ATOM   582  N N   . LYS A 1 70 ? 50.060  23.075  4.592   1.00 33.34  ? 931  LYS A N   1 
ATOM   583  C CA  . LYS A 1 70 ? 50.848  23.496  3.455   1.00 29.25  ? 931  LYS A CA  1 
ATOM   584  C C   . LYS A 1 70 ? 51.615  24.785  3.704   1.00 48.13  ? 931  LYS A C   1 
ATOM   585  O O   . LYS A 1 70 ? 52.464  25.141  2.883   1.00 48.74  ? 931  LYS A O   1 
ATOM   586  C CB  . LYS A 1 70 ? 49.950  23.648  2.237   1.00 46.57  ? 931  LYS A CB  1 
ATOM   587  C CG  . LYS A 1 70 ? 49.357  22.333  1.801   1.00 45.21  ? 931  LYS A CG  1 
ATOM   588  C CD  . LYS A 1 70 ? 50.444  21.312  1.565   1.00 32.99  ? 931  LYS A CD  1 
ATOM   589  C CE  . LYS A 1 70 ? 50.062  20.442  0.398   1.00 37.75  ? 931  LYS A CE  1 
ATOM   590  N NZ  . LYS A 1 70 ? 49.582  21.290  -0.719  1.00 38.10  ? 931  LYS A NZ  1 
ATOM   591  N N   . ALA A 1 71 ? 51.351  25.474  4.808   1.00 47.73  ? 932  ALA A N   1 
ATOM   592  C CA  . ALA A 1 71 ? 52.173  26.595  5.234   1.00 43.31  ? 932  ALA A CA  1 
ATOM   593  C C   . ALA A 1 71 ? 53.135  26.178  6.349   1.00 32.53  ? 932  ALA A C   1 
ATOM   594  O O   . ALA A 1 71 ? 54.352  26.097  6.142   1.00 42.65  ? 932  ALA A O   1 
ATOM   595  C CB  . ALA A 1 71 ? 51.297  27.740  5.684   1.00 39.98  ? 932  ALA A CB  1 
ATOM   596  N N   . SER B 1 2  ? -24.271 -42.532 15.070  1.00 66.01  ? 863  SER B N   1 
ATOM   597  C CA  . SER B 1 2  ? -23.100 -42.681 14.208  1.00 46.64  ? 863  SER B CA  1 
ATOM   598  C C   . SER B 1 2  ? -23.201 -41.816 12.972  1.00 49.21  ? 863  SER B C   1 
ATOM   599  O O   . SER B 1 2  ? -22.279 -41.073 12.654  1.00 46.72  ? 863  SER B O   1 
ATOM   600  C CB  . SER B 1 2  ? -22.916 -44.141 13.787  1.00 67.05  ? 863  SER B CB  1 
ATOM   601  O OG  . SER B 1 2  ? -21.917 -44.240 12.787  1.00 52.01  ? 863  SER B OG  1 
ATOM   602  N N   . GLU B 1 3  ? -24.330 -41.933 12.264  1.00 44.10  ? 864  GLU B N   1 
ATOM   603  C CA  . GLU B 1 3  ? -24.545 -41.115 11.076  1.00 48.03  ? 864  GLU B CA  1 
ATOM   604  C C   . GLU B 1 3  ? -24.584 -39.631 11.425  1.00 51.31  ? 864  GLU B C   1 
ATOM   605  O O   . GLU B 1 3  ? -24.247 -38.784 10.587  1.00 43.18  ? 864  GLU B O   1 
ATOM   606  C CB  . GLU B 1 3  ? -25.833 -41.549 10.370  1.00 42.68  ? 864  GLU B CB  1 
ATOM   607  N N   . PHE B 1 4  ? -24.975 -39.301 12.659  1.00 36.73  ? 865  PHE B N   1 
ATOM   608  C CA  . PHE B 1 4  ? -24.965 -37.915 13.110  1.00 29.92  ? 865  PHE B CA  1 
ATOM   609  C C   . PHE B 1 4  ? -23.566 -37.313 13.029  1.00 30.32  ? 865  PHE B C   1 
ATOM   610  O O   . PHE B 1 4  ? -23.412 -36.129 12.722  1.00 47.00  ? 865  PHE B O   1 
ATOM   611  C CB  . PHE B 1 4  ? -25.465 -37.821 14.553  1.00 47.45  ? 865  PHE B CB  1 
ATOM   612  C CG  . PHE B 1 4  ? -26.822 -38.421 14.790  1.00 48.38  ? 865  PHE B CG  1 
ATOM   613  C CD1 . PHE B 1 4  ? -27.975 -37.725 14.464  1.00 51.30  ? 865  PHE B CD1 1 
ATOM   614  C CD2 . PHE B 1 4  ? -26.946 -39.670 15.382  1.00 58.33  ? 865  PHE B CD2 1 
ATOM   615  C CE1 . PHE B 1 4  ? -29.225 -38.274 14.704  1.00 36.63  ? 865  PHE B CE1 1 
ATOM   616  C CE2 . PHE B 1 4  ? -28.187 -40.219 15.619  1.00 32.69  ? 865  PHE B CE2 1 
ATOM   617  C CZ  . PHE B 1 4  ? -29.324 -39.521 15.280  1.00 39.75  ? 865  PHE B CZ  1 
ATOM   618  N N   . ARG B 1 5  ? -22.541 -38.105 13.350  1.00 31.20  ? 866  ARG B N   1 
ATOM   619  C CA  . ARG B 1 5  ? -21.177 -37.592 13.437  1.00 29.08  ? 866  ARG B CA  1 
ATOM   620  C C   . ARG B 1 5  ? -20.698 -37.090 12.087  1.00 28.71  ? 866  ARG B C   1 
ATOM   621  O O   . ARG B 1 5  ? -20.140 -36.000 11.971  1.00 31.53  ? 866  ARG B O   1 
ATOM   622  C CB  . ARG B 1 5  ? -20.223 -38.689 13.925  1.00 55.00  ? 866  ARG B CB  1 
ATOM   623  C CG  . ARG B 1 5  ? -20.394 -39.248 15.339  1.00 43.40  ? 866  ARG B CG  1 
ATOM   624  C CD  . ARG B 1 5  ? -19.046 -39.824 15.779  1.00 42.88  ? 866  ARG B CD  1 
ATOM   625  N NE  . ARG B 1 5  ? -17.974 -38.845 15.543  1.00 43.44  ? 866  ARG B NE  1 
ATOM   626  C CZ  . ARG B 1 5  ? -16.681 -39.053 15.772  1.00 49.85  ? 866  ARG B CZ  1 
ATOM   627  N NH1 . ARG B 1 5  ? -16.263 -40.224 16.239  1.00 53.83  ? 866  ARG B NH1 1 
ATOM   628  N NH2 . ARG B 1 5  ? -15.802 -38.086 15.521  1.00 46.06  ? 866  ARG B NH2 1 
ATOM   629  N N   . LEU B 1 6  ? -20.889 -37.900 11.057  1.00 36.39  ? 867  LEU B N   1 
ATOM   630  C CA  . LEU B 1 6  ? -20.422 -37.552 9.728   1.00 32.19  ? 867  LEU B CA  1 
ATOM   631  C C   . LEU B 1 6  ? -21.195 -36.376 9.153   1.00 26.26  ? 867  LEU B C   1 
ATOM   632  O O   . LEU B 1 6  ? -20.642 -35.570 8.400   1.00 34.31  ? 867  LEU B O   1 
ATOM   633  C CB  . LEU B 1 6  ? -20.555 -38.775 8.832   1.00 32.25  ? 867  LEU B CB  1 
ATOM   634  C CG  . LEU B 1 6  ? -19.934 -38.647 7.456   1.00 46.49  ? 867  LEU B CG  1 
ATOM   635  C CD1 . LEU B 1 6  ? -18.425 -38.462 7.579   1.00 37.82  ? 867  LEU B CD1 1 
ATOM   636  C CD2 . LEU B 1 6  ? -20.274 -39.881 6.658   1.00 55.05  ? 867  LEU B CD2 1 
ATOM   637  N N   . GLU B 1 7  ? -22.483 -36.286 9.464   1.00 31.38  ? 868  GLU B N   1 
ATOM   638  C CA  . GLU B 1 7  ? -23.298 -35.186 8.972   1.00 23.21  ? 868  GLU B CA  1 
ATOM   639  C C   . GLU B 1 7  ? -22.851 -33.858 9.559   1.00 22.03  ? 868  GLU B C   1 
ATOM   640  O O   . GLU B 1 7  ? -22.806 -32.847 8.862   1.00 31.26  ? 868  GLU B O   1 
ATOM   641  C CB  . GLU B 1 7  ? -24.756 -35.458 9.304   1.00 24.84  ? 868  GLU B CB  1 
ATOM   642  C CG  . GLU B 1 7  ? -25.620 -34.215 9.407   1.00 26.83  ? 868  GLU B CG  1 
ATOM   643  C CD  . GLU B 1 7  ? -26.136 -33.710 8.063   1.00 46.37  ? 868  GLU B CD  1 
ATOM   644  O OE1 . GLU B 1 7  ? -25.930 -34.407 7.043   1.00 45.02  ? 868  GLU B OE1 1 
ATOM   645  O OE2 . GLU B 1 7  ? -26.741 -32.607 8.031   1.00 48.14  ? 868  GLU B OE2 1 
ATOM   646  N N   . ALA B 1 8  ? -22.528 -33.838 10.843  1.00 35.27  ? 869  ALA B N   1 
ATOM   647  C CA  . ALA B 1 8  ? -22.062 -32.609 11.461  1.00 20.74  ? 869  ALA B CA  1 
ATOM   648  C C   . ALA B 1 8  ? -20.640 -32.290 11.039  1.00 18.22  ? 869  ALA B C   1 
ATOM   649  O O   . ALA B 1 8  ? -20.292 -31.119 10.902  1.00 27.36  ? 869  ALA B O   1 
ATOM   650  C CB  . ALA B 1 8  ? -22.152 -32.722 12.978  1.00 30.02  ? 869  ALA B CB  1 
ATOM   651  N N   . GLU B 1 9  ? -19.812 -33.317 10.833  1.00 23.11  ? 870  GLU B N   1 
ATOM   652  C CA  . GLU B 1 9  ? -18.512 -33.118 10.207  1.00 25.43  ? 870  GLU B CA  1 
ATOM   653  C C   . GLU B 1 9  ? -18.673 -32.501 8.839   1.00 32.20  ? 870  GLU B C   1 
ATOM   654  O O   . GLU B 1 9  ? -18.005 -31.519 8.498   1.00 30.24  ? 870  GLU B O   1 
ATOM   655  C CB  . GLU B 1 9  ? -17.762 -34.446 10.078  1.00 28.49  ? 870  GLU B CB  1 
ATOM   656  C CG  . GLU B 1 9  ? -16.736 -34.434 8.937   1.00 48.80  ? 870  GLU B CG  1 
ATOM   657  C CD  . GLU B 1 9  ? -15.582 -35.419 9.124   1.00 55.69  ? 870  GLU B CD  1 
ATOM   658  O OE1 . GLU B 1 9  ? -15.769 -36.425 9.837   1.00 54.17  ? 870  GLU B OE1 1 
ATOM   659  O OE2 . GLU B 1 9  ? -14.485 -35.185 8.556   1.00 46.01  ? 870  GLU B OE2 1 
ATOM   660  N N   . ARG B 1 10 ? -19.547 -33.087 8.032   1.00 33.60  ? 871  ARG B N   1 
ATOM   661  C CA  . ARG B 1 10 ? -19.764 -32.589 6.687   1.00 25.04  ? 871  ARG B CA  1 
ATOM   662  C C   . ARG B 1 10 ? -20.173 -31.124 6.701   1.00 30.47  ? 871  ARG B C   1 
ATOM   663  O O   . ARG B 1 10 ? -19.728 -30.339 5.857   1.00 36.89  ? 871  ARG B O   1 
ATOM   664  C CB  . ARG B 1 10 ? -20.826 -33.442 6.020   1.00 32.54  ? 871  ARG B CB  1 
ATOM   665  C CG  . ARG B 1 10 ? -21.139 -33.021 4.628   1.00 42.67  ? 871  ARG B CG  1 
ATOM   666  C CD  . ARG B 1 10 ? -22.366 -33.763 4.156   1.00 36.85  ? 871  ARG B CD  1 
ATOM   667  N NE  . ARG B 1 10 ? -23.540 -33.414 4.945   1.00 35.49  ? 871  ARG B NE  1 
ATOM   668  C CZ  . ARG B 1 10 ? -24.261 -32.307 4.778   1.00 44.46  ? 871  ARG B CZ  1 
ATOM   669  N NH1 . ARG B 1 10 ? -23.931 -31.411 3.851   1.00 41.19  ? 871  ARG B NH1 1 
ATOM   670  N NH2 . ARG B 1 10 ? -25.315 -32.089 5.546   1.00 45.66  ? 871  ARG B NH2 1 
ATOM   671  N N   . MET B 1 11 ? -21.003 -30.731 7.666   1.00 22.94  ? 872  MET B N   1 
ATOM   672  C CA  . MET B 1 11 ? -21.453 -29.346 7.738   1.00 26.96  ? 872  MET B CA  1 
ATOM   673  C C   . MET B 1 11 ? -20.325 -28.412 8.163   1.00 18.49  ? 872  MET B C   1 
ATOM   674  O O   . MET B 1 11 ? -20.242 -27.278 7.689   1.00 37.73  ? 872  MET B O   1 
ATOM   675  C CB  . MET B 1 11 ? -22.642 -29.237 8.694   1.00 24.45  ? 872  MET B CB  1 
ATOM   676  C CG  . MET B 1 11 ? -23.861 -30.020 8.222   1.00 36.54  ? 872  MET B CG  1 
ATOM   677  S SD  . MET B 1 11 ? -25.418 -29.798 9.116   1.00 54.69  ? 872  MET B SD  1 
ATOM   678  C CE  . MET B 1 11 ? -24.879 -29.996 10.827  1.00 37.23  ? 872  MET B CE  1 
ATOM   679  N N   . ARG B 1 12 ? -19.471 -28.858 9.076   1.00 32.47  ? 873  ARG B N   1 
ATOM   680  C CA  . ARG B 1 12 ? -18.310 -28.064 9.454   1.00 26.88  ? 873  ARG B CA  1 
ATOM   681  C C   . ARG B 1 12 ? -17.419 -27.805 8.249   1.00 28.09  ? 873  ARG B C   1 
ATOM   682  O O   . ARG B 1 12 ? -16.892 -26.704 8.076   1.00 33.70  ? 873  ARG B O   1 
ATOM   683  C CB  . ARG B 1 12 ? -17.537 -28.783 10.563  1.00 27.10  ? 873  ARG B CB  1 
ATOM   684  C CG  . ARG B 1 12 ? -16.249 -28.120 10.983  1.00 41.02  ? 873  ARG B CG  1 
ATOM   685  C CD  . ARG B 1 12 ? -15.660 -28.758 12.233  1.00 51.03  ? 873  ARG B CD  1 
ATOM   686  N NE  . ARG B 1 12 ? -15.258 -30.151 12.022  1.00 76.81  ? 873  ARG B NE  1 
ATOM   687  C CZ  . ARG B 1 12 ? -14.610 -30.898 12.917  1.00 77.96  ? 873  ARG B CZ  1 
ATOM   688  N NH1 . ARG B 1 12 ? -14.277 -30.400 14.110  1.00 52.53  ? 873  ARG B NH1 1 
ATOM   689  N NH2 . ARG B 1 12 ? -14.295 -32.152 12.612  1.00 54.39  ? 873  ARG B NH2 1 
ATOM   690  N N   . LEU B 1 13 ? -17.263 -28.800 7.386   1.00 31.21  ? 874  LEU B N   1 
ATOM   691  C CA  . LEU B 1 13 ? -16.404 -28.629 6.231   1.00 27.85  ? 874  LEU B CA  1 
ATOM   692  C C   . LEU B 1 13 ? -17.030 -27.710 5.194   1.00 31.92  ? 874  LEU B C   1 
ATOM   693  O O   . LEU B 1 13 ? -16.319 -26.963 4.511   1.00 37.54  ? 874  LEU B O   1 
ATOM   694  C CB  . LEU B 1 13 ? -16.105 -29.969 5.590   1.00 27.64  ? 874  LEU B CB  1 
ATOM   695  C CG  . LEU B 1 13 ? -14.943 -30.843 6.019   1.00 47.12  ? 874  LEU B CG  1 
ATOM   696  C CD1 . LEU B 1 13 ? -14.629 -31.767 4.833   1.00 32.23  ? 874  LEU B CD1 1 
ATOM   697  C CD2 . LEU B 1 13 ? -13.719 -30.036 6.483   1.00 46.23  ? 874  LEU B CD2 1 
ATOM   698  N N   . ALA B 1 14 ? -18.347 -27.783 5.018   1.00 25.61  ? 875  ALA B N   1 
ATOM   699  C CA  . ALA B 1 14 ? -18.971 -26.979 3.978   1.00 25.30  ? 875  ALA B CA  1 
ATOM   700  C C   . ALA B 1 14 ? -18.970 -25.506 4.351   1.00 27.82  ? 875  ALA B C   1 
ATOM   701  O O   . ALA B 1 14 ? -18.744 -24.644 3.497   1.00 38.75  ? 875  ALA B O   1 
ATOM   702  C CB  . ALA B 1 14 ? -20.383 -27.470 3.705   1.00 26.70  ? 875  ALA B CB  1 
ATOM   703  N N   . GLU B 1 15 ? -19.207 -25.199 5.622   1.00 31.21  ? 876  GLU B N   1 
ATOM   704  C CA  . GLU B 1 15 ? -19.123 -23.822 6.085   1.00 21.52  ? 876  GLU B CA  1 
ATOM   705  C C   . GLU B 1 15 ? -17.704 -23.295 6.005   1.00 25.78  ? 876  GLU B C   1 
ATOM   706  O O   . GLU B 1 15 ? -17.486 -22.106 5.761   1.00 36.20  ? 876  GLU B O   1 
ATOM   707  C CB  . GLU B 1 15 ? -19.627 -23.734 7.513   1.00 27.06  ? 876  GLU B CB  1 
ATOM   708  C CG  . GLU B 1 15 ? -21.105 -23.665 7.596   1.00 47.44  ? 876  GLU B CG  1 
ATOM   709  C CD  . GLU B 1 15 ? -21.637 -22.399 6.980   1.00 55.29  ? 876  GLU B CD  1 
ATOM   710  O OE1 . GLU B 1 15 ? -21.048 -21.337 7.248   1.00 61.63  ? 876  GLU B OE1 1 
ATOM   711  O OE2 . GLU B 1 15 ? -22.629 -22.470 6.226   1.00 47.77  ? 876  GLU B OE2 1 
ATOM   712  N N   . GLU B 1 16 ? -16.725 -24.152 6.253   1.00 28.65  ? 877  GLU B N   1 
ATOM   713  C CA  . GLU B 1 16 ? -15.345 -23.710 6.155   1.00 23.36  ? 877  GLU B CA  1 
ATOM   714  C C   . GLU B 1 16 ? -14.970 -23.386 4.714   1.00 33.46  ? 877  GLU B C   1 
ATOM   715  O O   . GLU B 1 16 ? -14.166 -22.485 4.468   1.00 29.61  ? 877  GLU B O   1 
ATOM   716  C CB  . GLU B 1 16 ? -14.409 -24.778 6.731   1.00 35.93  ? 877  GLU B CB  1 
ATOM   717  C CG  . GLU B 1 16 ? -14.419 -24.877 8.261   1.00 48.04  ? 877  GLU B CG  1 
ATOM   718  C CD  . GLU B 1 16 ? -13.323 -25.789 8.813   1.00 54.89  ? 877  GLU B CD  1 
ATOM   719  O OE1 . GLU B 1 16 ? -12.657 -26.487 8.014   1.00 40.97  ? 877  GLU B OE1 1 
ATOM   720  O OE2 . GLU B 1 16 ? -13.126 -25.800 10.051  1.00 51.53  ? 877  GLU B OE2 1 
ATOM   721  N N   . GLU B 1 17 ? -15.553 -24.084 3.755   1.00 40.26  ? 878  GLU B N   1 
ATOM   722  C CA  A GLU B 1 17 ? -15.160 -23.922 2.363   0.26 30.63  ? 878  GLU B CA  1 
ATOM   723  C CA  B GLU B 1 17 ? -15.147 -23.892 2.372   0.74 30.48  ? 878  GLU B CA  1 
ATOM   724  C C   . GLU B 1 17 ? -15.894 -22.762 1.703   1.00 32.87  ? 878  GLU B C   1 
ATOM   725  O O   . GLU B 1 17 ? -15.325 -22.071 0.853   1.00 35.10  ? 878  GLU B O   1 
ATOM   726  C CB  A GLU B 1 17 ? -15.406 -25.235 1.622   0.26 43.34  ? 878  GLU B CB  1 
ATOM   727  C CB  B GLU B 1 17 ? -15.349 -25.179 1.581   0.74 43.49  ? 878  GLU B CB  1 
ATOM   728  C CG  A GLU B 1 17 ? -15.166 -25.198 0.134   0.26 45.87  ? 878  GLU B CG  1 
ATOM   729  C CG  B GLU B 1 17 ? -14.387 -26.279 1.983   0.74 42.40  ? 878  GLU B CG  1 
ATOM   730  C CD  A GLU B 1 17 ? -16.447 -25.381 -0.653  0.26 50.88  ? 878  GLU B CD  1 
ATOM   731  C CD  B GLU B 1 17 ? -12.969 -25.969 1.582   0.74 41.58  ? 878  GLU B CD  1 
ATOM   732  O OE1 A GLU B 1 17 ? -17.535 -25.101 -0.105  0.26 50.35  ? 878  GLU B OE1 1 
ATOM   733  O OE1 B GLU B 1 17 ? -12.747 -25.632 0.402   0.74 40.31  ? 878  GLU B OE1 1 
ATOM   734  O OE2 A GLU B 1 17 ? -16.364 -25.798 -1.827  0.26 55.24  ? 878  GLU B OE2 1 
ATOM   735  O OE2 B GLU B 1 17 ? -12.075 -26.051 2.448   0.74 48.24  ? 878  GLU B OE2 1 
ATOM   736  N N   . LYS B 1 18 ? -17.156 -22.544 2.064   1.00 30.79  ? 879  LYS B N   1 
ATOM   737  C CA  . LYS B 1 18 ? -17.818 -21.342 1.585   1.00 30.72  ? 879  LYS B CA  1 
ATOM   738  C C   . LYS B 1 18 ? -17.153 -20.113 2.179   1.00 32.35  ? 879  LYS B C   1 
ATOM   739  O O   . LYS B 1 18 ? -16.954 -19.111 1.492   1.00 28.86  ? 879  LYS B O   1 
ATOM   740  C CB  . LYS B 1 18 ? -19.301 -21.382 1.924   1.00 23.06  ? 879  LYS B CB  1 
ATOM   741  C CG  . LYS B 1 18 ? -19.604 -21.372 3.413   1.00 41.40  ? 879  LYS B CG  1 
ATOM   742  C CD  . LYS B 1 18 ? -21.072 -21.120 3.688   1.00 40.63  ? 879  LYS B CD  1 
ATOM   743  C CE  . LYS B 1 18 ? -21.942 -22.177 3.026   1.00 36.79  ? 879  LYS B CE  1 
ATOM   744  N NZ  . LYS B 1 18 ? -23.209 -22.340 3.779   1.00 39.84  ? 879  LYS B NZ  1 
ATOM   745  N N   . LEU B 1 19 ? -16.765 -20.193 3.449   1.00 30.48  ? 880  LEU B N   1 
ATOM   746  C CA  . LEU B 1 19 ? -15.979 -19.134 4.046   1.00 22.41  ? 880  LEU B CA  1 
ATOM   747  C C   . LEU B 1 19 ? -14.753 -18.825 3.200   1.00 31.13  ? 880  LEU B C   1 
ATOM   748  O O   . LEU B 1 19 ? -14.416 -17.660 2.986   1.00 37.75  ? 880  LEU B O   1 
ATOM   749  C CB  . LEU B 1 19 ? -15.576 -19.542 5.461   1.00 23.50  ? 880  LEU B CB  1 
ATOM   750  C CG  . LEU B 1 19 ? -14.826 -18.515 6.305   1.00 40.47  ? 880  LEU B CG  1 
ATOM   751  C CD1 . LEU B 1 19 ? -15.429 -17.126 6.124   1.00 30.64  ? 880  LEU B CD1 1 
ATOM   752  C CD2 . LEU B 1 19 ? -14.847 -18.926 7.769   1.00 28.91  ? 880  LEU B CD2 1 
ATOM   753  N N   . ARG B 1 20 ? -14.081 -19.860 2.692   1.00 33.98  ? 881  ARG B N   1 
ATOM   754  C CA  . ARG B 1 20 ? -12.792 -19.640 2.052   1.00 22.80  ? 881  ARG B CA  1 
ATOM   755  C C   . ARG B 1 20 ? -12.956 -18.954 0.715   1.00 26.06  ? 881  ARG B C   1 
ATOM   756  O O   . ARG B 1 20 ? -12.123 -18.133 0.319   1.00 34.10  ? 881  ARG B O   1 
ATOM   757  C CB  . ARG B 1 20 ? -12.041 -20.954 1.866   1.00 36.47  ? 881  ARG B CB  1 
ATOM   758  C CG  . ARG B 1 20 ? -10.578 -20.718 1.455   1.00 50.44  ? 881  ARG B CG  1 
ATOM   759  C CD  . ARG B 1 20 ? -9.852  -21.994 1.153   1.00 32.14  ? 881  ARG B CD  1 
ATOM   760  N NE  . ARG B 1 20 ? -10.744 -22.894 0.444   1.00 47.80  ? 881  ARG B NE  1 
ATOM   761  C CZ  . ARG B 1 20 ? -10.863 -22.920 -0.876  1.00 53.87  ? 881  ARG B CZ  1 
ATOM   762  N NH1 . ARG B 1 20 ? -10.116 -22.092 -1.610  1.00 39.10  ? 881  ARG B NH1 1 
ATOM   763  N NH2 . ARG B 1 20 ? -11.717 -23.775 -1.448  1.00 23.73  ? 881  ARG B NH2 1 
ATOM   764  N N   . LYS B 1 21 ? -14.007 -19.282 0.003   1.00 26.68  ? 882  LYS B N   1 
ATOM   765  C CA  . LYS B 1 21 ? -14.250 -18.661 -1.277  1.00 32.92  ? 882  LYS B CA  1 
ATOM   766  C C   . LYS B 1 21 ? -15.008 -17.348 -1.162  1.00 29.84  ? 882  LYS B C   1 
ATOM   767  O O   . LYS B 1 21 ? -15.058 -16.594 -2.131  1.00 26.15  ? 882  LYS B O   1 
ATOM   768  C CB  . LYS B 1 21 ? -14.987 -19.650 -2.164  1.00 33.26  ? 882  LYS B CB  1 
ATOM   769  C CG  . LYS B 1 21 ? -14.172 -20.900 -2.384  1.00 31.00  ? 882  LYS B CG  1 
ATOM   770  C CD  . LYS B 1 21 ? -14.918 -21.888 -3.223  1.00 37.54  ? 882  LYS B CD  1 
ATOM   771  C CE  . LYS B 1 21 ? -15.832 -22.731 -2.363  1.00 58.81  ? 882  LYS B CE  1 
ATOM   772  N NZ  . LYS B 1 21 ? -16.651 -23.698 -3.159  1.00 55.16  ? 882  LYS B NZ  1 
ATOM   773  N N   . GLU B 1 22 ? -15.590 -17.052 -0.009  1.00 28.33  ? 883  GLU B N   1 
ATOM   774  C CA  . GLU B 1 22 ? -16.087 -15.708 0.217   1.00 18.40  ? 883  GLU B CA  1 
ATOM   775  C C   . GLU B 1 22 ? -14.928 -14.759 0.446   1.00 23.20  ? 883  GLU B C   1 
ATOM   776  O O   . GLU B 1 22 ? -14.774 -13.765 -0.265  1.00 33.42  ? 883  GLU B O   1 
ATOM   777  C CB  . GLU B 1 22 ? -17.055 -15.691 1.401   1.00 32.99  ? 883  GLU B CB  1 
ATOM   778  N N   . MET B 1 23 ? -14.115 -15.048 1.445   1.00 25.85  ? 884  MET B N   1 
ATOM   779  C CA  . MET B 1 23 ? -12.809 -14.444 1.601   1.00 25.36  ? 884  MET B CA  1 
ATOM   780  C C   . MET B 1 23 ? -12.173 -14.103 0.261   1.00 35.76  ? 884  MET B C   1 
ATOM   781  O O   . MET B 1 23 ? -11.664 -12.992 0.075   1.00 32.21  ? 884  MET B O   1 
ATOM   782  C CB  . MET B 1 23 ? -11.895 -15.388 2.371   1.00 24.32  ? 884  MET B CB  1 
ATOM   783  C CG  . MET B 1 23 ? -12.225 -15.460 3.827   1.00 43.82  ? 884  MET B CG  1 
ATOM   784  S SD  . MET B 1 23 ? -11.720 -13.908 4.552   1.00 48.05  ? 884  MET B SD  1 
ATOM   785  C CE  . MET B 1 23 ? -12.718 -13.852 6.010   1.00 44.07  ? 884  MET B CE  1 
ATOM   786  N N   . SER B 1 24 ? -12.207 -15.054 -0.673  1.00 34.53  ? 885  SER B N   1 
ATOM   787  C CA  A SER B 1 24 ? -11.555 -14.853 -1.959  0.20 24.87  ? 885  SER B CA  1 
ATOM   788  C CA  B SER B 1 24 ? -11.553 -14.840 -1.958  0.80 24.39  ? 885  SER B CA  1 
ATOM   789  C C   . SER B 1 24 ? -12.259 -13.761 -2.753  1.00 29.31  ? 885  SER B C   1 
ATOM   790  O O   . SER B 1 24 ? -11.608 -12.866 -3.304  1.00 29.57  ? 885  SER B O   1 
ATOM   791  C CB  A SER B 1 24 ? -11.532 -16.169 -2.736  0.20 23.98  ? 885  SER B CB  1 
ATOM   792  C CB  B SER B 1 24 ? -11.494 -16.133 -2.763  0.80 23.12  ? 885  SER B CB  1 
ATOM   793  O OG  A SER B 1 24 ? -10.970 -16.001 -4.022  0.20 18.66  ? 885  SER B OG  1 
ATOM   794  O OG  B SER B 1 24 ? -10.415 -16.929 -2.338  0.80 21.80  ? 885  SER B OG  1 
ATOM   795  N N   . ALA B 1 25 ? -13.582 -13.824 -2.811  1.00 29.02  ? 886  ALA B N   1 
ATOM   796  C CA  . ALA B 1 25 ? -14.323 -12.844 -3.593  1.00 22.78  ? 886  ALA B CA  1 
ATOM   797  C C   . ALA B 1 25 ? -14.097 -11.432 -3.069  1.00 35.96  ? 886  ALA B C   1 
ATOM   798  O O   . ALA B 1 25 ? -13.827 -10.513 -3.843  1.00 46.35  ? 886  ALA B O   1 
ATOM   799  C CB  . ALA B 1 25 ? -15.799 -13.189 -3.591  1.00 22.52  ? 886  ALA B CB  1 
ATOM   800  N N   . LYS B 1 26 ? -14.187 -11.242 -1.753  1.00 40.27  ? 887  LYS B N   1 
ATOM   801  C CA  . LYS B 1 26 ? -13.920 -9.931  -1.176  1.00 21.03  ? 887  LYS B CA  1 
ATOM   802  C C   . LYS B 1 26 ? -12.520 -9.443  -1.530  1.00 25.70  ? 887  LYS B C   1 
ATOM   803  O O   . LYS B 1 26 ? -12.331 -8.260  -1.808  1.00 41.82  ? 887  LYS B O   1 
ATOM   804  C CB  . LYS B 1 26 ? -14.109 -9.980  0.334   1.00 32.88  ? 887  LYS B CB  1 
ATOM   805  C CG  . LYS B 1 26 ? -14.578 -8.678  0.947   1.00 33.49  ? 887  LYS B CG  1 
ATOM   806  C CD  . LYS B 1 26 ? -15.767 -8.106  0.214   1.00 54.92  ? 887  LYS B CD  1 
ATOM   807  C CE  . LYS B 1 26 ? -16.178 -6.740  0.762   1.00 54.33  ? 887  LYS B CE  1 
ATOM   808  N NZ  . LYS B 1 26 ? -17.264 -6.104  -0.049  1.00 39.25  ? 887  LYS B NZ  1 
ATOM   809  N N   . LYS B 1 27 ? -11.520 -10.334 -1.528  1.00 38.58  ? 888  LYS B N   1 
ATOM   810  C CA  . LYS B 1 27 ? -10.179 -9.915  -1.942  1.00 38.01  ? 888  LYS B CA  1 
ATOM   811  C C   . LYS B 1 27 ? -10.206 -9.380  -3.365  1.00 37.75  ? 888  LYS B C   1 
ATOM   812  O O   . LYS B 1 27 ? -9.693  -8.295  -3.651  1.00 44.74  ? 888  LYS B O   1 
ATOM   813  C CB  . LYS B 1 27 ? -9.176  -11.076 -1.846  1.00 41.15  ? 888  LYS B CB  1 
ATOM   814  C CG  . LYS B 1 27 ? -7.952  -10.940 -2.830  1.00 41.25  ? 888  LYS B CG  1 
ATOM   815  C CD  . LYS B 1 27 ? -6.963  -12.147 -2.854  1.00 37.06  ? 888  LYS B CD  1 
ATOM   816  C CE  . LYS B 1 27 ? -6.037  -12.114 -4.105  1.00 54.74  ? 888  LYS B CE  1 
ATOM   817  N NZ  . LYS B 1 27 ? -4.970  -13.188 -4.197  1.00 31.40  ? 888  LYS B NZ  1 
ATOM   818  N N   . ALA B 1 28 ? -10.792 -10.152 -4.273  1.00 43.30  ? 889  ALA B N   1 
ATOM   819  C CA  . ALA B 1 28 ? -10.919 -9.733  -5.658  1.00 35.36  ? 889  ALA B CA  1 
ATOM   820  C C   . ALA B 1 28 ? -11.629 -8.400  -5.753  1.00 27.42  ? 889  ALA B C   1 
ATOM   821  O O   . ALA B 1 28 ? -11.201 -7.505  -6.479  1.00 32.98  ? 889  ALA B O   1 
ATOM   822  C CB  . ALA B 1 28 ? -11.691 -10.798 -6.431  1.00 34.00  ? 889  ALA B CB  1 
ATOM   823  N N   . LYS B 1 29 ? -12.739 -8.261  -5.043  1.00 33.29  ? 890  LYS B N   1 
ATOM   824  C CA  . LYS B 1 29 ? -13.516 -7.037  -5.137  1.00 31.02  ? 890  LYS B CA  1 
ATOM   825  C C   . LYS B 1 29 ? -12.686 -5.831  -4.730  1.00 28.50  ? 890  LYS B C   1 
ATOM   826  O O   . LYS B 1 29 ? -12.714 -4.790  -5.392  1.00 26.82  ? 890  LYS B O   1 
ATOM   827  C CB  . LYS B 1 29 ? -14.770 -7.168  -4.276  1.00 23.30  ? 890  LYS B CB  1 
ATOM   828  C CG  . LYS B 1 29 ? -15.951 -7.778  -5.040  1.00 31.46  ? 890  LYS B CG  1 
ATOM   829  C CD  . LYS B 1 29 ? -17.191 -8.012  -4.160  1.00 42.95  ? 890  LYS B CD  1 
ATOM   830  C CE  . LYS B 1 29 ? -17.334 -9.476  -3.761  1.00 30.81  ? 890  LYS B CE  1 
ATOM   831  N NZ  . LYS B 1 29 ? -18.176 -9.655  -2.539  1.00 37.98  ? 890  LYS B NZ  1 
ATOM   832  N N   . GLU B 1 30 ? -11.927 -5.962  -3.656  1.00 38.51  ? 891  GLU B N   1 
ATOM   833  C CA  . GLU B 1 30 ? -11.133 -4.846  -3.175  1.00 24.81  ? 891  GLU B CA  1 
ATOM   834  C C   . GLU B 1 30 ? -9.882  -4.631  -3.999  1.00 25.38  ? 891  GLU B C   1 
ATOM   835  O O   . GLU B 1 30 ? -9.388  -3.513  -4.075  1.00 32.14  ? 891  GLU B O   1 
ATOM   836  C CB  . GLU B 1 30 ? -10.738 -5.087  -1.730  1.00 45.57  ? 891  GLU B CB  1 
ATOM   837  C CG  . GLU B 1 30 ? -11.884 -5.412  -0.819  1.00 37.38  ? 891  GLU B CG  1 
ATOM   838  C CD  . GLU B 1 30 ? -11.400 -5.566  0.599   1.00 59.55  ? 891  GLU B CD  1 
ATOM   839  O OE1 . GLU B 1 30 ? -10.375 -6.258  0.797   1.00 49.17  ? 891  GLU B OE1 1 
ATOM   840  O OE2 . GLU B 1 30 ? -12.014 -4.961  1.505   1.00 56.95  ? 891  GLU B OE2 1 
ATOM   841  N N   . GLU B 1 31 ? -9.319  -5.687  -4.565  1.00 32.08  ? 892  GLU B N   1 
ATOM   842  C CA  . GLU B 1 31 ? -8.160  -5.490  -5.412  1.00 23.49  ? 892  GLU B CA  1 
ATOM   843  C C   . GLU B 1 31 ? -8.552  -4.711  -6.655  1.00 33.47  ? 892  GLU B C   1 
ATOM   844  O O   . GLU B 1 31 ? -7.851  -3.779  -7.061  1.00 39.72  ? 892  GLU B O   1 
ATOM   845  C CB  . GLU B 1 31 ? -7.524  -6.842  -5.749  1.00 23.53  ? 892  GLU B CB  1 
ATOM   846  C CG  . GLU B 1 31 ? -6.953  -6.962  -7.168  1.00 50.25  ? 892  GLU B CG  1 
ATOM   847  C CD  . GLU B 1 31 ? -5.580  -6.299  -7.361  1.00 50.83  ? 892  GLU B CD  1 
ATOM   848  O OE1 . GLU B 1 31 ? -5.065  -5.685  -6.399  1.00 42.99  ? 892  GLU B OE1 1 
ATOM   849  O OE2 . GLU B 1 31 ? -5.010  -6.415  -8.478  1.00 42.67  ? 892  GLU B OE2 1 
ATOM   850  N N   . ALA B 1 32 ? -9.703  -5.028  -7.229  1.00 31.60  ? 893  ALA B N   1 
ATOM   851  C CA  . ALA B 1 32 ? -10.198 -4.233  -8.332  1.00 20.84  ? 893  ALA B CA  1 
ATOM   852  C C   . ALA B 1 32 ? -10.636 -2.844  -7.909  1.00 31.65  ? 893  ALA B C   1 
ATOM   853  O O   . ALA B 1 32 ? -10.674 -1.948  -8.754  1.00 36.87  ? 893  ALA B O   1 
ATOM   854  C CB  . ALA B 1 32 ? -11.363 -4.927  -9.003  1.00 20.24  ? 893  ALA B CB  1 
ATOM   855  N N   . GLU B 1 33 ? -11.019 -2.631  -6.654  1.00 28.48  ? 894  GLU B N   1 
ATOM   856  C CA  . GLU B 1 33 ? -11.355 -1.254  -6.322  1.00 26.02  ? 894  GLU B CA  1 
ATOM   857  C C   . GLU B 1 33 ? -10.102 -0.416  -6.142  1.00 32.75  ? 894  GLU B C   1 
ATOM   858  O O   . GLU B 1 33 ? -10.061 0.740   -6.574  1.00 52.09  ? 894  GLU B O   1 
ATOM   859  C CB  . GLU B 1 33 ? -12.208 -1.171  -5.071  1.00 29.04  ? 894  GLU B CB  1 
ATOM   860  C CG  . GLU B 1 33 ? -12.538 0.271   -4.721  1.00 37.34  ? 894  GLU B CG  1 
ATOM   861  C CD  . GLU B 1 33 ? -13.437 0.936   -5.745  1.00 40.05  ? 894  GLU B CD  1 
ATOM   862  O OE1 . GLU B 1 33 ? -14.270 0.230   -6.350  1.00 48.93  ? 894  GLU B OE1 1 
ATOM   863  O OE2 . GLU B 1 33 ? -13.330 2.164   -5.942  1.00 37.33  ? 894  GLU B OE2 1 
ATOM   864  N N   . ARG B 1 34 ? -9.061  -0.983  -5.523  1.00 35.74  ? 895  ARG B N   1 
ATOM   865  C CA  . ARG B 1 34 ? -7.817  -0.243  -5.423  1.00 28.54  ? 895  ARG B CA  1 
ATOM   866  C C   . ARG B 1 34 ? -7.130  -0.137  -6.771  1.00 37.15  ? 895  ARG B C   1 
ATOM   867  O O   . ARG B 1 34 ? -6.370  0.804   -7.007  1.00 32.48  ? 895  ARG B O   1 
ATOM   868  C CB  . ARG B 1 34 ? -6.865  -0.863  -4.393  1.00 39.38  ? 895  ARG B CB  1 
ATOM   869  C CG  . ARG B 1 34 ? -7.247  -0.547  -2.951  1.00 43.83  ? 895  ARG B CG  1 
ATOM   870  C CD  . ARG B 1 34 ? -6.338  0.498   -2.206  1.00 65.93  ? 895  ARG B CD  1 
ATOM   871  N NE  . ARG B 1 34 ? -4.895  0.238   -2.169  1.00 103.47 ? 895  ARG B NE  1 
ATOM   872  C CZ  . ARG B 1 34 ? -3.956  1.187   -2.075  1.00 64.42  ? 895  ARG B CZ  1 
ATOM   873  N NH1 . ARG B 1 34 ? -4.299  2.472   -2.064  1.00 64.45  ? 895  ARG B NH1 1 
ATOM   874  N NH2 . ARG B 1 34 ? -2.666  0.857   -2.022  1.00 55.20  ? 895  ARG B NH2 1 
ATOM   875  N N   . LYS B 1 35 ? -7.357  -1.082  -7.666  1.00 30.03  ? 896  LYS B N   1 
ATOM   876  C CA  . LYS B 1 35 ? -6.801  -0.894  -8.993  1.00 39.24  ? 896  LYS B CA  1 
ATOM   877  C C   . LYS B 1 35 ? -7.484  0.265   -9.697  1.00 23.70  ? 896  LYS B C   1 
ATOM   878  O O   . LYS B 1 35 ? -6.881  0.921   -10.544 1.00 30.67  ? 896  LYS B O   1 
ATOM   879  C CB  . LYS B 1 35 ? -6.924  -2.180  -9.811  1.00 44.88  ? 896  LYS B CB  1 
ATOM   880  C CG  . LYS B 1 35 ? -5.822  -3.209  -9.558  1.00 45.59  ? 896  LYS B CG  1 
ATOM   881  C CD  . LYS B 1 35 ? -4.469  -2.800  -10.161 1.00 46.48  ? 896  LYS B CD  1 
ATOM   882  C CE  . LYS B 1 35 ? -3.436  -3.939  -10.058 1.00 71.38  ? 896  LYS B CE  1 
ATOM   883  N NZ  . LYS B 1 35 ? -2.029  -3.570  -10.441 1.00 61.78  ? 896  LYS B NZ  1 
ATOM   884  N N   . HIS B 1 36 ? -8.727  0.536   -9.327  1.00 27.22  ? 897  HIS B N   1 
ATOM   885  C CA  . HIS B 1 36 ? -9.508  1.583   -9.953  1.00 23.58  ? 897  HIS B CA  1 
ATOM   886  C C   . HIS B 1 36 ? -9.081  2.945   -9.453  1.00 34.02  ? 897  HIS B C   1 
ATOM   887  O O   . HIS B 1 36 ? -8.891  3.883   -10.239 1.00 24.94  ? 897  HIS B O   1 
ATOM   888  C CB  . HIS B 1 36 ? -10.976 1.359   -9.665  1.00 20.18  ? 897  HIS B CB  1 
ATOM   889  C CG  . HIS B 1 36 ? -11.858 2.504   -10.049 1.00 25.43  ? 897  HIS B CG  1 
ATOM   890  N ND1 . HIS B 1 36 ? -12.152 2.814   -11.359 1.00 28.58  ? 897  HIS B ND1 1 
ATOM   891  C CD2 . HIS B 1 36 ? -12.547 3.388   -9.291  1.00 26.34  ? 897  HIS B CD2 1 
ATOM   892  C CE1 . HIS B 1 36 ? -12.972 3.850   -11.391 1.00 30.62  ? 897  HIS B CE1 1 
ATOM   893  N NE2 . HIS B 1 36 ? -13.234 4.212   -10.149 1.00 26.03  ? 897  HIS B NE2 1 
ATOM   894  N N   . GLN B 1 37 ? -8.934  3.066   -8.143  1.00 35.85  ? 898  GLN B N   1 
ATOM   895  C CA  . GLN B 1 37 ? -8.444  4.309   -7.580  1.00 32.68  ? 898  GLN B CA  1 
ATOM   896  C C   . GLN B 1 37 ? -6.990  4.548   -7.963  1.00 30.80  ? 898  GLN B C   1 
ATOM   897  O O   . GLN B 1 37 ? -6.535  5.697   -8.010  1.00 37.21  ? 898  GLN B O   1 
ATOM   898  C CB  . GLN B 1 37 ? -8.640  4.252   -6.076  1.00 46.01  ? 898  GLN B CB  1 
ATOM   899  C CG  . GLN B 1 37 ? -10.054 3.875   -5.707  1.00 29.13  ? 898  GLN B CG  1 
ATOM   900  C CD  . GLN B 1 37 ? -11.003 5.046   -5.748  1.00 30.23  ? 898  GLN B CD  1 
ATOM   901  O OE1 . GLN B 1 37 ? -10.611 6.160   -6.064  1.00 54.29  ? 898  GLN B OE1 1 
ATOM   902  N NE2 . GLN B 1 37 ? -12.250 4.808   -5.408  1.00 36.03  ? 898  GLN B NE2 1 
ATOM   903  N N   . GLU B 1 38 ? -6.251  3.480   -8.240  1.00 35.49  ? 899  GLU B N   1 
ATOM   904  C CA  . GLU B 1 38 ? -4.922  3.629   -8.804  1.00 31.23  ? 899  GLU B CA  1 
ATOM   905  C C   . GLU B 1 38 ? -4.993  4.377   -10.121 1.00 25.32  ? 899  GLU B C   1 
ATOM   906  O O   . GLU B 1 38 ? -4.309  5.381   -10.315 1.00 40.14  ? 899  GLU B O   1 
ATOM   907  C CB  . GLU B 1 38 ? -4.295  2.251   -8.994  1.00 32.10  ? 899  GLU B CB  1 
ATOM   908  C CG  . GLU B 1 38 ? -2.822  2.238   -9.315  1.00 39.99  ? 899  GLU B CG  1 
ATOM   909  C CD  . GLU B 1 38 ? -2.320  0.849   -9.698  1.00 54.60  ? 899  GLU B CD  1 
ATOM   910  O OE1 . GLU B 1 38 ? -2.663  0.377   -10.808 1.00 57.78  ? 899  GLU B OE1 1 
ATOM   911  O OE2 . GLU B 1 38 ? -1.579  0.234   -8.898  1.00 51.60  ? 899  GLU B OE2 1 
ATOM   912  N N   . ARG B 1 39 ? -5.855  3.920   -11.023 1.00 31.03  ? 900  ARG B N   1 
ATOM   913  C CA  . ARG B 1 39 ? -5.935  4.512   -12.350 1.00 21.42  ? 900  ARG B CA  1 
ATOM   914  C C   . ARG B 1 39 ? -6.523  5.912   -12.312 1.00 34.32  ? 900  ARG B C   1 
ATOM   915  O O   . ARG B 1 39 ? -6.177  6.746   -13.150 1.00 57.99  ? 900  ARG B O   1 
ATOM   916  C CB  . ARG B 1 39 ? -6.748  3.614   -13.269 1.00 27.35  ? 900  ARG B CB  1 
ATOM   917  C CG  . ARG B 1 39 ? -7.038  4.198   -14.630 1.00 43.03  ? 900  ARG B CG  1 
ATOM   918  C CD  . ARG B 1 39 ? -5.774  4.566   -15.398 1.00 42.14  ? 900  ARG B CD  1 
ATOM   919  N NE  . ARG B 1 39 ? -6.055  4.581   -16.831 1.00 63.44  ? 900  ARG B NE  1 
ATOM   920  C CZ  . ARG B 1 39 ? -5.201  4.962   -17.773 1.00 50.97  ? 900  ARG B CZ  1 
ATOM   921  N NH1 . ARG B 1 39 ? -3.988  5.389   -17.453 1.00 57.61  ? 900  ARG B NH1 1 
ATOM   922  N NH2 . ARG B 1 39 ? -5.577  4.931   -19.041 1.00 49.48  ? 900  ARG B NH2 1 
ATOM   923  N N   . LEU B 1 40 ? -7.398  6.201   -11.359 1.00 33.81  ? 901  LEU B N   1 
ATOM   924  C CA  . LEU B 1 40 ? -7.848  7.576   -11.175 1.00 23.91  ? 901  LEU B CA  1 
ATOM   925  C C   . LEU B 1 40 ? -6.663  8.492   -10.902 1.00 35.04  ? 901  LEU B C   1 
ATOM   926  O O   . LEU B 1 40 ? -6.402  9.453   -11.637 1.00 33.23  ? 901  LEU B O   1 
ATOM   927  C CB  . LEU B 1 40 ? -8.845  7.641   -10.019 1.00 24.09  ? 901  LEU B CB  1 
ATOM   928  C CG  . LEU B 1 40 ? -10.307 7.295   -10.268 1.00 25.23  ? 901  LEU B CG  1 
ATOM   929  C CD1 . LEU B 1 40 ? -11.053 7.294   -8.951  1.00 33.61  ? 901  LEU B CD1 1 
ATOM   930  C CD2 . LEU B 1 40 ? -10.939 8.284   -11.230 1.00 28.45  ? 901  LEU B CD2 1 
ATOM   931  N N   . ALA B 1 41 ? -5.925  8.191   -9.838  1.00 44.93  ? 902  ALA B N   1 
ATOM   932  C CA  . ALA B 1 41 ? -4.736  8.962   -9.522  1.00 31.68  ? 902  ALA B CA  1 
ATOM   933  C C   . ALA B 1 41 ? -3.727  8.918   -10.664 1.00 30.52  ? 902  ALA B C   1 
ATOM   934  O O   . ALA B 1 41 ? -3.068  9.920   -10.950 1.00 42.46  ? 902  ALA B O   1 
ATOM   935  C CB  . ALA B 1 41 ? -4.124  8.439   -8.226  1.00 35.86  ? 902  ALA B CB  1 
ATOM   936  N N   . GLN B 1 42 ? -3.580  7.764   -11.316 1.00 27.85  ? 903  GLN B N   1 
ATOM   937  C CA  . GLN B 1 42 ? -2.720  7.685   -12.486 1.00 26.51  ? 903  GLN B CA  1 
ATOM   938  C C   . GLN B 1 42 ? -3.111  8.744   -13.502 1.00 39.01  ? 903  GLN B C   1 
ATOM   939  O O   . GLN B 1 42 ? -2.268  9.486   -14.015 1.00 36.59  ? 903  GLN B O   1 
ATOM   940  C CB  . GLN B 1 42 ? -2.816  6.301   -13.127 1.00 36.57  ? 903  GLN B CB  1 
ATOM   941  C CG  . GLN B 1 42 ? -1.773  5.281   -12.699 1.00 42.94  ? 903  GLN B CG  1 
ATOM   942  C CD  . GLN B 1 42 ? -2.035  3.898   -13.294 1.00 53.21  ? 903  GLN B CD  1 
ATOM   943  O OE1 . GLN B 1 42 ? -2.796  3.760   -14.251 1.00 65.06  ? 903  GLN B OE1 1 
ATOM   944  N NE2 . GLN B 1 42 ? -1.419  2.871   -12.718 1.00 59.40  ? 903  GLN B NE2 1 
ATOM   945  N N   . LEU B 1 43 ? -4.400  8.832   -13.794 1.00 33.56  ? 904  LEU B N   1 
ATOM   946  C CA  . LEU B 1 43 ? -4.850  9.746   -14.832 1.00 37.80  ? 904  LEU B CA  1 
ATOM   947  C C   . LEU B 1 43 ? -4.643  11.196  -14.422 1.00 38.14  ? 904  LEU B C   1 
ATOM   948  O O   . LEU B 1 43 ? -4.190  12.022  -15.227 1.00 35.59  ? 904  LEU B O   1 
ATOM   949  C CB  . LEU B 1 43 ? -6.318  9.470   -15.146 1.00 41.02  ? 904  LEU B CB  1 
ATOM   950  C CG  . LEU B 1 43 ? -6.578  8.162   -15.888 1.00 46.26  ? 904  LEU B CG  1 
ATOM   951  C CD1 . LEU B 1 43 ? -8.067  7.956   -16.105 1.00 47.35  ? 904  LEU B CD1 1 
ATOM   952  C CD2 . LEU B 1 43 ? -5.813  8.146   -17.202 1.00 43.67  ? 904  LEU B CD2 1 
ATOM   953  N N   . ALA B 1 44 ? -4.969  11.522  -13.170 1.00 40.51  ? 905  ALA B N   1 
ATOM   954  C CA  . ALA B 1 44 ? -4.816  12.887  -12.693 1.00 31.30  ? 905  ALA B CA  1 
ATOM   955  C C   . ALA B 1 44 ? -3.354  13.313  -12.693 1.00 33.64  ? 905  ALA B C   1 
ATOM   956  O O   . ALA B 1 44 ? -3.035  14.455  -13.031 1.00 42.47  ? 905  ALA B O   1 
ATOM   957  C CB  . ALA B 1 44 ? -5.413  13.011  -11.297 1.00 25.71  ? 905  ALA B CB  1 
ATOM   958  N N   . ARG B 1 45 ? -2.449  12.404  -12.307 1.00 58.05  ? 906  ARG B N   1 
ATOM   959  C CA  . ARG B 1 45 ? -1.023  12.729  -12.273 1.00 40.82  ? 906  ARG B CA  1 
ATOM   960  C C   . ARG B 1 45 ? -0.500  13.024  -13.671 1.00 34.10  ? 906  ARG B C   1 
ATOM   961  O O   . ARG B 1 45 ? 0.090   14.081  -13.910 1.00 50.46  ? 906  ARG B O   1 
ATOM   962  C CB  . ARG B 1 45 ? -0.235  11.586  -11.613 1.00 32.79  ? 906  ARG B CB  1 
ATOM   963  C CG  . ARG B 1 45 ? 0.676   10.785  -12.522 1.00 54.29  ? 906  ARG B CG  1 
ATOM   964  C CD  . ARG B 1 45 ? 1.617   9.809   -11.786 1.00 51.66  ? 906  ARG B CD  1 
ATOM   965  N NE  . ARG B 1 45 ? 2.385   9.005   -12.655 1.00 69.65  ? 906  ARG B NE  1 
ATOM   966  C CZ  . ARG B 1 45 ? 2.006   7.902   -13.166 1.00 73.42  ? 906  ARG B CZ  1 
ATOM   967  N NH1 . ARG B 1 45 ? 0.861   7.432   -12.895 1.00 63.96  ? 906  ARG B NH1 1 
ATOM   968  N NH2 . ARG B 1 45 ? 2.783   7.256   -13.943 1.00 65.73  ? 906  ARG B NH2 1 
ATOM   969  N N   . GLU B 1 46 ? -0.716  12.108  -14.615 1.00 34.56  ? 907  GLU B N   1 
ATOM   970  C CA  . GLU B 1 46 ? -0.264  12.351  -15.973 1.00 27.93  ? 907  GLU B CA  1 
ATOM   971  C C   . GLU B 1 46 ? -0.871  13.616  -16.544 1.00 33.25  ? 907  GLU B C   1 
ATOM   972  O O   . GLU B 1 46 ? -0.323  14.178  -17.493 1.00 40.97  ? 907  GLU B O   1 
ATOM   973  C CB  . GLU B 1 46 ? -0.613  11.171  -16.878 1.00 34.63  ? 907  GLU B CB  1 
ATOM   974  C CG  . GLU B 1 46 ? -0.049  9.827   -16.461 1.00 44.75  ? 907  GLU B CG  1 
ATOM   975  C CD  . GLU B 1 46 ? -0.307  8.769   -17.508 1.00 33.09  ? 907  GLU B CD  1 
ATOM   976  O OE1 . GLU B 1 46 ? -1.304  8.930   -18.239 1.00 34.35  ? 907  GLU B OE1 1 
ATOM   977  O OE2 . GLU B 1 46 ? 0.484   7.800   -17.610 1.00 29.32  ? 907  GLU B OE2 1 
ATOM   978  N N   . ASP B 1 47 ? -1.995  14.069  -15.985 1.00 35.75  ? 908  ASP B N   1 
ATOM   979  C CA  . ASP B 1 47 ? -2.687  15.240  -16.506 1.00 28.28  ? 908  ASP B CA  1 
ATOM   980  C C   . ASP B 1 47 ? -2.086  16.539  -15.987 1.00 37.06  ? 908  ASP B C   1 
ATOM   981  O O   . ASP B 1 47 ? -1.932  17.496  -16.748 1.00 42.16  ? 908  ASP B O   1 
ATOM   982  C CB  . ASP B 1 47 ? -4.165  15.163  -16.146 1.00 31.60  ? 908  ASP B CB  1 
ATOM   983  C CG  . ASP B 1 47 ? -4.885  16.478  -16.351 1.00 51.36  ? 908  ASP B CG  1 
ATOM   984  O OD1 . ASP B 1 47 ? -5.799  16.771  -15.551 1.00 46.22  ? 908  ASP B OD1 1 
ATOM   985  O OD2 . ASP B 1 47 ? -4.552  17.217  -17.307 1.00 58.35  ? 908  ASP B OD2 1 
ATOM   986  N N   . ALA B 1 48 ? -1.783  16.608  -14.693 1.00 36.18  ? 909  ALA B N   1 
ATOM   987  C CA  . ALA B 1 48 ? -1.132  17.791  -14.152 1.00 21.48  ? 909  ALA B CA  1 
ATOM   988  C C   . ALA B 1 48 ? 0.289   17.904  -14.678 1.00 23.39  ? 909  ALA B C   1 
ATOM   989  O O   . ALA B 1 48 ? 0.750   18.991  -15.023 1.00 36.28  ? 909  ALA B O   1 
ATOM   990  C CB  . ALA B 1 48 ? -1.148  17.734  -12.628 1.00 28.46  ? 909  ALA B CB  1 
ATOM   991  N N   . GLU B 1 49 ? 0.988   16.778  -14.737 1.00 31.15  ? 910  GLU B N   1 
ATOM   992  C CA  . GLU B 1 49 ? 2.246   16.677  -15.458 1.00 24.74  ? 910  GLU B CA  1 
ATOM   993  C C   . GLU B 1 49 ? 2.151   17.337  -16.824 1.00 39.11  ? 910  GLU B C   1 
ATOM   994  O O   . GLU B 1 49 ? 2.987   18.171  -17.186 1.00 38.75  ? 910  GLU B O   1 
ATOM   995  C CB  . GLU B 1 49 ? 2.617   15.192  -15.577 1.00 36.89  ? 910  GLU B CB  1 
ATOM   996  C CG  . GLU B 1 49 ? 3.765   14.828  -16.510 1.00 49.85  ? 910  GLU B CG  1 
ATOM   997  C CD  . GLU B 1 49 ? 3.872   13.315  -16.768 1.00 61.79  ? 910  GLU B CD  1 
ATOM   998  O OE1 . GLU B 1 49 ? 4.063   12.906  -17.936 1.00 67.83  ? 910  GLU B OE1 1 
ATOM   999  O OE2 . GLU B 1 49 ? 3.774   12.531  -15.802 1.00 62.86  ? 910  GLU B OE2 1 
ATOM   1000 N N   . ARG B 1 50 ? 1.130   16.981  -17.595 1.00 30.10  ? 911  ARG B N   1 
ATOM   1001 C CA  . ARG B 1 50 ? 1.032   17.500  -18.949 1.00 33.22  ? 911  ARG B CA  1 
ATOM   1002 C C   . ARG B 1 50 ? 0.745   18.995  -18.952 1.00 47.16  ? 911  ARG B C   1 
ATOM   1003 O O   . ARG B 1 50 ? 1.169   19.707  -19.869 1.00 44.43  ? 911  ARG B O   1 
ATOM   1004 C CB  . ARG B 1 50 ? -0.032  16.713  -19.706 1.00 42.20  ? 911  ARG B CB  1 
ATOM   1005 C CG  . ARG B 1 50 ? -0.780  17.456  -20.796 1.00 57.63  ? 911  ARG B CG  1 
ATOM   1006 C CD  . ARG B 1 50 ? -1.899  16.582  -21.377 1.00 62.46  ? 911  ARG B CD  1 
ATOM   1007 N NE  . ARG B 1 50 ? -1.549  15.161  -21.339 1.00 46.02  ? 911  ARG B NE  1 
ATOM   1008 C CZ  . ARG B 1 50 ? -2.173  14.255  -20.597 1.00 46.96  ? 911  ARG B CZ  1 
ATOM   1009 N NH1 . ARG B 1 50 ? -3.195  14.617  -19.844 1.00 37.44  ? 911  ARG B NH1 1 
ATOM   1010 N NH2 . ARG B 1 50 ? -1.775  12.994  -20.608 1.00 34.52  ? 911  ARG B NH2 1 
ATOM   1011 N N   . GLU B 1 51 ? 0.060   19.490  -17.927 1.00 47.14  ? 912  GLU B N   1 
ATOM   1012 C CA  . GLU B 1 51 ? -0.245  20.914  -17.850 1.00 36.63  ? 912  GLU B CA  1 
ATOM   1013 C C   . GLU B 1 51 ? 1.014   21.716  -17.564 1.00 46.68  ? 912  GLU B C   1 
ATOM   1014 O O   . GLU B 1 51 ? 1.390   22.610  -18.333 1.00 50.01  ? 912  GLU B O   1 
ATOM   1015 C CB  . GLU B 1 51 ? -1.304  21.153  -16.770 1.00 40.83  ? 912  GLU B CB  1 
ATOM   1016 C CG  . GLU B 1 51 ? -1.958  22.519  -16.782 1.00 43.03  ? 912  GLU B CG  1 
ATOM   1017 C CD  . GLU B 1 51 ? -3.066  22.643  -17.813 1.00 73.22  ? 912  GLU B CD  1 
ATOM   1018 O OE1 . GLU B 1 51 ? -3.616  23.757  -17.969 1.00 79.38  ? 912  GLU B OE1 1 
ATOM   1019 O OE2 . GLU B 1 51 ? -3.390  21.629  -18.468 1.00 79.52  ? 912  GLU B OE2 1 
ATOM   1020 N N   . LEU B 1 52 ? 1.680   21.403  -16.452 1.00 43.82  ? 913  LEU B N   1 
ATOM   1021 C CA  . LEU B 1 52 ? 2.952   22.018  -16.097 1.00 44.53  ? 913  LEU B CA  1 
ATOM   1022 C C   . LEU B 1 52 ? 3.867   22.199  -17.301 1.00 32.07  ? 913  LEU B C   1 
ATOM   1023 O O   . LEU B 1 52 ? 4.264   23.317  -17.637 1.00 52.82  ? 913  LEU B O   1 
ATOM   1024 C CB  . LEU B 1 52 ? 3.646   21.160  -15.037 1.00 31.99  ? 913  LEU B CB  1 
ATOM   1025 C CG  . LEU B 1 52 ? 3.994   21.870  -13.729 1.00 42.40  ? 913  LEU B CG  1 
ATOM   1026 C CD1 . LEU B 1 52 ? 4.877   20.992  -12.880 1.00 36.10  ? 913  LEU B CD1 1 
ATOM   1027 C CD2 . LEU B 1 52 ? 4.684   23.188  -14.005 1.00 42.35  ? 913  LEU B CD2 1 
ATOM   1028 N N   . LYS B 1 53 ? 4.198   21.092  -17.958 1.00 43.24  ? 914  LYS B N   1 
ATOM   1029 C CA  . LYS B 1 53 ? 5.152   21.101  -19.059 1.00 42.92  ? 914  LYS B CA  1 
ATOM   1030 C C   . LYS B 1 53 ? 4.810   22.165  -20.094 1.00 25.46  ? 914  LYS B C   1 
ATOM   1031 O O   . LYS B 1 53 ? 5.613   23.055  -20.371 1.00 44.97  ? 914  LYS B O   1 
ATOM   1032 C CB  . LYS B 1 53 ? 5.204   19.702  -19.682 1.00 52.02  ? 914  LYS B CB  1 
ATOM   1033 C CG  . LYS B 1 53 ? 5.801   19.644  -21.067 1.00 56.23  ? 914  LYS B CG  1 
ATOM   1034 C CD  . LYS B 1 53 ? 5.828   18.222  -21.591 1.00 53.29  ? 914  LYS B CD  1 
ATOM   1035 C CE  . LYS B 1 53 ? 6.401   18.170  -22.999 1.00 57.93  ? 914  LYS B CE  1 
ATOM   1036 N NZ  . LYS B 1 53 ? 7.795   18.683  -23.038 1.00 69.88  ? 914  LYS B NZ  1 
ATOM   1037 N N   . GLU B 1 54 ? 3.608   22.108  -20.664 1.00 32.90  ? 915  GLU B N   1 
ATOM   1038 C CA  . GLU B 1 54 ? 3.234   23.103  -21.661 1.00 45.92  ? 915  GLU B CA  1 
ATOM   1039 C C   . GLU B 1 54 ? 3.232   24.509  -21.074 1.00 43.97  ? 915  GLU B C   1 
ATOM   1040 O O   . GLU B 1 54 ? 3.348   25.488  -21.818 1.00 41.00  ? 915  GLU B O   1 
ATOM   1041 C CB  . GLU B 1 54 ? 1.864   22.748  -22.261 1.00 30.33  ? 915  GLU B CB  1 
ATOM   1042 C CG  . GLU B 1 54 ? 1.348   23.700  -23.371 1.00 74.91  ? 915  GLU B CG  1 
ATOM   1043 C CD  . GLU B 1 54 ? 2.248   23.779  -24.611 1.00 66.10  ? 915  GLU B CD  1 
ATOM   1044 O OE1 . GLU B 1 54 ? 2.460   22.745  -25.282 1.00 65.03  ? 915  GLU B OE1 1 
ATOM   1045 O OE2 . GLU B 1 54 ? 2.734   24.887  -24.925 1.00 49.78  ? 915  GLU B OE2 1 
ATOM   1046 N N   . LYS B 1 55 ? 3.153   24.623  -19.751 1.00 37.53  ? 916  LYS B N   1 
ATOM   1047 C CA  . LYS B 1 55 ? 3.083   25.922  -19.099 1.00 36.09  ? 916  LYS B CA  1 
ATOM   1048 C C   . LYS B 1 55 ? 4.469   26.536  -18.931 1.00 41.95  ? 916  LYS B C   1 
ATOM   1049 O O   . LYS B 1 55 ? 4.667   27.720  -19.221 1.00 43.63  ? 916  LYS B O   1 
ATOM   1050 C CB  . LYS B 1 55 ? 2.385   25.778  -17.748 1.00 28.60  ? 916  LYS B CB  1 
ATOM   1051 C CG  . LYS B 1 55 ? 2.386   27.027  -16.922 1.00 37.03  ? 916  LYS B CG  1 
ATOM   1052 C CD  . LYS B 1 55 ? 2.209   26.714  -15.449 1.00 58.04  ? 916  LYS B CD  1 
ATOM   1053 C CE  . LYS B 1 55 ? 2.421   27.952  -14.578 1.00 84.15  ? 916  LYS B CE  1 
ATOM   1054 N NZ  . LYS B 1 55 ? 1.445   29.044  -14.863 1.00 80.57  ? 916  LYS B NZ  1 
ATOM   1055 N N   . GLU B 1 56 ? 5.438   25.751  -18.455 1.00 43.26  ? 917  GLU B N   1 
ATOM   1056 C CA  . GLU B 1 56 ? 6.787   26.274  -18.278 1.00 33.54  ? 917  GLU B CA  1 
ATOM   1057 C C   . GLU B 1 56 ? 7.472   26.467  -19.621 1.00 34.58  ? 917  GLU B C   1 
ATOM   1058 O O   . GLU B 1 56 ? 8.160   27.465  -19.834 1.00 37.81  ? 917  GLU B O   1 
ATOM   1059 C CB  . GLU B 1 56 ? 7.599   25.334  -17.395 1.00 40.93  ? 917  GLU B CB  1 
ATOM   1060 C CG  . GLU B 1 56 ? 6.919   24.962  -16.082 1.00 53.99  ? 917  GLU B CG  1 
ATOM   1061 C CD  . GLU B 1 56 ? 7.293   25.854  -14.893 1.00 44.63  ? 917  GLU B CD  1 
ATOM   1062 O OE1 . GLU B 1 56 ? 8.072   25.396  -14.031 1.00 44.87  ? 917  GLU B OE1 1 
ATOM   1063 O OE2 . GLU B 1 56 ? 6.791   26.991  -14.792 1.00 47.96  ? 917  GLU B OE2 1 
ATOM   1064 N N   . GLU B 1 57 ? 7.270   25.526  -20.544 1.00 47.50  ? 918  GLU B N   1 
ATOM   1065 C CA  . GLU B 1 57 ? 7.754   25.678  -21.910 1.00 31.74  ? 918  GLU B CA  1 
ATOM   1066 C C   . GLU B 1 57 ? 7.269   26.978  -22.523 1.00 37.59  ? 918  GLU B C   1 
ATOM   1067 O O   . GLU B 1 57 ? 8.063   27.798  -22.992 1.00 49.07  ? 918  GLU B O   1 
ATOM   1068 C CB  . GLU B 1 57 ? 7.287   24.503  -22.760 1.00 39.17  ? 918  GLU B CB  1 
ATOM   1069 C CG  . GLU B 1 57 ? 7.442   24.747  -24.241 1.00 59.00  ? 918  GLU B CG  1 
ATOM   1070 C CD  . GLU B 1 57 ? 7.278   23.481  -25.045 1.00 69.00  ? 918  GLU B CD  1 
ATOM   1071 O OE1 . GLU B 1 57 ? 6.733   22.494  -24.498 1.00 60.48  ? 918  GLU B OE1 1 
ATOM   1072 O OE2 . GLU B 1 57 ? 7.705   23.476  -26.218 1.00 68.86  ? 918  GLU B OE2 1 
ATOM   1073 N N   . ALA B 1 58 ? 5.953   27.169  -22.552 1.00 32.63  ? 919  ALA B N   1 
ATOM   1074 C CA  . ALA B 1 58 ? 5.430   28.421  -23.057 1.00 32.53  ? 919  ALA B CA  1 
ATOM   1075 C C   . ALA B 1 58 ? 5.995   29.606  -22.274 1.00 36.26  ? 919  ALA B C   1 
ATOM   1076 O O   . ALA B 1 58 ? 6.355   30.624  -22.866 1.00 41.49  ? 919  ALA B O   1 
ATOM   1077 C CB  . ALA B 1 58 ? 3.908   28.397  -23.029 1.00 22.79  ? 919  ALA B CB  1 
ATOM   1078 N N   . ARG B 1 59 ? 6.116   29.487  -20.950 1.00 38.41  ? 920  ARG B N   1 
ATOM   1079 C CA  . ARG B 1 59 ? 6.677   30.591  -20.175 1.00 29.36  ? 920  ARG B CA  1 
ATOM   1080 C C   . ARG B 1 59 ? 8.115   30.859  -20.573 1.00 34.89  ? 920  ARG B C   1 
ATOM   1081 O O   . ARG B 1 59 ? 8.525   32.008  -20.755 1.00 44.76  ? 920  ARG B O   1 
ATOM   1082 C CB  . ARG B 1 59 ? 6.626   30.303  -18.680 1.00 27.58  ? 920  ARG B CB  1 
ATOM   1083 C CG  . ARG B 1 59 ? 7.354   31.365  -17.856 1.00 22.39  ? 920  ARG B CG  1 
ATOM   1084 C CD  . ARG B 1 59 ? 7.817   30.857  -16.485 1.00 24.86  ? 920  ARG B CD  1 
ATOM   1085 N NE  . ARG B 1 59 ? 8.822   29.805  -16.608 1.00 27.71  ? 920  ARG B NE  1 
ATOM   1086 C CZ  . ARG B 1 59 ? 9.417   29.212  -15.581 1.00 41.62  ? 920  ARG B CZ  1 
ATOM   1087 N NH1 . ARG B 1 59 ? 9.112   29.561  -14.337 1.00 53.98  ? 920  ARG B NH1 1 
ATOM   1088 N NH2 . ARG B 1 59 ? 10.319  28.268  -15.798 1.00 41.12  ? 920  ARG B NH2 1 
ATOM   1089 N N   . ARG B 1 60 ? 8.905   29.803  -20.686 1.00 39.77  ? 921  ARG B N   1 
ATOM   1090 C CA  . ARG B 1 60 ? 10.300  29.970  -21.043 1.00 27.82  ? 921  ARG B CA  1 
ATOM   1091 C C   . ARG B 1 60 ? 10.441  30.546  -22.439 1.00 42.53  ? 921  ARG B C   1 
ATOM   1092 O O   . ARG B 1 60 ? 11.226  31.475  -22.668 1.00 34.64  ? 921  ARG B O   1 
ATOM   1093 C CB  . ARG B 1 60 ? 11.007  28.633  -20.936 1.00 30.37  ? 921  ARG B CB  1 
ATOM   1094 C CG  . ARG B 1 60 ? 11.186  28.226  -19.510 1.00 27.06  ? 921  ARG B CG  1 
ATOM   1095 C CD  . ARG B 1 60 ? 11.620  26.789  -19.429 1.00 34.93  ? 921  ARG B CD  1 
ATOM   1096 N NE  . ARG B 1 60 ? 11.716  26.347  -18.046 1.00 35.57  ? 921  ARG B NE  1 
ATOM   1097 C CZ  . ARG B 1 60 ? 11.589  25.090  -17.666 1.00 33.30  ? 921  ARG B CZ  1 
ATOM   1098 N NH1 . ARG B 1 60 ? 11.354  24.155  -18.573 1.00 24.70  ? 921  ARG B NH1 1 
ATOM   1099 N NH2 . ARG B 1 60 ? 11.690  24.783  -16.384 1.00 32.73  ? 921  ARG B NH2 1 
ATOM   1100 N N   . LYS B 1 61 ? 9.690   30.001  -23.392 1.00 37.87  ? 922  LYS B N   1 
ATOM   1101 C CA  . LYS B 1 61 ? 9.818   30.473  -24.758 1.00 41.77  ? 922  LYS B CA  1 
ATOM   1102 C C   . LYS B 1 61 ? 9.370   31.918  -24.888 1.00 44.19  ? 922  LYS B C   1 
ATOM   1103 O O   . LYS B 1 61 ? 9.760   32.599  -25.845 1.00 45.55  ? 922  LYS B O   1 
ATOM   1104 C CB  . LYS B 1 61 ? 9.044   29.547  -25.693 1.00 32.16  ? 922  LYS B CB  1 
ATOM   1105 C CG  . LYS B 1 61 ? 9.776   28.249  -25.941 1.00 41.12  ? 922  LYS B CG  1 
ATOM   1106 C CD  . LYS B 1 61 ? 8.956   27.239  -26.734 1.00 52.15  ? 922  LYS B CD  1 
ATOM   1107 C CE  . LYS B 1 61 ? 9.683   25.897  -26.769 1.00 75.19  ? 922  LYS B CE  1 
ATOM   1108 N NZ  . LYS B 1 61 ? 9.270   25.026  -27.897 1.00 50.74  ? 922  LYS B NZ  1 
ATOM   1109 N N   . LYS B 1 62 ? 8.607   32.411  -23.922 1.00 31.10  ? 923  LYS B N   1 
ATOM   1110 C CA  . LYS B 1 62 ? 8.260   33.820  -23.882 1.00 35.15  ? 923  LYS B CA  1 
ATOM   1111 C C   . LYS B 1 62 ? 9.295   34.658  -23.136 1.00 33.07  ? 923  LYS B C   1 
ATOM   1112 O O   . LYS B 1 62 ? 9.538   35.805  -23.525 1.00 33.58  ? 923  LYS B O   1 
ATOM   1113 C CB  . LYS B 1 62 ? 6.874   33.978  -23.264 1.00 40.10  ? 923  LYS B CB  1 
ATOM   1114 C CG  . LYS B 1 62 ? 6.526   35.350  -22.753 1.00 42.52  ? 923  LYS B CG  1 
ATOM   1115 C CD  . LYS B 1 62 ? 5.081   35.347  -22.248 1.00 57.29  ? 923  LYS B CD  1 
ATOM   1116 C CE  . LYS B 1 62 ? 4.964   35.651  -20.756 1.00 73.42  ? 923  LYS B CE  1 
ATOM   1117 N NZ  . LYS B 1 62 ? 4.837   37.113  -20.462 1.00 90.46  ? 923  LYS B NZ  1 
ATOM   1118 N N   . GLU B 1 63 ? 9.924   34.108  -22.093 1.00 30.42  ? 924  GLU B N   1 
ATOM   1119 C CA  . GLU B 1 63 ? 11.030  34.810  -21.437 1.00 39.34  ? 924  GLU B CA  1 
ATOM   1120 C C   . GLU B 1 63 ? 12.192  35.052  -22.402 1.00 38.28  ? 924  GLU B C   1 
ATOM   1121 O O   . GLU B 1 63 ? 12.836  36.106  -22.369 1.00 29.69  ? 924  GLU B O   1 
ATOM   1122 C CB  . GLU B 1 63 ? 11.518  34.013  -20.223 1.00 40.46  ? 924  GLU B CB  1 
ATOM   1123 C CG  . GLU B 1 63 ? 10.525  33.876  -19.078 1.00 42.29  ? 924  GLU B CG  1 
ATOM   1124 C CD  . GLU B 1 63 ? 11.043  32.992  -17.946 1.00 42.16  ? 924  GLU B CD  1 
ATOM   1125 O OE1 . GLU B 1 63 ? 11.889  32.111  -18.210 1.00 31.77  ? 924  GLU B OE1 1 
ATOM   1126 O OE2 . GLU B 1 63 ? 10.594  33.171  -16.793 1.00 36.30  ? 924  GLU B OE2 1 
ATOM   1127 N N   . LEU B 1 64 ? 12.499  34.069  -23.244 1.00 36.90  ? 925  LEU B N   1 
ATOM   1128 C CA  . LEU B 1 64 ? 13.499  34.270  -24.279 1.00 22.91  ? 925  LEU B CA  1 
ATOM   1129 C C   . LEU B 1 64 ? 13.119  35.440  -25.162 1.00 33.78  ? 925  LEU B C   1 
ATOM   1130 O O   . LEU B 1 64 ? 13.877  36.410  -25.305 1.00 40.39  ? 925  LEU B O   1 
ATOM   1131 C CB  . LEU B 1 64 ? 13.654  33.007  -25.126 1.00 30.08  ? 925  LEU B CB  1 
ATOM   1132 C CG  . LEU B 1 64 ? 14.513  31.842  -24.647 1.00 34.92  ? 925  LEU B CG  1 
ATOM   1133 C CD1 . LEU B 1 64 ? 13.928  30.548  -25.201 1.00 52.16  ? 925  LEU B CD1 1 
ATOM   1134 C CD2 . LEU B 1 64 ? 15.975  31.995  -25.072 1.00 33.17  ? 925  LEU B CD2 1 
ATOM   1135 N N   . LEU B 1 65 ? 11.935  35.363  -25.762 1.00 25.26  ? 926  LEU B N   1 
ATOM   1136 C CA  . LEU B 1 65 ? 11.503  36.398  -26.691 1.00 43.64  ? 926  LEU B CA  1 
ATOM   1137 C C   . LEU B 1 65 ? 11.561  37.786  -26.068 1.00 38.21  ? 926  LEU B C   1 
ATOM   1138 O O   . LEU B 1 65 ? 11.993  38.741  -26.720 1.00 41.30  ? 926  LEU B O   1 
ATOM   1139 C CB  . LEU B 1 65 ? 10.097  36.084  -27.192 1.00 35.53  ? 926  LEU B CB  1 
ATOM   1140 C CG  . LEU B 1 65 ? 10.082  34.997  -28.268 1.00 39.54  ? 926  LEU B CG  1 
ATOM   1141 C CD1 . LEU B 1 65 ? 8.676   34.453  -28.508 1.00 38.28  ? 926  LEU B CD1 1 
ATOM   1142 C CD2 . LEU B 1 65 ? 10.686  35.535  -29.551 1.00 46.27  ? 926  LEU B CD2 1 
ATOM   1143 N N   . GLU B 1 66 ? 11.144  37.917  -24.806 1.00 36.77  ? 927  GLU B N   1 
ATOM   1144 C CA  . GLU B 1 66 ? 11.163  39.229  -24.163 1.00 44.11  ? 927  GLU B CA  1 
ATOM   1145 C C   . GLU B 1 66 ? 12.586  39.729  -23.940 1.00 46.47  ? 927  GLU B C   1 
ATOM   1146 O O   . GLU B 1 66 ? 12.831  40.938  -23.978 1.00 41.04  ? 927  GLU B O   1 
ATOM   1147 C CB  . GLU B 1 66 ? 10.403  39.189  -22.833 1.00 54.98  ? 927  GLU B CB  1 
ATOM   1148 C CG  . GLU B 1 66 ? 11.097  38.418  -21.688 1.00 71.57  ? 927  GLU B CG  1 
ATOM   1149 C CD  . GLU B 1 66 ? 11.842  39.306  -20.679 1.00 84.16  ? 927  GLU B CD  1 
ATOM   1150 O OE1 . GLU B 1 66 ? 12.963  38.922  -20.268 1.00 72.52  ? 927  GLU B OE1 1 
ATOM   1151 O OE2 . GLU B 1 66 ? 11.298  40.360  -20.286 1.00 75.45  ? 927  GLU B OE2 1 
ATOM   1152 N N   . GLN B 1 67 ? 13.533  38.828  -23.690 1.00 50.10  ? 928  GLN B N   1 
ATOM   1153 C CA  . GLN B 1 67 ? 14.917  39.260  -23.584 1.00 46.43  ? 928  GLN B CA  1 
ATOM   1154 C C   . GLN B 1 67 ? 15.479  39.563  -24.956 1.00 37.33  ? 928  GLN B C   1 
ATOM   1155 O O   . GLN B 1 67 ? 16.174  40.565  -25.141 1.00 43.96  ? 928  GLN B O   1 
ATOM   1156 C CB  . GLN B 1 67 ? 15.761  38.194  -22.885 1.00 58.14  ? 928  GLN B CB  1 
ATOM   1157 C CG  . GLN B 1 67 ? 17.104  38.695  -22.347 1.00 45.48  ? 928  GLN B CG  1 
ATOM   1158 C CD  . GLN B 1 67 ? 16.958  39.478  -21.054 1.00 35.00  ? 928  GLN B CD  1 
ATOM   1159 O OE1 . GLN B 1 67 ? 15.855  39.835  -20.646 1.00 37.94  ? 928  GLN B OE1 1 
ATOM   1160 N NE2 . GLN B 1 67 ? 18.073  39.736  -20.398 1.00 49.39  ? 928  GLN B NE2 1 
ATOM   1161 N N   . MET B 1 68 ? 15.154  38.726  -25.940 1.00 47.41  ? 929  MET B N   1 
ATOM   1162 C CA  . MET B 1 68 ? 15.599  38.957  -27.307 1.00 38.74  ? 929  MET B CA  1 
ATOM   1163 C C   . MET B 1 68 ? 15.015  40.222  -27.915 1.00 39.50  ? 929  MET B C   1 
ATOM   1164 O O   . MET B 1 68 ? 15.509  40.664  -28.954 1.00 48.99  ? 929  MET B O   1 
ATOM   1165 C CB  . MET B 1 68 ? 15.255  37.755  -28.186 1.00 36.04  ? 929  MET B CB  1 
ATOM   1166 C CG  . MET B 1 68 ? 16.230  36.592  -28.060 1.00 35.05  ? 929  MET B CG  1 
ATOM   1167 S SD  . MET B 1 68 ? 16.010  35.327  -29.324 1.00 50.56  ? 929  MET B SD  1 
ATOM   1168 C CE  . MET B 1 68 ? 17.076  34.023  -28.746 1.00 36.38  ? 929  MET B CE  1 
ATOM   1169 N N   . GLU B 1 69 ? 13.991  40.817  -27.308 1.00 50.29  ? 930  GLU B N   1 
ATOM   1170 C CA  . GLU B 1 69 ? 13.440  42.084  -27.770 1.00 38.61  ? 930  GLU B CA  1 
ATOM   1171 C C   . GLU B 1 69 ? 14.001  43.278  -27.005 1.00 43.15  ? 930  GLU B C   1 
ATOM   1172 O O   . GLU B 1 69 ? 13.525  44.401  -27.200 1.00 59.44  ? 930  GLU B O   1 
ATOM   1173 C CB  . GLU B 1 69 ? 11.906  42.077  -27.676 1.00 50.17  ? 930  GLU B CB  1 
ATOM   1174 C CG  . GLU B 1 69 ? 11.165  41.162  -28.671 1.00 51.30  ? 930  GLU B CG  1 
ATOM   1175 C CD  . GLU B 1 69 ? 11.046  41.746  -30.078 1.00 66.99  ? 930  GLU B CD  1 
ATOM   1176 O OE1 . GLU B 1 69 ? 11.703  42.773  -30.362 1.00 56.46  ? 930  GLU B OE1 1 
ATOM   1177 O OE2 . GLU B 1 69 ? 10.289  41.173  -30.902 1.00 55.94  ? 930  GLU B OE2 1 
ATOM   1178 N N   . LYS B 1 70 ? 14.993  43.067  -26.139 1.00 42.89  ? 931  LYS B N   1 
ATOM   1179 C CA  . LYS B 1 70 ? 15.764  44.170  -25.572 1.00 38.18  ? 931  LYS B CA  1 
ATOM   1180 C C   . LYS B 1 70 ? 16.848  44.689  -26.514 1.00 37.90  ? 931  LYS B C   1 
ATOM   1181 O O   . LYS B 1 70 ? 17.560  45.633  -26.151 1.00 54.72  ? 931  LYS B O   1 
ATOM   1182 C CB  . LYS B 1 70 ? 16.406  43.754  -24.248 1.00 46.56  ? 931  LYS B CB  1 
ATOM   1183 C CG  . LYS B 1 70 ? 15.448  43.663  -23.084 1.00 51.72  ? 931  LYS B CG  1 
ATOM   1184 C CD  . LYS B 1 70 ? 15.979  42.711  -22.022 1.00 42.83  ? 931  LYS B CD  1 
ATOM   1185 C CE  . LYS B 1 70 ? 17.334  43.126  -21.449 1.00 38.45  ? 931  LYS B CE  1 
ATOM   1186 N NZ  . LYS B 1 70 ? 17.210  43.746  -20.092 1.00 56.29  ? 931  LYS B NZ  1 
ATOM   1187 N N   . ALA B 1 71 ? 16.987  44.105  -27.700 1.00 43.19  ? 932  ALA B N   1 
ATOM   1188 C CA  . ALA B 1 71 ? 17.925  44.582  -28.712 1.00 50.85  ? 932  ALA B CA  1 
ATOM   1189 C C   . ALA B 1 71 ? 17.232  45.414  -29.800 1.00 67.81  ? 932  ALA B C   1 
ATOM   1190 O O   . ALA B 1 71 ? 16.815  44.889  -30.838 1.00 61.99  ? 932  ALA B O   1 
ATOM   1191 C CB  . ALA B 1 71 ? 18.651  43.412  -29.333 1.00 48.12  ? 932  ALA B CB  1 
HETATM 1192 O O   . HOH C 2 .  ? -21.424 -9.303  12.653  1.00 33.13  ? 1001 HOH A O   1 
HETATM 1193 O O   . HOH C 2 .  ? 30.163  13.938  -1.093  1.00 31.79  ? 1002 HOH A O   1 
HETATM 1194 O O   . HOH D 2 .  ? 8.173   20.925  -22.600 1.00 37.52  ? 1001 HOH B O   1 
HETATM 1195 O O   . HOH D 2 .  ? 11.585  31.184  -15.608 1.00 38.84  ? 1002 HOH B O   1 
HETATM 1196 O O   . HOH D 2 .  ? 8.474   34.794  -15.436 1.00 43.16  ? 1003 HOH B O   1 
HETATM 1197 O O   . HOH D 2 .  ? -8.714  3.206   -17.513 1.00 36.65  ? 1004 HOH B O   1 
HETATM 1198 O O   . HOH D 2 .  ? -27.826 -34.751 3.135   1.00 36.60  ? 1005 HOH B O   1 
# 
